data_9IUV
#
_entry.id   9IUV
#
_cell.length_a   86.410
_cell.length_b   99.290
_cell.length_c   89.970
_cell.angle_alpha   90.000
_cell.angle_beta   91.890
_cell.angle_gamma   90.000
#
_symmetry.space_group_name_H-M   'P 1 21 1'
#
loop_
_entity.id
_entity.type
_entity.pdbx_description
1 polymer 'NADPH dehydrogenase'
2 non-polymer 'ACETATE ION'
3 non-polymer 'FLAVIN MONONUCLEOTIDE'
4 water water
#
_entity_poly.entity_id   1
_entity_poly.type   'polypeptide(L)'
_entity_poly.pdbx_seq_one_letter_code
;METMLFSPYTIRGVTLKNRIVMSPMCMFSCDTEDGKVRNWHKIHYPTRAVGQVGLIILEATAVTAQGRISSRDLGIWSDE
HVGGLRELVSLVKEHGAKIGIQLGHAGRKSEVDGEIIAPSSIPQSEKTRTPKEMTKADIEETIQAFQNGARRAKEAGFDI
IEIHAAHGYLINEFLSPLSNKRQDEYGGSPENRYRFLGEVIDAVKEVWDGPLFVRISASDYHPEGLTVKDYVPYAKRMKK
QGVDLIDVSSGQVFPANISVYPGYQVPFAETIRREAEIATGAVGLITSGWQAEEILRNGRADLVFLARELLRNPYWPYAA
AKELGTTIPAPVQYERGWRF
;
_entity_poly.pdbx_strand_id   A,B,C,D
#
# COMPACT_ATOMS: atom_id res chain seq x y z
N MET A 1 18.62 12.53 1.08
CA MET A 1 17.86 11.39 1.59
C MET A 1 18.86 10.28 1.87
N GLU A 2 19.37 10.21 3.09
CA GLU A 2 20.37 9.22 3.49
C GLU A 2 19.66 7.92 3.86
N THR A 3 19.82 6.87 3.07
CA THR A 3 19.52 5.52 3.55
C THR A 3 20.82 4.72 3.48
N MET A 4 20.88 3.67 4.29
CA MET A 4 21.99 2.73 4.13
C MET A 4 21.66 1.65 3.07
N LEU A 5 20.36 1.34 2.85
CA LEU A 5 19.95 0.34 1.84
C LEU A 5 20.47 0.69 0.45
N PHE A 6 20.51 1.99 0.12
CA PHE A 6 20.92 2.45 -1.21
C PHE A 6 22.34 3.05 -1.22
N SER A 7 23.19 2.71 -0.18
CA SER A 7 24.61 3.13 -0.13
C SER A 7 25.51 2.04 -0.71
N PRO A 8 26.58 2.40 -1.40
CA PRO A 8 27.47 1.37 -1.98
C PRO A 8 28.22 0.55 -0.91
N TYR A 9 28.73 -0.63 -1.35
CA TYR A 9 29.50 -1.54 -0.49
C TYR A 9 30.68 -2.11 -1.28
N THR A 10 31.90 -2.04 -0.72
CA THR A 10 33.11 -2.47 -1.43
C THR A 10 33.75 -3.68 -0.75
N ILE A 11 34.08 -4.69 -1.56
CA ILE A 11 34.76 -5.92 -1.12
C ILE A 11 36.00 -6.06 -1.98
N ARG A 12 37.18 -5.78 -1.43
CA ARG A 12 38.45 -5.86 -2.16
C ARG A 12 38.36 -5.39 -3.63
N GLY A 13 38.08 -4.10 -3.80
CA GLY A 13 38.05 -3.61 -5.17
C GLY A 13 36.90 -4.05 -6.11
N VAL A 14 35.89 -4.79 -5.65
CA VAL A 14 34.59 -4.81 -6.34
C VAL A 14 33.59 -3.98 -5.53
N THR A 15 32.93 -3.01 -6.19
CA THR A 15 31.95 -2.16 -5.48
C THR A 15 30.55 -2.45 -6.02
N LEU A 16 29.62 -2.78 -5.11
CA LEU A 16 28.20 -2.93 -5.39
C LEU A 16 27.52 -1.57 -5.24
N LYS A 17 26.59 -1.24 -6.15
CA LYS A 17 25.97 0.10 -6.12
C LYS A 17 24.96 0.30 -4.97
N ASN A 18 24.48 -0.79 -4.33
CA ASN A 18 23.57 -0.70 -3.17
C ASN A 18 23.69 -2.02 -2.40
N ARG A 19 22.90 -2.18 -1.33
CA ARG A 19 23.06 -3.38 -0.48
C ARG A 19 22.09 -4.53 -0.85
N ILE A 20 21.41 -4.47 -2.02
CA ILE A 20 20.35 -5.45 -2.36
C ILE A 20 20.94 -6.58 -3.23
N VAL A 21 20.66 -7.85 -2.85
CA VAL A 21 21.20 -9.02 -3.55
C VAL A 21 20.07 -9.94 -4.00
N MET A 22 20.14 -10.43 -5.25
CA MET A 22 19.22 -11.49 -5.67
C MET A 22 19.81 -12.86 -5.29
N SER A 23 19.16 -13.49 -4.31
CA SER A 23 19.55 -14.76 -3.75
C SER A 23 19.49 -15.87 -4.80
N PRO A 24 20.42 -16.85 -4.77
CA PRO A 24 20.39 -17.97 -5.74
C PRO A 24 19.06 -18.74 -5.69
N MET A 25 18.46 -19.02 -6.89
CA MET A 25 17.16 -19.69 -7.03
C MET A 25 17.18 -20.62 -8.25
N CYS A 26 17.24 -21.95 -8.03
CA CYS A 26 17.13 -22.90 -9.15
C CYS A 26 15.88 -22.67 -9.99
N MET A 27 16.07 -22.80 -11.31
CA MET A 27 15.00 -22.52 -12.26
C MET A 27 14.54 -23.77 -13.01
N PHE A 28 15.32 -24.87 -12.98
CA PHE A 28 14.97 -26.15 -13.64
C PHE A 28 14.55 -25.95 -15.11
N SER A 29 15.34 -25.14 -15.85
CA SER A 29 14.97 -24.69 -17.20
C SER A 29 16.04 -24.98 -18.26
N CYS A 30 17.04 -25.82 -17.97
CA CYS A 30 17.93 -26.30 -19.02
C CYS A 30 17.24 -27.48 -19.72
N ASP A 31 16.41 -27.17 -20.74
CA ASP A 31 15.62 -28.21 -21.41
C ASP A 31 16.45 -29.20 -22.24
N THR A 32 17.67 -28.85 -22.66
CA THR A 32 18.57 -29.76 -23.38
C THR A 32 19.37 -30.70 -22.45
N GLU A 33 19.19 -30.56 -21.13
CA GLU A 33 19.81 -31.44 -20.10
C GLU A 33 21.33 -31.68 -20.25
N ASP A 34 22.04 -30.63 -20.69
CA ASP A 34 23.50 -30.63 -20.82
C ASP A 34 24.20 -29.52 -20.03
N GLY A 35 23.50 -28.86 -19.09
CA GLY A 35 24.12 -27.80 -18.30
C GLY A 35 24.15 -26.41 -18.92
N LYS A 36 23.76 -26.25 -20.18
CA LYS A 36 24.02 -24.97 -20.88
C LYS A 36 22.93 -23.91 -20.68
N VAL A 37 23.37 -22.65 -20.72
CA VAL A 37 22.47 -21.48 -20.62
C VAL A 37 21.48 -21.48 -21.80
N ARG A 38 20.21 -21.18 -21.52
CA ARG A 38 19.11 -21.15 -22.52
C ARG A 38 18.46 -19.74 -22.56
N ASN A 39 17.51 -19.53 -23.48
CA ASN A 39 16.83 -18.22 -23.56
C ASN A 39 16.17 -17.84 -22.22
N TRP A 40 15.57 -18.80 -21.52
CA TRP A 40 14.92 -18.50 -20.23
C TRP A 40 15.85 -17.72 -19.32
N HIS A 41 17.10 -18.18 -19.16
CA HIS A 41 18.05 -17.55 -18.23
C HIS A 41 18.47 -16.16 -18.73
N LYS A 42 18.63 -15.99 -20.06
CA LYS A 42 19.06 -14.71 -20.64
C LYS A 42 18.02 -13.59 -20.56
N ILE A 43 16.75 -13.92 -20.28
CA ILE A 43 15.71 -12.91 -19.90
C ILE A 43 15.55 -12.80 -18.37
N HIS A 44 15.45 -13.94 -17.67
CA HIS A 44 15.20 -13.98 -16.21
C HIS A 44 16.23 -13.15 -15.40
N TYR A 45 17.55 -13.33 -15.67
CA TYR A 45 18.54 -12.66 -14.81
C TYR A 45 18.72 -11.18 -15.18
N PRO A 46 18.82 -10.80 -16.46
CA PRO A 46 18.91 -9.35 -16.77
C PRO A 46 17.67 -8.54 -16.36
N THR A 47 16.47 -9.15 -16.24
CA THR A 47 15.29 -8.38 -15.78
C THR A 47 15.59 -7.68 -14.45
N ARG A 48 16.19 -8.43 -13.49
CA ARG A 48 16.44 -7.86 -12.15
C ARG A 48 17.62 -6.87 -12.15
N ALA A 49 18.52 -6.94 -13.13
CA ALA A 49 19.54 -5.90 -13.26
C ALA A 49 18.94 -4.59 -13.78
N VAL A 50 18.02 -4.65 -14.77
CA VAL A 50 17.26 -3.44 -15.16
C VAL A 50 16.50 -2.87 -13.97
N GLY A 51 15.97 -3.73 -13.10
CA GLY A 51 15.25 -3.28 -11.88
C GLY A 51 16.10 -2.63 -10.78
N GLN A 52 17.42 -2.52 -10.99
CA GLN A 52 18.42 -1.84 -10.15
C GLN A 52 18.88 -2.65 -8.94
N VAL A 53 18.69 -3.99 -8.95
CA VAL A 53 19.39 -4.83 -7.95
C VAL A 53 20.91 -4.70 -8.10
N GLY A 54 21.63 -4.57 -6.97
CA GLY A 54 23.09 -4.33 -7.01
C GLY A 54 23.94 -5.56 -7.32
N LEU A 55 23.52 -6.75 -6.87
CA LEU A 55 24.30 -7.99 -7.05
C LEU A 55 23.35 -9.15 -7.38
N ILE A 56 23.57 -9.81 -8.52
CA ILE A 56 22.73 -10.94 -8.97
C ILE A 56 23.58 -12.22 -8.83
N ILE A 57 23.13 -13.20 -7.98
CA ILE A 57 23.84 -14.47 -7.80
C ILE A 57 23.06 -15.58 -8.54
N LEU A 58 23.72 -16.24 -9.51
CA LEU A 58 23.09 -17.37 -10.20
C LEU A 58 22.75 -18.53 -9.24
N GLU A 59 21.67 -19.26 -9.59
CA GLU A 59 21.28 -20.55 -9.03
C GLU A 59 22.43 -21.55 -8.89
N ALA A 60 22.27 -22.51 -7.96
CA ALA A 60 23.22 -23.62 -7.78
C ALA A 60 23.63 -24.23 -9.14
N THR A 61 24.93 -24.11 -9.47
CA THR A 61 25.53 -24.55 -10.74
C THR A 61 26.47 -25.74 -10.49
N ALA A 62 26.18 -26.91 -11.12
CA ALA A 62 26.84 -28.16 -10.72
C ALA A 62 28.29 -28.30 -11.20
N VAL A 63 29.20 -28.66 -10.28
CA VAL A 63 30.60 -28.82 -10.65
C VAL A 63 30.96 -30.18 -11.28
N THR A 64 30.05 -31.17 -11.22
CA THR A 64 30.11 -32.43 -11.99
C THR A 64 28.67 -32.77 -12.38
N ALA A 65 28.49 -33.60 -13.43
CA ALA A 65 27.12 -33.96 -13.83
C ALA A 65 26.41 -34.76 -12.72
N GLN A 66 27.16 -35.66 -12.04
CA GLN A 66 26.63 -36.42 -10.92
C GLN A 66 26.26 -35.55 -9.72
N GLY A 67 26.83 -34.34 -9.61
CA GLY A 67 26.45 -33.42 -8.56
C GLY A 67 25.25 -32.49 -8.87
N ARG A 68 24.52 -32.71 -9.97
CA ARG A 68 23.27 -31.95 -10.19
C ARG A 68 22.18 -32.38 -9.21
N ILE A 69 21.28 -31.43 -8.90
CA ILE A 69 20.00 -31.74 -8.25
C ILE A 69 19.05 -32.44 -9.23
N SER A 70 18.81 -31.83 -10.41
CA SER A 70 17.93 -32.41 -11.43
C SER A 70 18.62 -32.36 -12.79
N SER A 71 18.05 -33.08 -13.77
CA SER A 71 18.64 -33.08 -15.11
C SER A 71 18.43 -31.75 -15.86
N ARG A 72 17.66 -30.81 -15.31
CA ARG A 72 17.44 -29.50 -15.91
C ARG A 72 18.22 -28.36 -15.22
N ASP A 73 19.28 -28.70 -14.45
CA ASP A 73 20.14 -27.72 -13.80
C ASP A 73 21.15 -27.10 -14.77
N LEU A 74 21.63 -25.88 -14.41
CA LEU A 74 22.85 -25.32 -15.01
C LEU A 74 24.11 -26.07 -14.52
N GLY A 75 25.16 -26.05 -15.36
CA GLY A 75 26.42 -26.73 -15.05
C GLY A 75 27.66 -25.92 -15.41
N ILE A 76 28.80 -26.35 -14.86
CA ILE A 76 30.12 -25.75 -15.15
C ILE A 76 31.21 -26.84 -15.13
N TRP A 77 30.81 -28.08 -15.48
CA TRP A 77 31.73 -29.22 -15.44
C TRP A 77 32.56 -29.37 -16.73
N SER A 78 32.40 -28.50 -17.73
CA SER A 78 33.07 -28.62 -19.02
C SER A 78 33.54 -27.25 -19.48
N ASP A 79 34.68 -27.22 -20.18
CA ASP A 79 35.09 -25.98 -20.86
C ASP A 79 34.05 -25.52 -21.90
N GLU A 80 33.15 -26.39 -22.37
CA GLU A 80 32.11 -25.97 -23.31
C GLU A 80 31.07 -25.04 -22.67
N HIS A 81 30.95 -25.02 -21.32
CA HIS A 81 29.99 -24.16 -20.63
C HIS A 81 30.44 -22.71 -20.59
N VAL A 82 31.73 -22.42 -20.86
CA VAL A 82 32.25 -21.06 -20.64
C VAL A 82 31.59 -20.04 -21.59
N GLY A 83 31.35 -20.42 -22.86
CA GLY A 83 30.80 -19.45 -23.83
C GLY A 83 29.41 -18.96 -23.49
N GLY A 84 28.53 -19.86 -23.05
CA GLY A 84 27.18 -19.45 -22.70
C GLY A 84 27.12 -18.64 -21.42
N LEU A 85 27.95 -19.01 -20.41
CA LEU A 85 28.00 -18.22 -19.16
C LEU A 85 28.57 -16.81 -19.39
N ARG A 86 29.56 -16.69 -20.28
CA ARG A 86 30.17 -15.41 -20.62
C ARG A 86 29.15 -14.46 -21.25
N GLU A 87 28.26 -14.99 -22.09
CA GLU A 87 27.22 -14.17 -22.70
C GLU A 87 26.23 -13.66 -21.66
N LEU A 88 25.85 -14.54 -20.71
CA LEU A 88 24.98 -14.17 -19.60
C LEU A 88 25.61 -13.08 -18.73
N VAL A 89 26.91 -13.22 -18.40
CA VAL A 89 27.68 -12.18 -17.66
C VAL A 89 27.55 -10.82 -18.35
N SER A 90 27.76 -10.80 -19.67
CA SER A 90 27.71 -9.53 -20.41
C SER A 90 26.30 -8.90 -20.39
N LEU A 91 25.25 -9.71 -20.53
CA LEU A 91 23.87 -9.17 -20.52
C LEU A 91 23.47 -8.58 -19.14
N VAL A 92 23.98 -9.13 -18.04
CA VAL A 92 23.65 -8.58 -16.70
C VAL A 92 24.46 -7.30 -16.40
N LYS A 93 25.77 -7.32 -16.67
CA LYS A 93 26.65 -6.23 -16.25
C LYS A 93 26.45 -4.95 -17.07
N GLU A 94 25.87 -5.01 -18.25
CA GLU A 94 25.65 -3.75 -18.96
C GLU A 94 24.73 -2.78 -18.21
N HIS A 95 23.95 -3.24 -17.25
CA HIS A 95 23.08 -2.39 -16.44
C HIS A 95 23.70 -1.88 -15.13
N GLY A 96 24.99 -2.16 -14.89
CA GLY A 96 25.65 -1.68 -13.70
C GLY A 96 25.54 -2.59 -12.50
N ALA A 97 24.78 -3.70 -12.62
CA ALA A 97 24.83 -4.77 -11.63
C ALA A 97 26.18 -5.51 -11.69
N LYS A 98 26.62 -6.05 -10.54
CA LYS A 98 27.71 -7.02 -10.50
C LYS A 98 27.07 -8.42 -10.49
N ILE A 99 27.82 -9.48 -10.85
CA ILE A 99 27.24 -10.83 -10.97
C ILE A 99 28.12 -11.88 -10.26
N GLY A 100 27.45 -12.80 -9.53
CA GLY A 100 28.12 -13.90 -8.86
C GLY A 100 27.56 -15.26 -9.32
N ILE A 101 28.28 -16.35 -8.97
CA ILE A 101 27.85 -17.73 -9.28
C ILE A 101 27.97 -18.61 -8.02
N GLN A 102 26.91 -19.41 -7.73
CA GLN A 102 26.93 -20.37 -6.60
C GLN A 102 27.41 -21.74 -7.14
N LEU A 103 28.60 -22.17 -6.73
CA LEU A 103 29.15 -23.49 -7.09
C LEU A 103 28.55 -24.60 -6.20
N GLY A 104 27.93 -25.61 -6.83
CA GLY A 104 27.20 -26.65 -6.07
C GLY A 104 27.64 -28.11 -6.30
N HIS A 105 27.34 -28.98 -5.33
CA HIS A 105 27.33 -30.43 -5.53
C HIS A 105 26.25 -31.04 -4.63
N ALA A 106 25.26 -31.74 -5.22
CA ALA A 106 24.05 -32.14 -4.46
C ALA A 106 24.25 -33.36 -3.54
N GLY A 107 25.32 -34.13 -3.72
CA GLY A 107 25.57 -35.24 -2.77
C GLY A 107 24.43 -36.24 -2.76
N ARG A 108 24.02 -36.65 -1.53
CA ARG A 108 22.95 -37.65 -1.39
C ARG A 108 21.56 -37.10 -1.68
N LYS A 109 21.41 -35.76 -1.87
CA LYS A 109 20.13 -35.20 -2.34
C LYS A 109 20.04 -35.09 -3.87
N SER A 110 20.99 -35.66 -4.64
CA SER A 110 20.87 -35.67 -6.11
C SER A 110 19.69 -36.52 -6.55
N GLU A 111 18.95 -36.04 -7.56
CA GLU A 111 17.81 -36.80 -8.11
C GLU A 111 18.11 -37.36 -9.49
N VAL A 112 19.33 -37.21 -9.98
CA VAL A 112 19.72 -37.70 -11.29
C VAL A 112 19.89 -39.22 -11.26
N ASP A 113 19.67 -39.87 -12.41
CA ASP A 113 19.78 -41.33 -12.53
C ASP A 113 21.23 -41.79 -12.37
N GLY A 114 21.40 -42.96 -11.74
CA GLY A 114 22.72 -43.54 -11.57
C GLY A 114 23.19 -43.41 -10.14
N GLU A 115 24.48 -43.76 -9.94
CA GLU A 115 25.12 -43.70 -8.62
C GLU A 115 25.21 -42.26 -8.09
N ILE A 116 24.94 -42.08 -6.79
CA ILE A 116 25.14 -40.78 -6.12
C ILE A 116 26.09 -41.01 -4.93
N ILE A 117 26.82 -39.93 -4.50
CA ILE A 117 27.92 -40.04 -3.54
C ILE A 117 27.68 -39.15 -2.31
N ALA A 118 28.38 -39.48 -1.21
CA ALA A 118 28.23 -38.82 0.09
C ALA A 118 29.40 -39.21 1.00
N PRO A 119 29.59 -38.50 2.15
CA PRO A 119 30.64 -38.92 3.10
C PRO A 119 30.42 -40.32 3.72
N SER A 120 29.14 -40.71 3.97
CA SER A 120 28.77 -42.00 4.57
C SER A 120 27.53 -42.55 3.86
N SER A 121 27.41 -43.90 3.77
CA SER A 121 26.31 -44.57 3.05
C SER A 121 25.02 -44.64 3.88
N ILE A 122 24.42 -43.48 4.12
CA ILE A 122 23.13 -43.29 4.79
C ILE A 122 22.22 -42.44 3.91
N PRO A 123 21.00 -42.88 3.60
CA PRO A 123 20.09 -42.02 2.81
C PRO A 123 19.50 -40.89 3.64
N GLN A 124 19.05 -39.83 2.92
CA GLN A 124 18.52 -38.68 3.63
C GLN A 124 17.25 -39.03 4.40
N SER A 125 16.39 -39.85 3.80
CA SER A 125 15.18 -40.33 4.43
C SER A 125 14.83 -41.69 3.85
N GLU A 126 13.79 -42.32 4.43
CA GLU A 126 13.30 -43.59 3.92
C GLU A 126 12.84 -43.51 2.47
N LYS A 127 12.47 -42.33 1.99
CA LYS A 127 11.99 -42.23 0.62
C LYS A 127 13.10 -41.93 -0.39
N THR A 128 14.38 -41.94 0.01
CA THR A 128 15.45 -41.58 -0.91
C THR A 128 16.52 -42.67 -0.97
N ARG A 129 17.37 -42.57 -1.98
CA ARG A 129 18.34 -43.59 -2.31
C ARG A 129 19.55 -43.57 -1.38
N THR A 130 20.10 -44.77 -1.12
CA THR A 130 21.36 -44.91 -0.36
C THR A 130 22.58 -44.53 -1.21
N PRO A 131 23.42 -43.60 -0.76
CA PRO A 131 24.59 -43.18 -1.56
C PRO A 131 25.81 -44.08 -1.35
N LYS A 132 26.72 -44.00 -2.32
CA LYS A 132 28.06 -44.61 -2.18
C LYS A 132 28.93 -43.82 -1.21
N GLU A 133 29.65 -44.51 -0.30
CA GLU A 133 30.54 -43.82 0.64
C GLU A 133 31.81 -43.44 -0.13
N MET A 134 32.17 -42.14 -0.16
CA MET A 134 33.38 -41.74 -0.89
C MET A 134 34.69 -42.35 -0.38
N THR A 135 35.52 -42.76 -1.36
CA THR A 135 36.92 -43.09 -1.13
C THR A 135 37.80 -41.84 -1.11
N LYS A 136 39.07 -42.03 -0.76
CA LYS A 136 40.01 -40.91 -0.74
C LYS A 136 40.23 -40.38 -2.17
N ALA A 137 40.26 -41.27 -3.16
CA ALA A 137 40.28 -40.81 -4.55
C ALA A 137 39.04 -39.97 -4.90
N ASP A 138 37.82 -40.41 -4.51
CA ASP A 138 36.64 -39.58 -4.78
C ASP A 138 36.74 -38.18 -4.15
N ILE A 139 37.29 -38.09 -2.95
CA ILE A 139 37.47 -36.80 -2.29
C ILE A 139 38.42 -35.91 -3.10
N GLU A 140 39.62 -36.41 -3.47
CA GLU A 140 40.54 -35.61 -4.28
C GLU A 140 39.91 -35.18 -5.60
N GLU A 141 39.16 -36.09 -6.26
CA GLU A 141 38.54 -35.70 -7.54
C GLU A 141 37.48 -34.60 -7.39
N THR A 142 36.71 -34.63 -6.29
CA THR A 142 35.65 -33.66 -6.11
C THR A 142 36.21 -32.27 -5.74
N ILE A 143 37.29 -32.24 -4.94
CA ILE A 143 37.99 -30.98 -4.64
C ILE A 143 38.56 -30.37 -5.92
N GLN A 144 39.11 -31.21 -6.81
CA GLN A 144 39.61 -30.71 -8.11
C GLN A 144 38.48 -30.17 -9.00
N ALA A 145 37.29 -30.79 -8.98
CA ALA A 145 36.14 -30.25 -9.72
C ALA A 145 35.74 -28.85 -9.23
N PHE A 146 35.79 -28.59 -7.92
CA PHE A 146 35.50 -27.24 -7.45
C PHE A 146 36.56 -26.26 -7.95
N GLN A 147 37.85 -26.67 -7.98
CA GLN A 147 38.89 -25.80 -8.52
C GLN A 147 38.65 -25.50 -10.00
N ASN A 148 38.31 -26.54 -10.78
CA ASN A 148 38.08 -26.34 -12.23
C ASN A 148 36.87 -25.44 -12.46
N GLY A 149 35.82 -25.59 -11.62
CA GLY A 149 34.65 -24.70 -11.75
C GLY A 149 34.99 -23.24 -11.50
N ALA A 150 35.79 -22.98 -10.46
CA ALA A 150 36.20 -21.60 -10.17
C ALA A 150 37.05 -21.00 -11.29
N ARG A 151 37.98 -21.78 -11.89
CA ARG A 151 38.76 -21.27 -13.03
C ARG A 151 37.87 -20.86 -14.20
N ARG A 152 36.89 -21.71 -14.56
CA ARG A 152 35.96 -21.38 -15.64
C ARG A 152 35.11 -20.14 -15.33
N ALA A 153 34.73 -19.96 -14.05
CA ALA A 153 33.97 -18.76 -13.67
C ALA A 153 34.80 -17.49 -13.86
N LYS A 154 36.09 -17.53 -13.51
CA LYS A 154 37.00 -16.40 -13.72
C LYS A 154 37.09 -16.08 -15.21
N GLU A 155 37.29 -17.14 -16.02
CA GLU A 155 37.40 -17.00 -17.47
C GLU A 155 36.13 -16.40 -18.10
N ALA A 156 34.93 -16.74 -17.55
CA ALA A 156 33.64 -16.18 -18.06
C ALA A 156 33.38 -14.72 -17.68
N GLY A 157 34.11 -14.18 -16.70
CA GLY A 157 33.99 -12.79 -16.29
C GLY A 157 33.16 -12.50 -15.04
N PHE A 158 32.87 -13.51 -14.21
CA PHE A 158 32.12 -13.29 -12.97
C PHE A 158 32.91 -12.38 -12.02
N ASP A 159 32.17 -11.61 -11.21
CA ASP A 159 32.74 -10.71 -10.21
C ASP A 159 32.93 -11.38 -8.84
N ILE A 160 32.03 -12.31 -8.46
CA ILE A 160 31.99 -12.94 -7.14
C ILE A 160 31.77 -14.45 -7.30
N ILE A 161 32.40 -15.28 -6.44
CA ILE A 161 32.10 -16.73 -6.36
C ILE A 161 31.54 -17.07 -4.97
N GLU A 162 30.51 -17.93 -4.90
CA GLU A 162 29.98 -18.42 -3.61
C GLU A 162 30.06 -19.95 -3.58
N ILE A 163 30.54 -20.52 -2.45
CA ILE A 163 30.59 -21.98 -2.26
C ILE A 163 29.32 -22.41 -1.50
N HIS A 164 28.56 -23.39 -2.05
CA HIS A 164 27.30 -23.84 -1.41
C HIS A 164 27.59 -24.90 -0.34
N ALA A 165 27.66 -24.49 0.94
CA ALA A 165 27.93 -25.42 2.05
C ALA A 165 26.66 -25.68 2.90
N ALA A 166 25.47 -25.37 2.37
CA ALA A 166 24.24 -25.38 3.16
C ALA A 166 23.19 -26.40 2.66
N HIS A 167 22.02 -26.36 3.34
CA HIS A 167 20.76 -26.99 2.89
C HIS A 167 20.91 -28.51 2.64
N GLY A 168 21.77 -29.23 3.41
CA GLY A 168 21.85 -30.67 3.29
C GLY A 168 22.56 -31.26 2.08
N TYR A 169 23.18 -30.43 1.20
CA TYR A 169 23.93 -30.94 0.03
C TYR A 169 25.36 -31.44 0.44
N LEU A 170 26.27 -31.71 -0.52
CA LEU A 170 27.47 -32.51 -0.24
C LEU A 170 28.34 -31.94 0.90
N ILE A 171 28.75 -30.65 0.82
CA ILE A 171 29.63 -30.07 1.84
C ILE A 171 28.95 -30.04 3.21
N ASN A 172 27.65 -29.70 3.24
CA ASN A 172 26.86 -29.73 4.50
C ASN A 172 26.82 -31.16 5.08
N GLU A 173 26.79 -32.18 4.23
CA GLU A 173 26.79 -33.57 4.73
C GLU A 173 28.11 -33.94 5.42
N PHE A 174 29.24 -33.37 4.97
CA PHE A 174 30.51 -33.55 5.69
C PHE A 174 30.52 -32.77 7.03
N LEU A 175 29.87 -31.59 7.10
CA LEU A 175 29.95 -30.74 8.30
C LEU A 175 29.12 -31.31 9.48
N SER A 176 27.92 -31.88 9.19
CA SER A 176 26.97 -32.30 10.25
C SER A 176 27.27 -33.72 10.76
N PRO A 177 27.27 -33.97 12.08
CA PRO A 177 27.41 -35.36 12.56
C PRO A 177 26.17 -36.23 12.30
N LEU A 178 25.04 -35.63 11.88
CA LEU A 178 23.87 -36.42 11.51
C LEU A 178 24.13 -37.26 10.27
N SER A 179 25.02 -36.80 9.38
CA SER A 179 25.28 -37.43 8.10
C SER A 179 26.72 -37.92 7.92
N ASN A 180 27.70 -37.36 8.65
CA ASN A 180 29.10 -37.79 8.56
C ASN A 180 29.47 -38.72 9.73
N LYS A 181 29.62 -40.02 9.44
CA LYS A 181 30.03 -41.09 10.39
C LYS A 181 31.47 -41.58 10.14
N ARG A 182 32.29 -40.80 9.41
CA ARG A 182 33.58 -41.34 8.94
C ARG A 182 34.59 -41.59 10.06
N GLN A 183 35.46 -42.58 9.82
CA GLN A 183 36.53 -43.00 10.75
C GLN A 183 37.94 -42.57 10.32
N ASP A 184 38.13 -41.91 9.17
CA ASP A 184 39.43 -41.37 8.73
C ASP A 184 39.57 -39.89 9.12
N GLU A 185 40.53 -39.17 8.53
CA GLU A 185 40.78 -37.80 8.95
C GLU A 185 39.64 -36.83 8.57
N TYR A 186 38.61 -37.25 7.83
CA TYR A 186 37.48 -36.36 7.50
C TYR A 186 36.30 -36.54 8.46
N GLY A 187 36.43 -37.35 9.52
CA GLY A 187 35.35 -37.50 10.48
C GLY A 187 35.87 -37.69 11.91
N GLY A 188 34.94 -37.63 12.86
CA GLY A 188 35.19 -38.06 14.23
C GLY A 188 35.52 -37.00 15.26
N SER A 189 35.55 -35.71 14.87
CA SER A 189 35.76 -34.58 15.76
C SER A 189 35.28 -33.31 15.07
N PRO A 190 35.09 -32.19 15.80
CA PRO A 190 34.72 -30.93 15.09
C PRO A 190 35.75 -30.45 14.08
N GLU A 191 37.04 -30.58 14.41
CA GLU A 191 38.12 -30.22 13.48
C GLU A 191 38.13 -31.07 12.23
N ASN A 192 37.94 -32.40 12.37
CA ASN A 192 37.96 -33.27 11.19
C ASN A 192 36.70 -33.07 10.31
N ARG A 193 35.53 -32.78 10.91
CA ARG A 193 34.36 -32.55 10.04
C ARG A 193 34.44 -31.25 9.24
N TYR A 194 35.23 -30.25 9.67
CA TYR A 194 35.51 -29.04 8.89
C TYR A 194 36.40 -29.30 7.68
N ARG A 195 37.22 -30.38 7.70
CA ARG A 195 38.37 -30.50 6.78
C ARG A 195 37.98 -30.43 5.28
N PHE A 196 36.87 -31.09 4.85
CA PHE A 196 36.46 -31.04 3.42
C PHE A 196 36.18 -29.60 2.95
N LEU A 197 35.38 -28.84 3.72
CA LEU A 197 35.17 -27.41 3.41
C LEU A 197 36.48 -26.61 3.37
N GLY A 198 37.36 -26.79 4.37
CA GLY A 198 38.63 -26.07 4.36
C GLY A 198 39.48 -26.37 3.13
N GLU A 199 39.49 -27.64 2.67
CA GLU A 199 40.26 -27.99 1.46
C GLU A 199 39.61 -27.44 0.17
N VAL A 200 38.27 -27.39 0.10
CA VAL A 200 37.61 -26.77 -1.05
C VAL A 200 37.95 -25.28 -1.13
N ILE A 201 37.93 -24.57 0.02
CA ILE A 201 38.30 -23.14 0.06
C ILE A 201 39.73 -22.93 -0.44
N ASP A 202 40.69 -23.72 0.09
CA ASP A 202 42.10 -23.59 -0.32
C ASP A 202 42.28 -23.85 -1.82
N ALA A 203 41.59 -24.86 -2.38
CA ALA A 203 41.70 -25.14 -3.82
C ALA A 203 41.12 -24.00 -4.67
N VAL A 204 40.00 -23.38 -4.25
CA VAL A 204 39.47 -22.25 -5.03
C VAL A 204 40.45 -21.05 -4.95
N LYS A 205 41.03 -20.78 -3.76
CA LYS A 205 41.95 -19.62 -3.67
C LYS A 205 43.24 -19.77 -4.51
N GLU A 206 43.61 -20.99 -4.91
CA GLU A 206 44.76 -21.18 -5.80
C GLU A 206 44.53 -20.62 -7.21
N VAL A 207 43.27 -20.48 -7.65
CA VAL A 207 42.95 -19.98 -8.98
C VAL A 207 42.09 -18.71 -8.97
N TRP A 208 41.68 -18.21 -7.79
CA TRP A 208 40.73 -17.10 -7.70
C TRP A 208 41.08 -16.17 -6.55
N ASP A 209 41.42 -14.92 -6.87
CA ASP A 209 41.71 -13.96 -5.82
C ASP A 209 40.64 -12.88 -5.62
N GLY A 210 39.49 -12.95 -6.30
CA GLY A 210 38.43 -11.98 -6.06
C GLY A 210 37.54 -12.33 -4.86
N PRO A 211 36.43 -11.57 -4.67
CA PRO A 211 35.52 -11.84 -3.54
C PRO A 211 35.03 -13.29 -3.52
N LEU A 212 35.07 -13.89 -2.31
CA LEU A 212 34.62 -15.25 -2.02
C LEU A 212 33.59 -15.24 -0.87
N PHE A 213 32.39 -15.75 -1.13
CA PHE A 213 31.33 -15.99 -0.15
C PHE A 213 31.23 -17.50 0.16
N VAL A 214 30.74 -17.86 1.35
CA VAL A 214 30.31 -19.24 1.67
C VAL A 214 28.88 -19.14 2.27
N ARG A 215 27.92 -19.95 1.76
CA ARG A 215 26.56 -20.03 2.33
C ARG A 215 26.49 -21.21 3.32
N ILE A 216 25.98 -21.00 4.55
CA ILE A 216 25.90 -22.06 5.59
C ILE A 216 24.42 -22.28 6.03
N SER A 217 24.15 -23.50 6.59
CA SER A 217 22.91 -23.77 7.37
C SER A 217 23.29 -23.70 8.86
N ALA A 218 22.99 -22.57 9.50
CA ALA A 218 23.49 -22.28 10.84
C ALA A 218 22.86 -23.17 11.93
N SER A 219 21.74 -23.85 11.66
CA SER A 219 21.21 -24.86 12.57
C SER A 219 20.66 -26.04 11.78
N ASP A 220 20.80 -27.24 12.36
CA ASP A 220 20.20 -28.46 11.85
C ASP A 220 18.77 -28.68 12.36
N TYR A 221 18.34 -27.92 13.36
CA TYR A 221 17.04 -28.12 14.04
C TYR A 221 16.83 -29.57 14.52
N HIS A 222 17.81 -30.13 15.24
CA HIS A 222 17.79 -31.51 15.74
C HIS A 222 18.59 -31.57 17.05
N PRO A 223 18.12 -32.33 18.05
CA PRO A 223 18.86 -32.42 19.33
C PRO A 223 20.31 -32.95 19.22
N GLU A 224 20.61 -33.75 18.21
CA GLU A 224 21.95 -34.31 18.04
C GLU A 224 22.75 -33.65 16.92
N GLY A 225 22.24 -32.57 16.31
CA GLY A 225 22.94 -31.85 15.27
C GLY A 225 23.52 -30.49 15.69
N LEU A 226 24.06 -29.78 14.68
CA LEU A 226 24.70 -28.48 14.89
C LEU A 226 23.69 -27.36 15.22
N THR A 227 24.14 -26.36 16.02
CA THR A 227 23.47 -25.08 16.27
C THR A 227 24.44 -23.95 15.94
N VAL A 228 23.98 -22.69 16.06
CA VAL A 228 24.83 -21.58 15.64
C VAL A 228 26.11 -21.48 16.47
N LYS A 229 26.13 -21.99 17.73
CA LYS A 229 27.38 -21.91 18.50
C LYS A 229 28.49 -22.77 17.89
N ASP A 230 28.13 -23.85 17.17
CA ASP A 230 29.14 -24.68 16.50
C ASP A 230 29.74 -23.95 15.30
N TYR A 231 28.97 -23.06 14.65
CA TYR A 231 29.46 -22.31 13.48
C TYR A 231 30.32 -21.09 13.83
N VAL A 232 30.31 -20.61 15.09
CA VAL A 232 31.18 -19.47 15.44
C VAL A 232 32.68 -19.80 15.25
N PRO A 233 33.21 -20.92 15.80
CA PRO A 233 34.62 -21.26 15.50
C PRO A 233 34.89 -21.61 14.03
N TYR A 234 33.92 -22.19 13.29
CA TYR A 234 34.09 -22.42 11.86
C TYR A 234 34.18 -21.10 11.07
N ALA A 235 33.37 -20.08 11.43
CA ALA A 235 33.47 -18.76 10.78
C ALA A 235 34.82 -18.08 11.07
N LYS A 236 35.38 -18.27 12.29
CA LYS A 236 36.70 -17.69 12.56
C LYS A 236 37.77 -18.30 11.67
N ARG A 237 37.72 -19.63 11.45
CA ARG A 237 38.65 -20.29 10.52
C ARG A 237 38.48 -19.82 9.06
N MET A 238 37.22 -19.67 8.60
CA MET A 238 36.97 -19.19 7.24
C MET A 238 37.59 -17.81 7.04
N LYS A 239 37.50 -16.93 8.05
CA LYS A 239 38.10 -15.59 7.93
C LYS A 239 39.63 -15.71 7.73
N LYS A 240 40.30 -16.55 8.54
CA LYS A 240 41.74 -16.76 8.39
C LYS A 240 42.12 -17.32 7.02
N GLN A 241 41.24 -18.09 6.37
CA GLN A 241 41.53 -18.62 5.04
C GLN A 241 41.19 -17.65 3.89
N GLY A 242 40.65 -16.49 4.18
CA GLY A 242 40.42 -15.48 3.16
C GLY A 242 39.00 -15.43 2.60
N VAL A 243 38.01 -16.02 3.28
CA VAL A 243 36.59 -15.79 2.94
C VAL A 243 36.18 -14.38 3.33
N ASP A 244 35.47 -13.69 2.44
CA ASP A 244 35.09 -12.29 2.68
C ASP A 244 33.71 -12.12 3.36
N LEU A 245 32.75 -13.02 3.12
CA LEU A 245 31.39 -12.83 3.65
C LEU A 245 30.73 -14.22 3.86
N ILE A 246 30.02 -14.38 4.97
CA ILE A 246 29.21 -15.57 5.23
C ILE A 246 27.73 -15.24 4.97
N ASP A 247 27.09 -16.01 4.08
CA ASP A 247 25.67 -15.89 3.69
C ASP A 247 24.86 -16.88 4.57
N VAL A 248 24.08 -16.37 5.54
CA VAL A 248 23.65 -17.18 6.69
C VAL A 248 22.20 -17.65 6.50
N SER A 249 21.97 -18.92 6.14
CA SER A 249 20.67 -19.59 6.07
C SER A 249 20.55 -20.58 7.22
N SER A 250 19.60 -21.53 7.13
CA SER A 250 19.42 -22.56 8.16
C SER A 250 18.57 -23.72 7.59
N GLY A 251 18.63 -24.88 8.29
CA GLY A 251 17.79 -26.03 8.00
C GLY A 251 17.99 -26.75 6.66
N GLN A 252 16.93 -27.47 6.26
CA GLN A 252 16.94 -28.47 5.17
C GLN A 252 17.98 -29.58 5.35
N VAL A 253 18.53 -29.73 6.56
CA VAL A 253 19.41 -30.87 6.87
C VAL A 253 18.60 -32.11 7.29
N PHE A 254 17.58 -31.90 8.11
CA PHE A 254 16.72 -32.94 8.65
C PHE A 254 15.26 -32.51 8.52
N PRO A 255 14.34 -33.45 8.27
CA PRO A 255 12.90 -33.12 8.36
C PRO A 255 12.56 -32.60 9.75
N ALA A 256 12.07 -31.36 9.82
CA ALA A 256 11.76 -30.73 11.09
C ALA A 256 10.63 -29.74 10.87
N ASN A 257 9.79 -29.59 11.88
CA ASN A 257 8.70 -28.62 11.83
C ASN A 257 9.14 -27.39 12.62
N ILE A 258 9.42 -26.30 11.90
CA ILE A 258 9.93 -25.09 12.51
C ILE A 258 8.97 -23.93 12.27
N SER A 259 8.95 -23.00 13.22
CA SER A 259 8.14 -21.79 13.12
C SER A 259 8.86 -20.75 12.25
N VAL A 260 8.11 -20.17 11.31
CA VAL A 260 8.64 -19.19 10.36
C VAL A 260 7.87 -17.88 10.54
N TYR A 261 8.59 -16.75 10.39
CA TYR A 261 8.08 -15.41 10.67
C TYR A 261 9.08 -14.38 10.09
N PRO A 262 8.65 -13.07 9.92
CA PRO A 262 9.55 -12.02 9.38
C PRO A 262 10.93 -11.95 10.03
N GLY A 263 12.01 -12.13 9.25
CA GLY A 263 13.33 -12.01 9.84
C GLY A 263 13.72 -13.11 10.82
N TYR A 264 13.15 -14.32 10.69
CA TYR A 264 13.42 -15.41 11.64
C TYR A 264 14.86 -15.92 11.60
N GLN A 265 15.63 -15.68 10.52
CA GLN A 265 17.05 -16.08 10.45
C GLN A 265 18.02 -14.92 10.68
N VAL A 266 17.49 -13.70 10.90
CA VAL A 266 18.35 -12.54 11.17
C VAL A 266 19.19 -12.71 12.43
N PRO A 267 18.69 -13.28 13.54
CA PRO A 267 19.58 -13.45 14.72
C PRO A 267 20.79 -14.32 14.42
N PHE A 268 20.68 -15.31 13.52
CA PHE A 268 21.88 -16.12 13.20
C PHE A 268 22.93 -15.26 12.50
N ALA A 269 22.50 -14.42 11.53
CA ALA A 269 23.41 -13.54 10.80
C ALA A 269 24.13 -12.55 11.72
N GLU A 270 23.44 -12.04 12.75
CA GLU A 270 24.09 -11.09 13.67
C GLU A 270 25.02 -11.80 14.68
N THR A 271 24.67 -13.00 15.14
CA THR A 271 25.59 -13.76 16.00
C THR A 271 26.92 -14.04 15.29
N ILE A 272 26.87 -14.53 14.05
CA ILE A 272 28.12 -14.79 13.31
C ILE A 272 28.90 -13.48 13.07
N ARG A 273 28.20 -12.42 12.64
CA ARG A 273 28.87 -11.13 12.37
C ARG A 273 29.63 -10.60 13.58
N ARG A 274 28.97 -10.55 14.75
CA ARG A 274 29.56 -9.95 15.97
C ARG A 274 30.58 -10.89 16.65
N GLU A 275 30.30 -12.19 16.73
CA GLU A 275 31.24 -13.07 17.47
C GLU A 275 32.47 -13.45 16.66
N ALA A 276 32.37 -13.58 15.34
CA ALA A 276 33.54 -13.91 14.52
C ALA A 276 34.14 -12.70 13.79
N GLU A 277 33.55 -11.50 13.91
CA GLU A 277 34.03 -10.25 13.27
C GLU A 277 34.26 -10.38 11.76
N ILE A 278 33.23 -10.87 11.06
CA ILE A 278 33.27 -11.06 9.61
C ILE A 278 31.96 -10.53 9.03
N ALA A 279 32.00 -9.99 7.81
CA ALA A 279 30.77 -9.49 7.16
C ALA A 279 29.77 -10.62 6.92
N THR A 280 28.47 -10.29 6.93
CA THR A 280 27.44 -11.33 6.74
C THR A 280 26.31 -10.85 5.80
N GLY A 281 25.62 -11.83 5.22
CA GLY A 281 24.34 -11.60 4.49
C GLY A 281 23.16 -12.23 5.21
N ALA A 282 22.05 -11.49 5.31
CA ALA A 282 20.80 -11.98 5.92
C ALA A 282 19.78 -12.41 4.85
N VAL A 283 19.00 -13.47 5.13
CA VAL A 283 17.99 -13.98 4.20
C VAL A 283 16.83 -14.61 4.99
N GLY A 284 15.60 -14.50 4.45
CA GLY A 284 14.44 -15.22 4.98
C GLY A 284 13.25 -14.31 5.32
N LEU A 285 12.24 -14.31 4.44
CA LEU A 285 11.08 -13.38 4.55
C LEU A 285 11.46 -11.93 4.79
N ILE A 286 12.45 -11.44 4.02
CA ILE A 286 12.72 -10.01 3.90
C ILE A 286 11.94 -9.50 2.67
N THR A 287 10.92 -8.64 2.91
CA THR A 287 10.03 -8.24 1.83
C THR A 287 9.74 -6.74 1.75
N SER A 288 10.23 -5.91 2.70
CA SER A 288 9.95 -4.48 2.62
C SER A 288 11.18 -3.61 2.86
N GLY A 289 11.14 -2.40 2.26
CA GLY A 289 12.25 -1.47 2.41
C GLY A 289 12.45 -1.01 3.85
N TRP A 290 11.35 -0.72 4.54
CA TRP A 290 11.40 -0.36 5.97
C TRP A 290 12.12 -1.43 6.79
N GLN A 291 11.72 -2.70 6.62
CA GLN A 291 12.36 -3.83 7.31
C GLN A 291 13.86 -3.91 7.02
N ALA A 292 14.25 -3.86 5.73
CA ALA A 292 15.65 -4.00 5.36
C ALA A 292 16.51 -2.89 5.93
N GLU A 293 16.00 -1.65 5.95
CA GLU A 293 16.78 -0.54 6.49
C GLU A 293 17.11 -0.77 7.95
N GLU A 294 16.15 -1.34 8.72
CA GLU A 294 16.41 -1.63 10.15
C GLU A 294 17.53 -2.66 10.32
N ILE A 295 17.51 -3.72 9.49
CA ILE A 295 18.55 -4.77 9.59
C ILE A 295 19.96 -4.18 9.40
N LEU A 296 20.13 -3.34 8.40
CA LEU A 296 21.44 -2.76 8.07
C LEU A 296 21.89 -1.73 9.12
N ARG A 297 21.00 -0.78 9.47
CA ARG A 297 21.38 0.34 10.34
C ARG A 297 21.68 -0.12 11.77
N ASN A 298 21.04 -1.20 12.25
CA ASN A 298 21.36 -1.72 13.58
C ASN A 298 22.51 -2.74 13.57
N GLY A 299 23.25 -2.84 12.46
CA GLY A 299 24.38 -3.75 12.36
C GLY A 299 24.12 -5.25 12.45
N ARG A 300 22.93 -5.72 12.02
CA ARG A 300 22.62 -7.16 12.07
C ARG A 300 23.20 -7.93 10.85
N ALA A 301 23.47 -7.23 9.75
CA ALA A 301 24.07 -7.78 8.53
C ALA A 301 24.62 -6.63 7.69
N ASP A 302 25.44 -6.97 6.67
CA ASP A 302 26.00 -5.99 5.73
C ASP A 302 25.28 -5.95 4.37
N LEU A 303 24.63 -7.05 3.97
CA LEU A 303 23.86 -7.16 2.71
C LEU A 303 22.54 -7.87 3.00
N VAL A 304 21.46 -7.47 2.30
CA VAL A 304 20.16 -8.16 2.41
C VAL A 304 19.88 -8.95 1.13
N PHE A 305 19.60 -10.24 1.31
CA PHE A 305 19.33 -11.18 0.22
C PHE A 305 17.81 -11.40 0.08
N LEU A 306 17.29 -11.31 -1.15
CA LEU A 306 15.87 -11.54 -1.44
C LEU A 306 15.69 -12.63 -2.50
N ALA A 307 14.76 -13.57 -2.24
CA ALA A 307 14.44 -14.60 -3.23
C ALA A 307 13.00 -14.47 -3.71
N ARG A 308 12.02 -14.96 -2.92
CA ARG A 308 10.62 -14.96 -3.41
C ARG A 308 10.05 -13.58 -3.72
N GLU A 309 10.39 -12.53 -2.93
CA GLU A 309 9.89 -11.18 -3.27
C GLU A 309 10.32 -10.74 -4.69
N LEU A 310 11.53 -11.11 -5.13
CA LEU A 310 11.96 -10.70 -6.49
C LEU A 310 11.38 -11.61 -7.59
N LEU A 311 10.73 -12.73 -7.24
CA LEU A 311 9.91 -13.45 -8.24
C LEU A 311 8.54 -12.76 -8.43
N ARG A 312 7.99 -12.09 -7.38
CA ARG A 312 6.69 -11.37 -7.48
C ARG A 312 6.85 -9.97 -8.11
N ASN A 313 7.91 -9.25 -7.75
CA ASN A 313 8.19 -7.92 -8.31
C ASN A 313 9.70 -7.76 -8.57
N PRO A 314 10.13 -7.95 -9.82
CA PRO A 314 11.56 -7.85 -10.14
C PRO A 314 12.11 -6.42 -10.10
N TYR A 315 11.26 -5.38 -10.05
CA TYR A 315 11.72 -3.99 -9.85
C TYR A 315 11.49 -3.51 -8.40
N TRP A 316 11.56 -4.42 -7.42
CA TRP A 316 11.41 -4.06 -5.99
C TRP A 316 12.24 -2.87 -5.52
N PRO A 317 13.48 -2.63 -6.01
CA PRO A 317 14.20 -1.42 -5.54
C PRO A 317 13.41 -0.10 -5.75
N TYR A 318 12.70 0.09 -6.87
CA TYR A 318 11.85 1.28 -7.01
C TYR A 318 10.81 1.37 -5.87
N ALA A 319 10.09 0.27 -5.59
CA ALA A 319 9.07 0.27 -4.53
C ALA A 319 9.68 0.51 -3.15
N ALA A 320 10.87 -0.11 -2.86
CA ALA A 320 11.56 0.10 -1.59
C ALA A 320 12.00 1.56 -1.40
N ALA A 321 12.50 2.20 -2.47
CA ALA A 321 12.87 3.61 -2.36
C ALA A 321 11.67 4.52 -2.01
N LYS A 322 10.52 4.28 -2.64
CA LYS A 322 9.30 5.04 -2.35
C LYS A 322 8.87 4.88 -0.89
N GLU A 323 8.87 3.65 -0.40
CA GLU A 323 8.54 3.36 1.00
C GLU A 323 9.44 4.12 1.98
N LEU A 324 10.73 4.31 1.64
CA LEU A 324 11.70 4.99 2.51
C LEU A 324 11.76 6.49 2.27
N GLY A 325 11.00 7.00 1.31
CA GLY A 325 10.99 8.43 1.04
C GLY A 325 12.24 8.98 0.39
N THR A 326 12.94 8.18 -0.40
CA THR A 326 14.19 8.59 -1.05
C THR A 326 14.04 8.43 -2.58
N THR A 327 15.11 8.74 -3.31
CA THR A 327 15.13 8.61 -4.77
C THR A 327 16.37 7.81 -5.18
N ILE A 328 16.29 7.13 -6.32
CA ILE A 328 17.43 6.40 -6.89
C ILE A 328 17.47 6.64 -8.40
N PRO A 329 18.66 6.48 -9.03
CA PRO A 329 18.72 6.58 -10.50
C PRO A 329 17.90 5.46 -11.16
N ALA A 330 17.20 5.83 -12.29
CA ALA A 330 16.34 4.98 -13.10
C ALA A 330 17.01 4.67 -14.44
N PRO A 331 16.70 3.53 -15.06
CA PRO A 331 17.07 3.37 -16.48
C PRO A 331 16.58 4.58 -17.29
N VAL A 332 17.44 5.11 -18.18
CA VAL A 332 17.03 6.36 -18.89
C VAL A 332 15.74 6.15 -19.70
N GLN A 333 15.54 4.95 -20.26
CA GLN A 333 14.32 4.65 -21.02
C GLN A 333 13.04 4.73 -20.16
N TYR A 334 13.13 4.61 -18.82
CA TYR A 334 11.97 4.53 -17.90
C TYR A 334 11.76 5.80 -17.06
N GLU A 335 12.50 6.90 -17.33
CA GLU A 335 12.41 8.07 -16.46
C GLU A 335 10.99 8.65 -16.36
N ARG A 336 10.20 8.60 -17.46
CA ARG A 336 8.85 9.15 -17.40
C ARG A 336 7.91 8.31 -16.51
N GLY A 337 8.22 7.03 -16.28
CA GLY A 337 7.45 6.22 -15.35
C GLY A 337 7.99 6.19 -13.90
N TRP A 338 9.31 6.29 -13.72
CA TRP A 338 9.92 6.21 -12.36
C TRP A 338 9.94 7.61 -11.75
N ARG A 339 8.79 8.05 -11.28
CA ARG A 339 8.64 9.32 -10.58
C ARG A 339 8.75 9.14 -9.07
N PHE A 340 9.41 10.06 -8.40
CA PHE A 340 9.49 9.86 -6.95
C PHE A 340 8.72 10.97 -6.18
N MET B 1 -13.39 -14.47 -6.36
CA MET B 1 -14.26 -13.60 -7.18
C MET B 1 -13.93 -13.67 -8.67
N GLU B 2 -14.83 -14.21 -9.50
CA GLU B 2 -14.67 -14.03 -10.94
C GLU B 2 -14.64 -12.54 -11.24
N THR B 3 -13.72 -12.14 -12.12
CA THR B 3 -13.60 -10.75 -12.56
C THR B 3 -13.72 -10.74 -14.07
N MET B 4 -14.04 -9.55 -14.63
CA MET B 4 -13.96 -9.37 -16.07
C MET B 4 -12.53 -9.05 -16.52
N LEU B 5 -11.74 -8.38 -15.66
CA LEU B 5 -10.35 -8.07 -16.03
C LEU B 5 -9.58 -9.30 -16.51
N PHE B 6 -9.77 -10.48 -15.87
CA PHE B 6 -9.04 -11.70 -16.21
C PHE B 6 -9.84 -12.68 -17.06
N SER B 7 -10.92 -12.21 -17.74
CA SER B 7 -11.63 -13.05 -18.70
C SER B 7 -11.09 -12.85 -20.12
N PRO B 8 -11.12 -13.88 -20.95
CA PRO B 8 -10.54 -13.80 -22.30
C PRO B 8 -11.42 -12.99 -23.25
N TYR B 9 -10.84 -12.67 -24.41
CA TYR B 9 -11.48 -11.78 -25.39
C TYR B 9 -11.01 -12.15 -26.78
N THR B 10 -11.96 -12.41 -27.70
CA THR B 10 -11.62 -12.91 -29.02
C THR B 10 -11.98 -11.90 -30.11
N ILE B 11 -11.02 -11.55 -30.97
CA ILE B 11 -11.24 -10.61 -32.08
C ILE B 11 -10.83 -11.32 -33.36
N ARG B 12 -11.82 -11.60 -34.22
CA ARG B 12 -11.60 -12.23 -35.53
C ARG B 12 -10.55 -13.35 -35.47
N GLY B 13 -10.81 -14.31 -34.58
CA GLY B 13 -10.00 -15.51 -34.53
C GLY B 13 -8.73 -15.46 -33.70
N VAL B 14 -8.33 -14.31 -33.16
CA VAL B 14 -7.25 -14.21 -32.17
C VAL B 14 -7.88 -14.13 -30.79
N THR B 15 -7.50 -15.05 -29.87
CA THR B 15 -7.97 -15.01 -28.48
C THR B 15 -6.89 -14.48 -27.52
N LEU B 16 -7.21 -13.41 -26.81
CA LEU B 16 -6.38 -12.84 -25.74
C LEU B 16 -6.77 -13.45 -24.39
N LYS B 17 -5.76 -13.85 -23.59
CA LYS B 17 -6.05 -14.58 -22.34
C LYS B 17 -6.63 -13.72 -21.21
N ASN B 18 -6.53 -12.38 -21.29
CA ASN B 18 -7.15 -11.44 -20.34
C ASN B 18 -7.37 -10.11 -21.06
N ARG B 19 -7.84 -9.08 -20.35
CA ARG B 19 -8.14 -7.78 -20.98
C ARG B 19 -7.02 -6.73 -20.84
N ILE B 20 -5.81 -7.14 -20.40
CA ILE B 20 -4.70 -6.22 -20.08
C ILE B 20 -3.79 -6.05 -21.33
N VAL B 21 -3.51 -4.80 -21.71
CA VAL B 21 -2.69 -4.46 -22.88
C VAL B 21 -1.49 -3.61 -22.47
N MET B 22 -0.27 -3.95 -22.98
CA MET B 22 0.86 -3.00 -22.83
C MET B 22 0.81 -2.00 -24.02
N SER B 23 0.54 -0.72 -23.68
CA SER B 23 0.38 0.39 -24.64
C SER B 23 1.73 0.66 -25.34
N PRO B 24 1.73 1.07 -26.62
CA PRO B 24 3.01 1.38 -27.31
C PRO B 24 3.81 2.49 -26.61
N MET B 25 5.12 2.26 -26.43
CA MET B 25 6.06 3.17 -25.76
C MET B 25 7.42 3.17 -26.45
N CYS B 26 7.76 4.30 -27.14
CA CYS B 26 9.11 4.46 -27.71
C CYS B 26 10.22 4.30 -26.68
N MET B 27 11.27 3.54 -27.06
CA MET B 27 12.41 3.27 -26.16
C MET B 27 13.70 3.99 -26.56
N PHE B 28 13.73 4.63 -27.75
CA PHE B 28 14.92 5.34 -28.27
C PHE B 28 16.20 4.55 -27.99
N SER B 29 16.16 3.24 -28.27
CA SER B 29 17.25 2.32 -27.96
C SER B 29 17.79 1.56 -29.19
N CYS B 30 17.53 2.05 -30.42
CA CYS B 30 18.21 1.48 -31.61
C CYS B 30 19.56 2.22 -31.78
N ASP B 31 20.61 1.72 -31.09
CA ASP B 31 21.88 2.45 -31.02
C ASP B 31 22.64 2.43 -32.36
N THR B 32 22.31 1.50 -33.27
CA THR B 32 22.95 1.38 -34.58
C THR B 32 22.33 2.34 -35.63
N GLU B 33 21.22 3.02 -35.30
CA GLU B 33 20.53 4.02 -36.16
C GLU B 33 20.08 3.49 -37.52
N ASP B 34 19.75 2.19 -37.58
CA ASP B 34 19.31 1.52 -38.80
C ASP B 34 17.93 0.88 -38.65
N GLY B 35 17.17 1.22 -37.59
CA GLY B 35 15.86 0.61 -37.32
C GLY B 35 15.84 -0.83 -36.81
N LYS B 36 16.98 -1.53 -36.66
CA LYS B 36 16.93 -2.94 -36.29
C LYS B 36 16.69 -3.18 -34.78
N VAL B 37 16.05 -4.32 -34.47
CA VAL B 37 15.89 -4.83 -33.09
C VAL B 37 17.27 -5.08 -32.45
N ARG B 38 17.42 -4.70 -31.16
CA ARG B 38 18.68 -4.81 -30.38
C ARG B 38 18.42 -5.67 -29.12
N ASN B 39 19.51 -5.97 -28.34
CA ASN B 39 19.32 -6.75 -27.12
C ASN B 39 18.35 -6.06 -26.14
N TRP B 40 18.33 -4.72 -26.08
CA TRP B 40 17.40 -4.01 -25.16
C TRP B 40 15.95 -4.48 -25.37
N HIS B 41 15.51 -4.48 -26.63
CA HIS B 41 14.11 -4.83 -26.96
C HIS B 41 13.82 -6.30 -26.65
N LYS B 42 14.82 -7.18 -26.87
CA LYS B 42 14.68 -8.63 -26.63
C LYS B 42 14.57 -9.00 -25.13
N ILE B 43 14.92 -8.12 -24.19
CA ILE B 43 14.57 -8.31 -22.78
C ILE B 43 13.35 -7.50 -22.38
N HIS B 44 13.25 -6.23 -22.81
CA HIS B 44 12.15 -5.33 -22.42
C HIS B 44 10.75 -5.91 -22.70
N TYR B 45 10.49 -6.39 -23.94
CA TYR B 45 9.12 -6.83 -24.27
C TYR B 45 8.80 -8.21 -23.67
N PRO B 46 9.68 -9.23 -23.75
CA PRO B 46 9.33 -10.52 -23.09
C PRO B 46 9.18 -10.43 -21.57
N THR B 47 9.84 -9.47 -20.88
CA THR B 47 9.58 -9.30 -19.42
C THR B 47 8.09 -9.17 -19.11
N ARG B 48 7.36 -8.37 -19.91
CA ARG B 48 5.95 -8.19 -19.57
C ARG B 48 5.11 -9.42 -19.97
N ALA B 49 5.57 -10.19 -20.96
CA ALA B 49 4.89 -11.46 -21.28
C ALA B 49 5.02 -12.48 -20.14
N VAL B 50 6.22 -12.62 -19.52
CA VAL B 50 6.36 -13.46 -18.33
C VAL B 50 5.44 -12.97 -17.20
N GLY B 51 5.26 -11.64 -17.08
CA GLY B 51 4.40 -10.97 -16.08
C GLY B 51 2.88 -11.19 -16.29
N GLN B 52 2.51 -11.88 -17.36
CA GLN B 52 1.16 -12.33 -17.71
C GLN B 52 0.27 -11.25 -18.33
N VAL B 53 0.85 -10.21 -18.95
CA VAL B 53 0.05 -9.31 -19.83
C VAL B 53 -0.50 -10.08 -21.04
N GLY B 54 -1.77 -9.85 -21.38
CA GLY B 54 -2.41 -10.58 -22.49
C GLY B 54 -2.03 -10.19 -23.90
N LEU B 55 -1.82 -8.88 -24.13
CA LEU B 55 -1.44 -8.37 -25.46
C LEU B 55 -0.32 -7.34 -25.30
N ILE B 56 0.79 -7.52 -26.04
CA ILE B 56 1.91 -6.56 -26.03
C ILE B 56 1.98 -5.86 -27.39
N ILE B 57 1.94 -4.52 -27.42
CA ILE B 57 2.01 -3.73 -28.67
C ILE B 57 3.36 -3.00 -28.71
N LEU B 58 4.13 -3.22 -29.78
CA LEU B 58 5.41 -2.53 -29.96
C LEU B 58 5.20 -1.02 -30.15
N GLU B 59 6.15 -0.24 -29.63
CA GLU B 59 6.38 1.18 -29.94
C GLU B 59 6.20 1.58 -31.40
N ALA B 60 5.86 2.87 -31.68
CA ALA B 60 5.80 3.41 -33.04
C ALA B 60 6.99 2.95 -33.86
N THR B 61 6.73 2.26 -34.98
CA THR B 61 7.76 1.66 -35.83
C THR B 61 7.63 2.28 -37.23
N ALA B 62 8.69 2.98 -37.67
CA ALA B 62 8.60 3.91 -38.80
C ALA B 62 8.54 3.17 -40.14
N VAL B 63 7.58 3.58 -41.00
CA VAL B 63 7.45 2.89 -42.30
C VAL B 63 8.41 3.43 -43.36
N THR B 64 9.06 4.57 -43.12
CA THR B 64 10.19 5.06 -43.93
C THR B 64 11.23 5.68 -43.00
N ALA B 65 12.49 5.79 -43.48
CA ALA B 65 13.51 6.39 -42.60
C ALA B 65 13.20 7.85 -42.29
N GLN B 66 12.62 8.56 -43.28
CA GLN B 66 12.19 9.96 -43.12
C GLN B 66 10.99 10.12 -42.16
N GLY B 67 10.20 9.07 -41.91
CA GLY B 67 9.14 9.12 -40.93
C GLY B 67 9.49 8.73 -39.50
N ARG B 68 10.77 8.53 -39.16
CA ARG B 68 11.18 8.31 -37.76
C ARG B 68 10.96 9.59 -36.93
N ILE B 69 10.63 9.40 -35.64
CA ILE B 69 10.73 10.54 -34.71
C ILE B 69 12.18 10.89 -34.46
N SER B 70 13.02 9.89 -34.07
CA SER B 70 14.46 10.09 -33.78
C SER B 70 15.29 9.06 -34.55
N SER B 71 16.60 9.31 -34.66
CA SER B 71 17.50 8.32 -35.30
C SER B 71 17.64 7.02 -34.48
N ARG B 72 17.08 6.94 -33.24
CA ARG B 72 17.16 5.70 -32.48
C ARG B 72 15.85 4.91 -32.41
N ASP B 73 14.88 5.18 -33.30
CA ASP B 73 13.59 4.47 -33.39
C ASP B 73 13.74 3.09 -34.06
N LEU B 74 12.81 2.17 -33.76
CA LEU B 74 12.64 0.96 -34.58
C LEU B 74 12.02 1.30 -35.94
N GLY B 75 12.30 0.44 -36.98
CA GLY B 75 11.80 0.68 -38.32
C GLY B 75 11.35 -0.61 -39.02
N ILE B 76 10.60 -0.45 -40.14
CA ILE B 76 10.13 -1.60 -40.93
C ILE B 76 10.15 -1.27 -42.43
N TRP B 77 11.10 -0.39 -42.83
CA TRP B 77 11.20 0.06 -44.24
C TRP B 77 12.05 -0.85 -45.12
N SER B 78 12.66 -1.93 -44.58
CA SER B 78 13.47 -2.85 -45.37
C SER B 78 13.07 -4.31 -45.11
N ASP B 79 13.18 -5.17 -46.14
CA ASP B 79 13.14 -6.61 -45.87
C ASP B 79 14.23 -7.09 -44.91
N GLU B 80 15.35 -6.37 -44.74
CA GLU B 80 16.35 -6.77 -43.73
C GLU B 80 15.87 -6.58 -42.27
N HIS B 81 14.73 -5.91 -42.01
CA HIS B 81 14.18 -5.81 -40.65
C HIS B 81 13.40 -7.08 -40.24
N VAL B 82 13.00 -7.93 -41.20
CA VAL B 82 12.07 -9.02 -40.89
C VAL B 82 12.70 -10.06 -39.94
N GLY B 83 14.00 -10.37 -40.11
CA GLY B 83 14.62 -11.41 -39.27
C GLY B 83 14.62 -11.05 -37.79
N GLY B 84 15.02 -9.82 -37.46
CA GLY B 84 15.04 -9.43 -36.04
C GLY B 84 13.65 -9.30 -35.42
N LEU B 85 12.70 -8.78 -36.19
CA LEU B 85 11.32 -8.71 -35.68
C LEU B 85 10.72 -10.10 -35.46
N ARG B 86 11.02 -11.07 -36.34
CA ARG B 86 10.50 -12.44 -36.16
C ARG B 86 11.08 -13.11 -34.91
N GLU B 87 12.35 -12.86 -34.61
CA GLU B 87 12.92 -13.39 -33.36
C GLU B 87 12.18 -12.83 -32.15
N LEU B 88 11.89 -11.51 -32.17
CA LEU B 88 11.18 -10.87 -31.04
C LEU B 88 9.75 -11.43 -30.85
N VAL B 89 9.03 -11.67 -31.96
CA VAL B 89 7.70 -12.32 -31.90
C VAL B 89 7.78 -13.68 -31.18
N SER B 90 8.75 -14.51 -31.55
CA SER B 90 8.88 -15.83 -30.92
C SER B 90 9.17 -15.72 -29.42
N LEU B 91 10.04 -14.77 -29.01
CA LEU B 91 10.40 -14.61 -27.58
C LEU B 91 9.20 -14.14 -26.74
N VAL B 92 8.32 -13.32 -27.31
CA VAL B 92 7.11 -12.88 -26.59
C VAL B 92 6.05 -14.00 -26.54
N LYS B 93 5.77 -14.66 -27.67
CA LYS B 93 4.63 -15.58 -27.77
C LYS B 93 4.85 -16.91 -27.04
N GLU B 94 6.10 -17.27 -26.82
CA GLU B 94 6.46 -18.41 -25.96
C GLU B 94 5.70 -18.45 -24.60
N HIS B 95 5.31 -17.30 -24.03
CA HIS B 95 4.69 -17.19 -22.70
C HIS B 95 3.15 -17.11 -22.73
N GLY B 96 2.52 -17.24 -23.89
CA GLY B 96 1.06 -17.15 -23.95
C GLY B 96 0.50 -15.78 -24.27
N ALA B 97 1.35 -14.75 -24.35
CA ALA B 97 0.93 -13.43 -24.83
C ALA B 97 0.72 -13.43 -26.35
N LYS B 98 -0.19 -12.57 -26.83
CA LYS B 98 -0.26 -12.22 -28.25
C LYS B 98 0.50 -10.92 -28.49
N ILE B 99 0.91 -10.64 -29.75
CA ILE B 99 1.79 -9.48 -29.98
C ILE B 99 1.28 -8.63 -31.16
N GLY B 100 1.36 -7.30 -31.01
CA GLY B 100 0.96 -6.36 -32.03
C GLY B 100 2.09 -5.40 -32.39
N ILE B 101 1.93 -4.65 -33.50
CA ILE B 101 2.92 -3.63 -33.90
C ILE B 101 2.18 -2.35 -34.31
N GLN B 102 2.68 -1.17 -33.84
CA GLN B 102 2.12 0.14 -34.20
C GLN B 102 2.94 0.71 -35.36
N LEU B 103 2.31 0.83 -36.55
CA LEU B 103 2.94 1.43 -37.73
C LEU B 103 2.82 2.97 -37.70
N GLY B 104 3.97 3.68 -37.85
CA GLY B 104 3.99 5.14 -37.71
C GLY B 104 4.71 5.88 -38.82
N HIS B 105 4.42 7.20 -38.89
CA HIS B 105 5.16 8.19 -39.70
C HIS B 105 5.04 9.55 -38.99
N ALA B 106 6.18 10.15 -38.61
CA ALA B 106 6.21 11.35 -37.76
C ALA B 106 5.82 12.66 -38.45
N GLY B 107 5.72 12.69 -39.79
CA GLY B 107 5.37 13.93 -40.48
C GLY B 107 6.27 15.11 -40.06
N ARG B 108 5.64 16.30 -39.76
CA ARG B 108 6.41 17.51 -39.42
C ARG B 108 7.00 17.47 -38.03
N LYS B 109 6.77 16.39 -37.27
CA LYS B 109 7.38 16.22 -35.94
C LYS B 109 8.65 15.35 -35.99
N SER B 110 9.07 14.93 -37.18
CA SER B 110 10.36 14.22 -37.32
C SER B 110 11.55 15.09 -36.94
N GLU B 111 12.54 14.45 -36.27
CA GLU B 111 13.74 15.14 -35.81
C GLU B 111 14.99 14.73 -36.60
N VAL B 112 14.85 13.89 -37.65
CA VAL B 112 16.03 13.37 -38.36
C VAL B 112 16.59 14.44 -39.31
N ASP B 113 17.86 14.29 -39.68
CA ASP B 113 18.52 15.26 -40.54
C ASP B 113 17.89 15.25 -41.94
N GLY B 114 17.82 16.41 -42.58
CA GLY B 114 17.32 16.51 -43.95
C GLY B 114 15.88 17.00 -44.09
N GLU B 115 15.33 16.79 -45.27
CA GLU B 115 13.94 17.19 -45.54
C GLU B 115 12.95 16.38 -44.71
N ILE B 116 11.85 17.02 -44.25
CA ILE B 116 10.72 16.31 -43.64
C ILE B 116 9.43 16.74 -44.36
N ILE B 117 8.34 15.91 -44.26
CA ILE B 117 7.12 16.14 -45.07
C ILE B 117 5.83 16.30 -44.23
N ALA B 118 4.80 16.93 -44.83
CA ALA B 118 3.52 17.21 -44.15
C ALA B 118 2.42 17.56 -45.20
N PRO B 119 1.12 17.53 -44.82
CA PRO B 119 0.09 17.98 -45.79
C PRO B 119 0.26 19.44 -46.25
N SER B 120 0.73 20.34 -45.38
CA SER B 120 0.93 21.77 -45.67
C SER B 120 2.24 22.27 -45.06
N SER B 121 2.80 23.35 -45.65
CA SER B 121 4.14 23.87 -45.26
C SER B 121 4.05 24.87 -44.11
N ILE B 122 3.65 24.36 -42.95
CA ILE B 122 3.52 25.12 -41.71
C ILE B 122 4.32 24.34 -40.67
N PRO B 123 5.27 24.95 -39.94
CA PRO B 123 5.99 24.23 -38.87
C PRO B 123 5.11 23.96 -37.66
N GLN B 124 5.49 22.93 -36.89
CA GLN B 124 4.76 22.63 -35.64
C GLN B 124 4.81 23.81 -34.67
N SER B 125 5.96 24.48 -34.56
CA SER B 125 6.06 25.70 -33.77
C SER B 125 7.20 26.56 -34.31
N GLU B 126 7.37 27.74 -33.69
CA GLU B 126 8.45 28.65 -34.06
C GLU B 126 9.82 27.98 -34.01
N LYS B 127 9.99 27.02 -33.11
CA LYS B 127 11.28 26.39 -32.85
C LYS B 127 11.58 25.21 -33.77
N THR B 128 10.66 24.81 -34.65
CA THR B 128 10.85 23.63 -35.51
C THR B 128 10.92 23.99 -36.99
N ARG B 129 11.33 22.99 -37.79
CA ARG B 129 11.61 23.21 -39.19
C ARG B 129 10.31 23.25 -40.02
N THR B 130 10.34 24.06 -41.09
CA THR B 130 9.21 24.08 -42.03
C THR B 130 9.25 22.84 -42.91
N PRO B 131 8.20 22.03 -42.95
CA PRO B 131 8.18 20.85 -43.83
C PRO B 131 7.86 21.21 -45.28
N LYS B 132 8.21 20.27 -46.18
CA LYS B 132 7.74 20.26 -47.57
C LYS B 132 6.24 19.92 -47.69
N GLU B 133 5.48 20.68 -48.47
CA GLU B 133 4.08 20.28 -48.72
C GLU B 133 4.05 19.09 -49.69
N MET B 134 3.39 17.98 -49.30
CA MET B 134 3.43 16.80 -50.16
C MET B 134 2.71 16.96 -51.50
N THR B 135 3.28 16.34 -52.56
CA THR B 135 2.65 16.21 -53.87
C THR B 135 1.73 14.99 -53.91
N LYS B 136 0.93 14.88 -54.97
CA LYS B 136 0.15 13.64 -55.12
C LYS B 136 1.04 12.42 -55.23
N ALA B 137 2.20 12.55 -55.89
CA ALA B 137 3.12 11.42 -55.94
C ALA B 137 3.65 11.06 -54.54
N ASP B 138 3.98 12.07 -53.69
CA ASP B 138 4.42 11.78 -52.30
C ASP B 138 3.34 11.06 -51.49
N ILE B 139 2.07 11.38 -51.74
CA ILE B 139 0.95 10.76 -51.03
C ILE B 139 0.81 9.29 -51.45
N GLU B 140 0.91 9.00 -52.76
CA GLU B 140 0.87 7.60 -53.23
C GLU B 140 2.04 6.78 -52.66
N GLU B 141 3.24 7.35 -52.66
CA GLU B 141 4.43 6.66 -52.16
C GLU B 141 4.30 6.34 -50.66
N THR B 142 3.73 7.27 -49.90
CA THR B 142 3.63 7.05 -48.45
C THR B 142 2.57 6.01 -48.12
N ILE B 143 1.42 6.01 -48.81
CA ILE B 143 0.43 4.94 -48.63
C ILE B 143 1.02 3.57 -48.97
N GLN B 144 1.80 3.49 -50.07
CA GLN B 144 2.49 2.23 -50.40
C GLN B 144 3.48 1.78 -49.31
N ALA B 145 4.18 2.74 -48.65
CA ALA B 145 5.04 2.40 -47.52
C ALA B 145 4.26 1.76 -46.36
N PHE B 146 3.06 2.28 -46.03
CA PHE B 146 2.24 1.63 -45.01
C PHE B 146 1.85 0.20 -45.44
N GLN B 147 1.49 0.00 -46.72
CA GLN B 147 1.16 -1.35 -47.17
C GLN B 147 2.36 -2.31 -47.05
N ASN B 148 3.53 -1.86 -47.50
CA ASN B 148 4.74 -2.68 -47.40
C ASN B 148 5.08 -3.02 -45.94
N GLY B 149 4.89 -2.07 -45.03
CA GLY B 149 5.11 -2.36 -43.61
C GLY B 149 4.17 -3.43 -43.07
N ALA B 150 2.88 -3.37 -43.46
CA ALA B 150 1.89 -4.37 -43.03
C ALA B 150 2.25 -5.76 -43.56
N ARG B 151 2.72 -5.83 -44.82
CA ARG B 151 3.17 -7.11 -45.39
C ARG B 151 4.34 -7.71 -44.61
N ARG B 152 5.34 -6.89 -44.29
CA ARG B 152 6.47 -7.37 -43.49
C ARG B 152 6.05 -7.83 -42.09
N ALA B 153 5.06 -7.15 -41.48
CA ALA B 153 4.57 -7.56 -40.17
C ALA B 153 3.97 -8.96 -40.24
N LYS B 154 3.25 -9.26 -41.32
CA LYS B 154 2.68 -10.61 -41.49
C LYS B 154 3.80 -11.64 -41.64
N GLU B 155 4.81 -11.31 -42.44
CA GLU B 155 5.96 -12.19 -42.68
C GLU B 155 6.70 -12.52 -41.37
N ALA B 156 6.76 -11.55 -40.44
CA ALA B 156 7.41 -11.75 -39.14
C ALA B 156 6.53 -12.50 -38.12
N GLY B 157 5.22 -12.68 -38.39
CA GLY B 157 4.36 -13.45 -37.47
C GLY B 157 3.52 -12.67 -36.43
N PHE B 158 3.37 -11.34 -36.56
CA PHE B 158 2.54 -10.57 -35.61
C PHE B 158 1.09 -11.03 -35.65
N ASP B 159 0.41 -10.91 -34.49
CA ASP B 159 -1.04 -11.23 -34.38
C ASP B 159 -1.95 -10.06 -34.71
N ILE B 160 -1.53 -8.83 -34.39
CA ILE B 160 -2.37 -7.64 -34.55
C ILE B 160 -1.52 -6.50 -35.16
N ILE B 161 -2.17 -5.65 -35.99
CA ILE B 161 -1.55 -4.42 -36.50
C ILE B 161 -2.37 -3.20 -36.03
N GLU B 162 -1.68 -2.12 -35.57
CA GLU B 162 -2.31 -0.82 -35.28
C GLU B 162 -1.74 0.30 -36.17
N ILE B 163 -2.63 1.14 -36.73
CA ILE B 163 -2.26 2.35 -37.48
C ILE B 163 -2.22 3.56 -36.52
N HIS B 164 -1.08 4.30 -36.48
CA HIS B 164 -0.93 5.45 -35.57
C HIS B 164 -1.50 6.71 -36.24
N ALA B 165 -2.75 7.06 -35.91
CA ALA B 165 -3.40 8.26 -36.47
C ALA B 165 -3.48 9.42 -35.47
N ALA B 166 -2.64 9.40 -34.41
CA ALA B 166 -2.85 10.32 -33.28
C ALA B 166 -1.59 11.18 -32.98
N HIS B 167 -1.65 11.93 -31.88
CA HIS B 167 -0.55 12.68 -31.24
C HIS B 167 0.21 13.62 -32.21
N GLY B 168 -0.50 14.21 -33.18
CA GLY B 168 0.07 15.25 -34.03
C GLY B 168 1.00 14.74 -35.13
N TYR B 169 1.07 13.42 -35.39
CA TYR B 169 2.03 12.88 -36.35
C TYR B 169 1.37 12.95 -37.73
N LEU B 170 1.92 12.28 -38.78
CA LEU B 170 1.50 12.59 -40.16
C LEU B 170 -0.01 12.40 -40.44
N ILE B 171 -0.59 11.24 -40.10
CA ILE B 171 -2.03 11.04 -40.43
C ILE B 171 -2.90 12.04 -39.64
N ASN B 172 -2.55 12.32 -38.36
CA ASN B 172 -3.27 13.29 -37.54
C ASN B 172 -3.16 14.70 -38.15
N GLU B 173 -2.04 14.99 -38.84
CA GLU B 173 -1.89 16.30 -39.51
C GLU B 173 -2.86 16.47 -40.67
N PHE B 174 -3.14 15.39 -41.43
CA PHE B 174 -4.20 15.46 -42.45
C PHE B 174 -5.60 15.61 -41.83
N LEU B 175 -5.86 14.95 -40.67
CA LEU B 175 -7.23 14.98 -40.11
C LEU B 175 -7.62 16.37 -39.60
N SER B 176 -6.69 17.12 -39.01
CA SER B 176 -7.01 18.34 -38.23
C SER B 176 -6.92 19.60 -39.09
N PRO B 177 -7.93 20.49 -39.05
CA PRO B 177 -7.82 21.73 -39.84
C PRO B 177 -6.80 22.72 -39.27
N LEU B 178 -6.28 22.49 -38.06
CA LEU B 178 -5.17 23.31 -37.54
C LEU B 178 -3.91 23.18 -38.37
N SER B 179 -3.66 21.98 -38.95
CA SER B 179 -2.44 21.69 -39.70
C SER B 179 -2.65 21.46 -41.19
N ASN B 180 -3.88 21.14 -41.63
CA ASN B 180 -4.20 20.84 -43.03
C ASN B 180 -4.89 22.06 -43.63
N LYS B 181 -4.17 22.79 -44.49
CA LYS B 181 -4.72 23.94 -45.23
C LYS B 181 -4.83 23.68 -46.73
N ARG B 182 -4.86 22.41 -47.17
CA ARG B 182 -4.78 22.07 -48.59
C ARG B 182 -6.03 22.51 -49.34
N GLN B 183 -5.87 22.78 -50.64
CA GLN B 183 -7.01 23.18 -51.48
C GLN B 183 -7.41 22.12 -52.51
N ASP B 184 -6.84 20.91 -52.47
CA ASP B 184 -7.19 19.85 -53.41
C ASP B 184 -8.12 18.85 -52.71
N GLU B 185 -8.19 17.62 -53.20
CA GLU B 185 -9.19 16.72 -52.62
C GLU B 185 -8.80 16.12 -51.26
N TYR B 186 -7.65 16.48 -50.69
CA TYR B 186 -7.24 15.99 -49.37
C TYR B 186 -7.46 17.04 -48.26
N GLY B 187 -8.11 18.16 -48.57
CA GLY B 187 -8.37 19.20 -47.57
C GLY B 187 -9.67 19.93 -47.83
N GLY B 188 -10.15 20.64 -46.79
CA GLY B 188 -11.22 21.62 -46.97
C GLY B 188 -12.65 21.20 -46.64
N SER B 189 -12.89 19.93 -46.31
CA SER B 189 -14.18 19.45 -45.81
C SER B 189 -13.92 18.28 -44.89
N PRO B 190 -14.89 17.90 -44.05
CA PRO B 190 -14.68 16.69 -43.22
C PRO B 190 -14.38 15.44 -44.05
N GLU B 191 -15.07 15.22 -45.18
CA GLU B 191 -14.78 14.04 -46.00
C GLU B 191 -13.38 14.12 -46.62
N ASN B 192 -12.96 15.31 -47.06
CA ASN B 192 -11.65 15.40 -47.70
C ASN B 192 -10.50 15.20 -46.69
N ARG B 193 -10.66 15.70 -45.46
CA ARG B 193 -9.60 15.54 -44.45
C ARG B 193 -9.50 14.09 -43.95
N TYR B 194 -10.60 13.30 -44.02
CA TYR B 194 -10.51 11.86 -43.74
C TYR B 194 -9.77 11.06 -44.83
N ARG B 195 -9.65 11.58 -46.06
CA ARG B 195 -9.32 10.73 -47.22
C ARG B 195 -7.97 10.00 -47.08
N PHE B 196 -6.94 10.67 -46.53
CA PHE B 196 -5.62 10.03 -46.36
C PHE B 196 -5.72 8.81 -45.44
N LEU B 197 -6.36 8.96 -44.27
CA LEU B 197 -6.58 7.80 -43.39
C LEU B 197 -7.39 6.71 -44.08
N GLY B 198 -8.48 7.06 -44.77
CA GLY B 198 -9.25 6.03 -45.47
C GLY B 198 -8.44 5.24 -46.50
N GLU B 199 -7.59 5.93 -47.27
CA GLU B 199 -6.76 5.22 -48.27
C GLU B 199 -5.66 4.35 -47.60
N VAL B 200 -5.10 4.77 -46.45
CA VAL B 200 -4.17 3.90 -45.72
C VAL B 200 -4.88 2.62 -45.26
N ILE B 201 -6.08 2.74 -44.67
CA ILE B 201 -6.82 1.56 -44.22
C ILE B 201 -7.05 0.58 -45.39
N ASP B 202 -7.51 1.08 -46.56
CA ASP B 202 -7.79 0.17 -47.69
C ASP B 202 -6.52 -0.54 -48.18
N ALA B 203 -5.39 0.20 -48.25
CA ALA B 203 -4.13 -0.42 -48.68
C ALA B 203 -3.65 -1.51 -47.71
N VAL B 204 -3.82 -1.28 -46.39
CA VAL B 204 -3.45 -2.32 -45.41
C VAL B 204 -4.37 -3.54 -45.57
N LYS B 205 -5.69 -3.33 -45.76
CA LYS B 205 -6.59 -4.49 -45.87
C LYS B 205 -6.32 -5.37 -47.10
N GLU B 206 -5.69 -4.85 -48.14
CA GLU B 206 -5.31 -5.67 -49.29
C GLU B 206 -4.29 -6.77 -48.94
N VAL B 207 -3.45 -6.57 -47.93
CA VAL B 207 -2.40 -7.54 -47.61
C VAL B 207 -2.54 -8.14 -46.22
N TRP B 208 -3.52 -7.72 -45.41
CA TRP B 208 -3.65 -8.15 -44.01
C TRP B 208 -5.11 -8.42 -43.66
N ASP B 209 -5.40 -9.65 -43.24
CA ASP B 209 -6.76 -10.07 -42.91
C ASP B 209 -6.96 -10.25 -41.43
N GLY B 210 -5.95 -10.01 -40.59
CA GLY B 210 -6.11 -10.17 -39.16
C GLY B 210 -6.72 -8.94 -38.47
N PRO B 211 -6.75 -8.96 -37.13
CA PRO B 211 -7.31 -7.82 -36.37
C PRO B 211 -6.56 -6.52 -36.68
N LEU B 212 -7.34 -5.44 -36.87
CA LEU B 212 -6.81 -4.11 -37.23
C LEU B 212 -7.32 -3.09 -36.21
N PHE B 213 -6.38 -2.39 -35.54
CA PHE B 213 -6.69 -1.30 -34.62
C PHE B 213 -6.34 0.04 -35.29
N VAL B 214 -6.98 1.14 -34.88
CA VAL B 214 -6.53 2.52 -35.18
C VAL B 214 -6.50 3.36 -33.88
N ARG B 215 -5.36 4.04 -33.58
CA ARG B 215 -5.30 4.96 -32.42
C ARG B 215 -5.59 6.39 -32.89
N ILE B 216 -6.51 7.10 -32.19
CA ILE B 216 -6.88 8.49 -32.50
C ILE B 216 -6.54 9.43 -31.34
N SER B 217 -6.40 10.73 -31.64
CA SER B 217 -6.47 11.82 -30.65
C SER B 217 -7.89 12.43 -30.71
N ALA B 218 -8.76 12.08 -29.74
CA ALA B 218 -10.20 12.42 -29.83
C ALA B 218 -10.50 13.91 -29.66
N SER B 219 -9.55 14.71 -29.15
CA SER B 219 -9.67 16.16 -29.10
C SER B 219 -8.32 16.80 -29.37
N ASP B 220 -8.35 17.94 -30.10
CA ASP B 220 -7.20 18.82 -30.28
C ASP B 220 -7.01 19.78 -29.11
N TYR B 221 -8.00 19.91 -28.21
CA TYR B 221 -8.00 20.89 -27.12
C TYR B 221 -7.77 22.32 -27.62
N HIS B 222 -8.54 22.74 -28.64
CA HIS B 222 -8.40 24.09 -29.28
C HIS B 222 -9.75 24.56 -29.80
N PRO B 223 -10.11 25.85 -29.63
CA PRO B 223 -11.47 26.30 -30.05
C PRO B 223 -11.76 26.11 -31.54
N GLU B 224 -10.76 26.16 -32.41
CA GLU B 224 -10.96 25.90 -33.83
C GLU B 224 -10.45 24.52 -34.27
N GLY B 225 -10.16 23.60 -33.33
CA GLY B 225 -9.73 22.26 -33.69
C GLY B 225 -10.84 21.22 -33.50
N LEU B 226 -10.49 19.94 -33.71
CA LEU B 226 -11.46 18.84 -33.61
C LEU B 226 -11.80 18.55 -32.15
N THR B 227 -13.02 18.05 -31.93
CA THR B 227 -13.56 17.52 -30.66
C THR B 227 -14.11 16.11 -30.91
N VAL B 228 -14.54 15.43 -29.82
CA VAL B 228 -15.01 14.06 -29.98
C VAL B 228 -16.23 13.97 -30.91
N LYS B 229 -17.05 15.05 -31.02
CA LYS B 229 -18.16 14.94 -31.97
C LYS B 229 -17.71 14.79 -33.45
N ASP B 230 -16.54 15.35 -33.82
CA ASP B 230 -16.00 15.11 -35.16
C ASP B 230 -15.63 13.63 -35.36
N TYR B 231 -15.22 12.93 -34.29
CA TYR B 231 -14.72 11.56 -34.47
C TYR B 231 -15.82 10.50 -34.45
N VAL B 232 -17.06 10.84 -34.06
CA VAL B 232 -18.14 9.86 -34.13
C VAL B 232 -18.44 9.44 -35.57
N PRO B 233 -18.66 10.38 -36.54
CA PRO B 233 -18.79 9.92 -37.95
C PRO B 233 -17.53 9.26 -38.54
N TYR B 234 -16.33 9.70 -38.16
CA TYR B 234 -15.12 8.98 -38.58
C TYR B 234 -15.12 7.54 -38.07
N ALA B 235 -15.52 7.31 -36.81
CA ALA B 235 -15.49 5.93 -36.30
C ALA B 235 -16.55 5.06 -36.98
N LYS B 236 -17.70 5.63 -37.34
CA LYS B 236 -18.68 4.86 -38.12
C LYS B 236 -18.11 4.41 -39.48
N ARG B 237 -17.36 5.30 -40.17
CA ARG B 237 -16.75 4.92 -41.45
C ARG B 237 -15.67 3.85 -41.27
N MET B 238 -14.81 3.98 -40.23
CA MET B 238 -13.78 2.96 -40.05
C MET B 238 -14.39 1.59 -39.83
N LYS B 239 -15.48 1.50 -39.04
CA LYS B 239 -16.17 0.22 -38.85
C LYS B 239 -16.61 -0.39 -40.18
N LYS B 240 -17.21 0.45 -41.05
CA LYS B 240 -17.61 -0.02 -42.39
C LYS B 240 -16.44 -0.53 -43.21
N GLN B 241 -15.24 0.06 -43.04
CA GLN B 241 -14.04 -0.39 -43.76
C GLN B 241 -13.40 -1.63 -43.14
N GLY B 242 -13.88 -2.11 -42.01
CA GLY B 242 -13.36 -3.31 -41.38
C GLY B 242 -12.32 -3.11 -40.27
N VAL B 243 -12.20 -1.91 -39.70
CA VAL B 243 -11.41 -1.72 -38.47
C VAL B 243 -12.13 -2.41 -37.32
N ASP B 244 -11.38 -3.11 -36.47
CA ASP B 244 -11.98 -3.93 -35.42
C ASP B 244 -12.07 -3.26 -34.04
N LEU B 245 -11.18 -2.32 -33.74
CA LEU B 245 -11.14 -1.66 -32.43
C LEU B 245 -10.52 -0.28 -32.58
N ILE B 246 -11.06 0.73 -31.88
CA ILE B 246 -10.46 2.07 -31.83
C ILE B 246 -9.78 2.25 -30.47
N ASP B 247 -8.49 2.60 -30.50
CA ASP B 247 -7.63 2.84 -29.33
C ASP B 247 -7.64 4.35 -29.05
N VAL B 248 -8.34 4.78 -27.98
CA VAL B 248 -8.76 6.19 -27.89
C VAL B 248 -7.84 6.99 -26.95
N SER B 249 -6.99 7.87 -27.54
CA SER B 249 -6.15 8.84 -26.84
C SER B 249 -6.66 10.27 -27.10
N SER B 250 -5.83 11.29 -26.82
CA SER B 250 -6.15 12.69 -27.10
C SER B 250 -4.90 13.56 -27.04
N GLY B 251 -5.02 14.76 -27.63
CA GLY B 251 -4.00 15.76 -27.48
C GLY B 251 -2.72 15.53 -28.29
N GLN B 252 -1.69 16.27 -27.88
CA GLN B 252 -0.40 16.46 -28.57
C GLN B 252 -0.53 16.98 -30.00
N VAL B 253 -1.64 17.65 -30.33
CA VAL B 253 -1.79 18.29 -31.63
C VAL B 253 -1.34 19.76 -31.58
N PHE B 254 -1.78 20.50 -30.56
CA PHE B 254 -1.51 21.89 -30.30
C PHE B 254 -0.92 22.04 -28.89
N PRO B 255 0.01 23.01 -28.64
CA PRO B 255 0.65 23.05 -27.32
C PRO B 255 -0.25 23.53 -26.20
N ALA B 256 -1.37 22.85 -25.92
CA ALA B 256 -2.19 23.21 -24.78
C ALA B 256 -1.64 22.54 -23.52
N ASN B 257 -1.86 23.18 -22.39
CA ASN B 257 -1.47 22.61 -21.08
C ASN B 257 -2.76 22.23 -20.34
N ILE B 258 -3.26 20.99 -20.61
CA ILE B 258 -4.50 20.51 -20.02
C ILE B 258 -4.20 19.90 -18.65
N SER B 259 -5.21 19.88 -17.78
CA SER B 259 -5.06 19.34 -16.42
C SER B 259 -5.50 17.87 -16.41
N VAL B 260 -4.59 16.97 -16.10
CA VAL B 260 -4.88 15.55 -16.19
C VAL B 260 -5.26 15.03 -14.81
N TYR B 261 -5.88 13.86 -14.77
CA TYR B 261 -6.41 13.24 -13.56
C TYR B 261 -6.77 11.78 -13.90
N PRO B 262 -6.97 10.92 -12.90
CA PRO B 262 -7.20 9.49 -13.19
C PRO B 262 -8.40 9.22 -14.10
N GLY B 263 -8.15 8.46 -15.17
CA GLY B 263 -9.22 8.18 -16.13
C GLY B 263 -9.75 9.33 -16.97
N TYR B 264 -8.94 10.39 -17.20
CA TYR B 264 -9.47 11.58 -17.90
C TYR B 264 -9.81 11.37 -19.39
N GLN B 265 -9.34 10.30 -20.03
CA GLN B 265 -9.72 9.96 -21.42
C GLN B 265 -10.76 8.84 -21.52
N VAL B 266 -11.24 8.30 -20.39
CA VAL B 266 -12.25 7.23 -20.46
C VAL B 266 -13.60 7.71 -21.02
N PRO B 267 -14.06 8.93 -20.73
CA PRO B 267 -15.32 9.37 -21.36
C PRO B 267 -15.27 9.42 -22.89
N PHE B 268 -14.09 9.70 -23.48
CA PHE B 268 -13.94 9.60 -24.96
C PHE B 268 -14.11 8.15 -25.44
N ALA B 269 -13.48 7.17 -24.76
CA ALA B 269 -13.59 5.76 -25.16
C ALA B 269 -15.03 5.27 -25.09
N GLU B 270 -15.80 5.72 -24.10
CA GLU B 270 -17.20 5.28 -23.96
C GLU B 270 -18.12 5.97 -24.99
N THR B 271 -17.90 7.26 -25.28
CA THR B 271 -18.69 7.94 -26.32
C THR B 271 -18.53 7.28 -27.70
N ILE B 272 -17.29 6.98 -28.13
CA ILE B 272 -17.07 6.28 -29.40
C ILE B 272 -17.73 4.89 -29.38
N ARG B 273 -17.58 4.15 -28.28
CA ARG B 273 -18.10 2.78 -28.19
C ARG B 273 -19.63 2.72 -28.36
N ARG B 274 -20.36 3.58 -27.63
CA ARG B 274 -21.83 3.57 -27.65
C ARG B 274 -22.39 4.20 -28.93
N GLU B 275 -21.78 5.29 -29.44
CA GLU B 275 -22.35 6.01 -30.58
C GLU B 275 -22.02 5.33 -31.92
N ALA B 276 -20.80 4.78 -32.09
CA ALA B 276 -20.49 4.09 -33.33
C ALA B 276 -20.63 2.58 -33.24
N GLU B 277 -20.99 2.01 -32.07
CA GLU B 277 -21.17 0.56 -31.93
C GLU B 277 -19.94 -0.22 -32.39
N ILE B 278 -18.74 0.18 -31.89
CA ILE B 278 -17.47 -0.49 -32.21
C ILE B 278 -16.67 -0.69 -30.90
N ALA B 279 -15.89 -1.78 -30.80
CA ALA B 279 -15.07 -2.03 -29.59
C ALA B 279 -14.00 -0.94 -29.43
N THR B 280 -13.67 -0.59 -28.15
CA THR B 280 -12.70 0.49 -27.87
C THR B 280 -11.68 0.06 -26.80
N GLY B 281 -10.52 0.71 -26.83
CA GLY B 281 -9.50 0.58 -25.78
C GLY B 281 -9.44 1.89 -25.02
N ALA B 282 -9.34 1.80 -23.66
CA ALA B 282 -9.16 2.97 -22.79
C ALA B 282 -7.71 3.10 -22.33
N VAL B 283 -7.20 4.33 -22.25
CA VAL B 283 -5.82 4.55 -21.79
C VAL B 283 -5.77 5.88 -21.07
N GLY B 284 -4.85 6.01 -20.08
CA GLY B 284 -4.54 7.30 -19.49
C GLY B 284 -4.70 7.39 -17.97
N LEU B 285 -3.59 7.32 -17.23
CA LEU B 285 -3.57 7.26 -15.75
C LEU B 285 -4.48 6.14 -15.20
N ILE B 286 -4.41 4.97 -15.81
CA ILE B 286 -4.99 3.72 -15.28
C ILE B 286 -3.86 2.96 -14.58
N THR B 287 -3.96 2.85 -13.25
CA THR B 287 -2.89 2.23 -12.45
C THR B 287 -3.31 1.13 -11.49
N SER B 288 -4.63 0.85 -11.29
CA SER B 288 -4.98 -0.15 -10.27
C SER B 288 -6.04 -1.14 -10.75
N GLY B 289 -6.01 -2.34 -10.13
CA GLY B 289 -6.94 -3.38 -10.54
C GLY B 289 -8.39 -3.00 -10.27
N TRP B 290 -8.61 -2.34 -9.12
CA TRP B 290 -9.91 -1.76 -8.72
C TRP B 290 -10.47 -0.83 -9.81
N GLN B 291 -9.63 0.09 -10.30
CA GLN B 291 -10.01 1.02 -11.39
C GLN B 291 -10.35 0.29 -12.69
N ALA B 292 -9.49 -0.67 -13.11
CA ALA B 292 -9.68 -1.34 -14.40
C ALA B 292 -10.98 -2.14 -14.44
N GLU B 293 -11.33 -2.76 -13.31
CA GLU B 293 -12.55 -3.57 -13.23
C GLU B 293 -13.80 -2.72 -13.40
N GLU B 294 -13.82 -1.50 -12.82
CA GLU B 294 -14.95 -0.57 -13.00
C GLU B 294 -15.13 -0.17 -14.45
N ILE B 295 -14.03 0.18 -15.14
CA ILE B 295 -14.10 0.56 -16.56
C ILE B 295 -14.79 -0.54 -17.38
N LEU B 296 -14.40 -1.81 -17.16
CA LEU B 296 -14.91 -2.94 -17.93
C LEU B 296 -16.36 -3.29 -17.56
N ARG B 297 -16.67 -3.32 -16.25
CA ARG B 297 -17.98 -3.79 -15.81
C ARG B 297 -19.08 -2.76 -16.10
N ASN B 298 -18.74 -1.47 -16.12
CA ASN B 298 -19.71 -0.44 -16.49
C ASN B 298 -19.75 -0.17 -18.01
N GLY B 299 -19.11 -1.02 -18.82
CA GLY B 299 -19.22 -0.94 -20.28
C GLY B 299 -18.59 0.28 -20.92
N ARG B 300 -17.54 0.84 -20.30
CA ARG B 300 -16.89 2.05 -20.81
C ARG B 300 -15.85 1.74 -21.93
N ALA B 301 -15.31 0.51 -21.96
CA ALA B 301 -14.37 0.02 -22.98
C ALA B 301 -14.34 -1.50 -22.91
N ASP B 302 -13.68 -2.12 -23.90
CA ASP B 302 -13.50 -3.57 -23.93
C ASP B 302 -12.10 -4.04 -23.52
N LEU B 303 -11.06 -3.21 -23.67
CA LEU B 303 -9.68 -3.52 -23.27
C LEU B 303 -9.09 -2.34 -22.50
N VAL B 304 -8.20 -2.62 -21.53
CA VAL B 304 -7.59 -1.57 -20.70
C VAL B 304 -6.11 -1.50 -21.04
N PHE B 305 -5.64 -0.31 -21.49
CA PHE B 305 -4.25 -0.11 -21.93
C PHE B 305 -3.45 0.56 -20.80
N LEU B 306 -2.27 0.01 -20.46
CA LEU B 306 -1.36 0.61 -19.48
C LEU B 306 -0.01 0.94 -20.10
N ALA B 307 0.54 2.13 -19.79
CA ALA B 307 1.91 2.48 -20.20
C ALA B 307 2.82 2.68 -18.99
N ARG B 308 2.75 3.83 -18.28
CA ARG B 308 3.76 4.12 -17.25
C ARG B 308 3.75 3.13 -16.09
N GLU B 309 2.56 2.61 -15.73
CA GLU B 309 2.49 1.62 -14.63
C GLU B 309 3.29 0.36 -14.96
N LEU B 310 3.33 -0.08 -16.24
CA LEU B 310 4.15 -1.26 -16.58
C LEU B 310 5.66 -0.95 -16.73
N LEU B 311 6.08 0.32 -16.73
CA LEU B 311 7.50 0.65 -16.58
C LEU B 311 7.96 0.56 -15.13
N ARG B 312 7.03 0.80 -14.17
CA ARG B 312 7.30 0.70 -12.72
C ARG B 312 7.21 -0.73 -12.17
N ASN B 313 6.22 -1.49 -12.63
CA ASN B 313 6.02 -2.88 -12.20
C ASN B 313 5.54 -3.71 -13.38
N PRO B 314 6.48 -4.40 -14.04
CA PRO B 314 6.15 -5.21 -15.21
C PRO B 314 5.35 -6.46 -14.89
N TYR B 315 5.27 -6.91 -13.62
CA TYR B 315 4.39 -8.02 -13.23
C TYR B 315 3.10 -7.50 -12.56
N TRP B 316 2.63 -6.32 -12.96
CA TRP B 316 1.37 -5.76 -12.45
C TRP B 316 0.19 -6.75 -12.43
N PRO B 317 0.00 -7.63 -13.41
CA PRO B 317 -1.18 -8.56 -13.31
C PRO B 317 -1.25 -9.35 -12.00
N TYR B 318 -0.12 -9.85 -11.48
CA TYR B 318 -0.09 -10.54 -10.17
C TYR B 318 -0.65 -9.63 -9.07
N ALA B 319 -0.16 -8.38 -9.00
CA ALA B 319 -0.64 -7.43 -8.00
C ALA B 319 -2.14 -7.09 -8.17
N ALA B 320 -2.60 -6.92 -9.42
CA ALA B 320 -4.03 -6.57 -9.62
C ALA B 320 -4.95 -7.72 -9.19
N ALA B 321 -4.57 -8.96 -9.52
CA ALA B 321 -5.33 -10.13 -9.05
C ALA B 321 -5.44 -10.18 -7.52
N LYS B 322 -4.32 -9.96 -6.81
CA LYS B 322 -4.37 -9.94 -5.35
C LYS B 322 -5.31 -8.86 -4.84
N GLU B 323 -5.23 -7.65 -5.41
CA GLU B 323 -6.09 -6.53 -5.01
C GLU B 323 -7.58 -6.82 -5.19
N LEU B 324 -7.94 -7.56 -6.24
CA LEU B 324 -9.34 -7.92 -6.51
C LEU B 324 -9.77 -9.22 -5.83
N GLY B 325 -8.89 -9.86 -5.06
CA GLY B 325 -9.22 -11.11 -4.38
C GLY B 325 -9.48 -12.29 -5.29
N THR B 326 -8.75 -12.40 -6.38
CA THR B 326 -8.88 -13.54 -7.30
C THR B 326 -7.50 -14.18 -7.50
N THR B 327 -7.44 -15.28 -8.26
CA THR B 327 -6.17 -15.93 -8.59
C THR B 327 -6.01 -16.00 -10.11
N ILE B 328 -4.76 -16.14 -10.55
CA ILE B 328 -4.44 -16.36 -11.97
C ILE B 328 -3.31 -17.36 -12.08
N PRO B 329 -3.18 -18.03 -13.23
CA PRO B 329 -2.01 -18.90 -13.45
C PRO B 329 -0.69 -18.12 -13.44
N ALA B 330 0.39 -18.76 -12.87
CA ALA B 330 1.75 -18.22 -12.77
C ALA B 330 2.72 -18.99 -13.65
N PRO B 331 3.82 -18.38 -14.10
CA PRO B 331 4.91 -19.18 -14.71
C PRO B 331 5.35 -20.28 -13.73
N VAL B 332 5.55 -21.50 -14.24
CA VAL B 332 5.82 -22.65 -13.35
C VAL B 332 7.08 -22.44 -12.53
N GLN B 333 8.08 -21.75 -13.09
CA GLN B 333 9.32 -21.44 -12.36
C GLN B 333 9.08 -20.55 -11.14
N TYR B 334 7.95 -19.83 -11.06
CA TYR B 334 7.73 -18.83 -10.03
C TYR B 334 6.65 -19.23 -9.03
N GLU B 335 6.17 -20.48 -9.09
CA GLU B 335 5.03 -20.85 -8.28
C GLU B 335 5.30 -20.68 -6.77
N ARG B 336 6.55 -20.89 -6.32
CA ARG B 336 6.85 -20.73 -4.90
C ARG B 336 6.74 -19.27 -4.46
N GLY B 337 6.85 -18.27 -5.36
CA GLY B 337 6.66 -16.90 -4.94
C GLY B 337 5.25 -16.32 -5.22
N TRP B 338 4.59 -16.74 -6.29
CA TRP B 338 3.27 -16.20 -6.66
C TRP B 338 2.20 -16.90 -5.81
N ARG B 339 2.03 -16.42 -4.57
CA ARG B 339 1.17 -17.15 -3.61
C ARG B 339 -0.27 -16.63 -3.51
N PHE B 340 -0.52 -15.35 -3.76
CA PHE B 340 -1.89 -14.76 -3.64
C PHE B 340 -2.33 -14.75 -2.17
N MET C 1 -0.59 19.25 -6.02
CA MET C 1 -1.56 18.99 -7.09
C MET C 1 -2.97 19.31 -6.59
N GLU C 2 -3.62 20.32 -7.17
CA GLU C 2 -4.96 20.64 -6.72
C GLU C 2 -5.92 19.55 -7.17
N THR C 3 -6.88 19.25 -6.30
CA THR C 3 -7.87 18.23 -6.57
C THR C 3 -9.26 18.87 -6.45
N MET C 4 -10.24 18.25 -7.13
CA MET C 4 -11.64 18.61 -6.86
C MET C 4 -12.12 17.96 -5.56
N LEU C 5 -11.56 16.79 -5.19
CA LEU C 5 -11.99 16.10 -3.96
C LEU C 5 -11.89 17.03 -2.74
N PHE C 6 -10.84 17.84 -2.67
CA PHE C 6 -10.64 18.71 -1.52
C PHE C 6 -11.03 20.17 -1.80
N SER C 7 -11.92 20.42 -2.81
CA SER C 7 -12.46 21.75 -3.06
C SER C 7 -13.83 21.93 -2.38
N PRO C 8 -14.16 23.18 -2.03
CA PRO C 8 -15.42 23.47 -1.31
C PRO C 8 -16.64 23.35 -2.22
N TYR C 9 -17.81 23.20 -1.58
CA TYR C 9 -19.10 23.09 -2.31
C TYR C 9 -20.20 23.80 -1.52
N THR C 10 -20.91 24.75 -2.16
CA THR C 10 -21.94 25.54 -1.46
C THR C 10 -23.35 25.18 -1.95
N ILE C 11 -24.27 24.91 -1.02
CA ILE C 11 -25.69 24.63 -1.32
C ILE C 11 -26.54 25.59 -0.48
N ARG C 12 -27.29 26.49 -1.13
CA ARG C 12 -28.26 27.34 -0.42
C ARG C 12 -27.65 27.98 0.84
N GLY C 13 -26.46 28.56 0.73
CA GLY C 13 -25.86 29.22 1.88
C GLY C 13 -25.07 28.36 2.86
N VAL C 14 -25.06 27.04 2.72
CA VAL C 14 -24.19 26.16 3.54
C VAL C 14 -22.97 25.79 2.72
N THR C 15 -21.74 26.02 3.24
CA THR C 15 -20.50 25.70 2.53
C THR C 15 -19.80 24.51 3.21
N LEU C 16 -19.67 23.43 2.45
CA LEU C 16 -18.87 22.27 2.85
C LEU C 16 -17.40 22.48 2.48
N LYS C 17 -16.47 22.10 3.38
CA LYS C 17 -15.05 22.40 3.10
C LYS C 17 -14.39 21.43 2.10
N ASN C 18 -14.98 20.25 1.84
CA ASN C 18 -14.52 19.34 0.78
C ASN C 18 -15.74 18.55 0.29
N ARG C 19 -15.52 17.61 -0.65
CA ARG C 19 -16.62 16.81 -1.22
C ARG C 19 -16.90 15.46 -0.49
N ILE C 20 -16.34 15.20 0.71
CA ILE C 20 -16.41 13.88 1.36
C ILE C 20 -17.56 13.85 2.39
N VAL C 21 -18.42 12.81 2.31
CA VAL C 21 -19.62 12.67 3.17
C VAL C 21 -19.58 11.33 3.92
N MET C 22 -19.84 11.37 5.26
CA MET C 22 -20.11 10.15 6.05
C MET C 22 -21.56 9.72 5.85
N SER C 23 -21.73 8.62 5.09
CA SER C 23 -23.05 8.11 4.72
C SER C 23 -23.77 7.61 5.98
N PRO C 24 -25.11 7.77 6.06
CA PRO C 24 -25.87 7.30 7.25
C PRO C 24 -25.66 5.80 7.52
N MET C 25 -25.39 5.46 8.80
CA MET C 25 -25.22 4.06 9.23
C MET C 25 -25.82 3.80 10.61
N CYS C 26 -26.85 2.94 10.68
CA CYS C 26 -27.41 2.56 11.99
C CYS C 26 -26.37 1.93 12.91
N MET C 27 -26.40 2.33 14.19
CA MET C 27 -25.47 1.88 15.23
C MET C 27 -26.11 0.92 16.25
N PHE C 28 -27.45 0.88 16.33
CA PHE C 28 -28.18 0.01 17.27
C PHE C 28 -27.64 0.15 18.70
N SER C 29 -27.42 1.42 19.13
CA SER C 29 -26.71 1.66 20.39
C SER C 29 -27.51 2.55 21.35
N CYS C 30 -28.83 2.69 21.13
CA CYS C 30 -29.70 3.32 22.13
C CYS C 30 -30.13 2.25 23.14
N ASP C 31 -29.31 2.08 24.20
CA ASP C 31 -29.51 0.98 25.15
C ASP C 31 -30.71 1.19 26.09
N THR C 32 -31.16 2.43 26.30
CA THR C 32 -32.37 2.73 27.07
C THR C 32 -33.66 2.61 26.24
N GLU C 33 -33.56 2.27 24.95
CA GLU C 33 -34.69 1.96 24.04
C GLU C 33 -35.79 3.02 24.05
N ASP C 34 -35.39 4.28 24.19
CA ASP C 34 -36.28 5.43 24.11
C ASP C 34 -35.87 6.42 23.03
N GLY C 35 -34.93 6.07 22.14
CA GLY C 35 -34.52 6.93 21.03
C GLY C 35 -33.53 8.04 21.34
N LYS C 36 -33.09 8.19 22.59
CA LYS C 36 -32.20 9.30 22.95
C LYS C 36 -30.72 9.03 22.62
N VAL C 37 -29.98 10.12 22.38
CA VAL C 37 -28.54 10.03 22.14
C VAL C 37 -27.83 9.50 23.39
N ARG C 38 -26.82 8.63 23.18
CA ARG C 38 -26.04 8.01 24.27
C ARG C 38 -24.56 8.37 24.12
N ASN C 39 -23.73 7.97 25.11
CA ASN C 39 -22.29 8.23 25.04
C ASN C 39 -21.67 7.63 23.78
N TRP C 40 -22.12 6.44 23.35
CA TRP C 40 -21.61 5.87 22.10
C TRP C 40 -21.61 6.87 20.95
N HIS C 41 -22.76 7.54 20.72
CA HIS C 41 -22.91 8.46 19.59
C HIS C 41 -22.02 9.69 19.73
N LYS C 42 -21.79 10.12 20.97
CA LYS C 42 -21.00 11.32 21.23
C LYS C 42 -19.48 11.09 21.07
N ILE C 43 -19.02 9.85 20.94
CA ILE C 43 -17.63 9.56 20.47
C ILE C 43 -17.58 9.24 18.97
N HIS C 44 -18.49 8.36 18.52
CA HIS C 44 -18.54 7.85 17.14
C HIS C 44 -18.59 8.96 16.07
N TYR C 45 -19.56 9.93 16.20
CA TYR C 45 -19.70 10.93 15.12
C TYR C 45 -18.62 12.02 15.14
N PRO C 46 -18.21 12.58 16.29
CA PRO C 46 -17.11 13.56 16.25
C PRO C 46 -15.73 12.98 15.85
N THR C 47 -15.48 11.67 16.01
CA THR C 47 -14.20 11.10 15.53
C THR C 47 -14.01 11.39 14.03
N ARG C 48 -15.08 11.27 13.21
CA ARG C 48 -14.89 11.49 11.77
C ARG C 48 -14.76 12.97 11.43
N ALA C 49 -15.32 13.87 12.26
CA ALA C 49 -15.10 15.31 12.08
C ALA C 49 -13.65 15.71 12.36
N VAL C 50 -13.02 15.10 13.40
CA VAL C 50 -11.58 15.29 13.65
C VAL C 50 -10.76 14.78 12.46
N GLY C 51 -11.20 13.69 11.82
CA GLY C 51 -10.52 13.16 10.63
C GLY C 51 -10.68 13.97 9.35
N GLN C 52 -11.42 15.09 9.38
CA GLN C 52 -11.58 16.10 8.29
C GLN C 52 -12.63 15.70 7.22
N VAL C 53 -13.57 14.80 7.53
CA VAL C 53 -14.76 14.64 6.70
C VAL C 53 -15.58 15.94 6.67
N GLY C 54 -16.05 16.35 5.49
CA GLY C 54 -16.71 17.66 5.34
C GLY C 54 -18.19 17.71 5.77
N LEU C 55 -18.89 16.59 5.66
CA LEU C 55 -20.34 16.52 5.99
C LEU C 55 -20.59 15.18 6.66
N ILE C 56 -21.19 15.20 7.87
CA ILE C 56 -21.52 13.97 8.61
C ILE C 56 -23.05 13.83 8.69
N ILE C 57 -23.61 12.73 8.16
CA ILE C 57 -25.07 12.50 8.14
C ILE C 57 -25.39 11.39 9.14
N LEU C 58 -26.22 11.71 10.15
CA LEU C 58 -26.65 10.73 11.14
C LEU C 58 -27.43 9.57 10.51
N GLU C 59 -27.29 8.37 11.10
CA GLU C 59 -28.14 7.18 10.87
C GLU C 59 -29.64 7.45 10.81
N ALA C 60 -30.41 6.54 10.18
CA ALA C 60 -31.86 6.63 10.07
C ALA C 60 -32.49 6.87 11.44
N THR C 61 -33.21 7.98 11.58
CA THR C 61 -33.79 8.41 12.87
C THR C 61 -35.31 8.41 12.75
N ALA C 62 -36.00 7.64 13.64
CA ALA C 62 -37.41 7.29 13.39
C ALA C 62 -38.36 8.44 13.72
N VAL C 63 -39.31 8.73 12.80
CA VAL C 63 -40.27 9.81 13.03
C VAL C 63 -41.48 9.36 13.86
N THR C 64 -41.68 8.04 14.05
CA THR C 64 -42.55 7.50 15.11
C THR C 64 -41.89 6.25 15.70
N ALA C 65 -42.29 5.92 16.93
CA ALA C 65 -41.78 4.70 17.57
C ALA C 65 -42.11 3.46 16.75
N GLN C 66 -43.28 3.44 16.12
CA GLN C 66 -43.69 2.35 15.22
C GLN C 66 -42.83 2.26 13.97
N GLY C 67 -42.17 3.36 13.59
CA GLY C 67 -41.33 3.43 12.41
C GLY C 67 -39.88 3.07 12.65
N ARG C 68 -39.52 2.65 13.87
CA ARG C 68 -38.18 2.15 14.15
C ARG C 68 -37.91 0.83 13.45
N ILE C 69 -36.64 0.63 13.04
CA ILE C 69 -36.21 -0.69 12.57
C ILE C 69 -36.10 -1.64 13.76
N SER C 70 -35.37 -1.23 14.80
CA SER C 70 -35.27 -2.01 16.02
C SER C 70 -35.53 -1.11 17.22
N SER C 71 -35.58 -1.76 18.39
CA SER C 71 -35.79 -1.08 19.66
C SER C 71 -34.61 -0.21 20.07
N ARG C 72 -33.44 -0.38 19.44
CA ARG C 72 -32.26 0.36 19.86
C ARG C 72 -31.88 1.51 18.92
N ASP C 73 -32.79 1.91 18.01
CA ASP C 73 -32.61 3.01 17.05
C ASP C 73 -32.62 4.40 17.74
N LEU C 74 -32.04 5.41 17.05
CA LEU C 74 -32.25 6.82 17.41
C LEU C 74 -33.66 7.26 16.96
N GLY C 75 -34.22 8.25 17.66
CA GLY C 75 -35.57 8.72 17.38
C GLY C 75 -35.70 10.23 17.38
N ILE C 76 -36.79 10.72 16.79
CA ILE C 76 -37.09 12.15 16.79
C ILE C 76 -38.63 12.37 16.82
N TRP C 77 -39.34 11.44 17.45
CA TRP C 77 -40.81 11.46 17.56
C TRP C 77 -41.33 12.26 18.78
N SER C 78 -40.44 12.93 19.53
CA SER C 78 -40.81 13.66 20.75
C SER C 78 -39.98 14.93 20.86
N ASP C 79 -40.58 16.01 21.41
CA ASP C 79 -39.79 17.20 21.73
C ASP C 79 -38.66 16.92 22.73
N GLU C 80 -38.77 15.85 23.53
CA GLU C 80 -37.69 15.52 24.46
C GLU C 80 -36.40 15.10 23.74
N HIS C 81 -36.50 14.68 22.48
CA HIS C 81 -35.30 14.30 21.71
C HIS C 81 -34.44 15.50 21.28
N VAL C 82 -34.97 16.73 21.27
CA VAL C 82 -34.20 17.89 20.75
C VAL C 82 -32.93 18.13 21.58
N GLY C 83 -32.98 17.91 22.89
CA GLY C 83 -31.85 18.29 23.72
C GLY C 83 -30.60 17.48 23.44
N GLY C 84 -30.75 16.14 23.33
CA GLY C 84 -29.60 15.29 23.05
C GLY C 84 -29.06 15.48 21.63
N LEU C 85 -29.95 15.66 20.66
CA LEU C 85 -29.49 15.90 19.30
C LEU C 85 -28.70 17.20 19.19
N ARG C 86 -29.13 18.25 19.91
CA ARG C 86 -28.35 19.48 19.83
C ARG C 86 -26.96 19.36 20.51
N GLU C 87 -26.80 18.51 21.53
CA GLU C 87 -25.47 18.29 22.09
C GLU C 87 -24.55 17.68 21.04
N LEU C 88 -25.11 16.80 20.20
CA LEU C 88 -24.32 16.12 19.19
C LEU C 88 -23.95 17.07 18.03
N VAL C 89 -24.89 17.95 17.61
CA VAL C 89 -24.59 19.03 16.66
C VAL C 89 -23.39 19.86 17.14
N SER C 90 -23.36 20.24 18.43
CA SER C 90 -22.25 21.08 18.91
C SER C 90 -20.91 20.35 18.87
N LEU C 91 -20.90 19.08 19.26
CA LEU C 91 -19.65 18.30 19.31
C LEU C 91 -19.07 18.07 17.91
N VAL C 92 -19.93 17.94 16.88
CA VAL C 92 -19.44 17.71 15.51
C VAL C 92 -18.95 19.00 14.87
N LYS C 93 -19.74 20.09 14.98
CA LYS C 93 -19.45 21.33 14.28
C LYS C 93 -18.24 22.06 14.86
N GLU C 94 -17.88 21.77 16.12
CA GLU C 94 -16.68 22.32 16.74
C GLU C 94 -15.42 22.11 15.88
N HIS C 95 -15.40 21.06 15.05
CA HIS C 95 -14.24 20.68 14.25
C HIS C 95 -14.30 21.18 12.80
N GLY C 96 -15.33 21.94 12.41
CA GLY C 96 -15.38 22.44 11.05
C GLY C 96 -16.21 21.59 10.09
N ALA C 97 -16.69 20.44 10.53
CA ALA C 97 -17.65 19.66 9.75
C ALA C 97 -19.04 20.31 9.78
N LYS C 98 -19.82 20.13 8.70
CA LYS C 98 -21.26 20.39 8.74
C LYS C 98 -22.01 19.09 9.10
N ILE C 99 -23.27 19.19 9.54
CA ILE C 99 -23.98 17.99 10.03
C ILE C 99 -25.40 17.88 9.44
N GLY C 100 -25.79 16.66 9.04
CA GLY C 100 -27.14 16.40 8.57
C GLY C 100 -27.81 15.26 9.35
N ILE C 101 -29.13 15.06 9.11
CA ILE C 101 -29.89 13.97 9.73
C ILE C 101 -30.79 13.29 8.69
N GLN C 102 -30.82 11.95 8.71
CA GLN C 102 -31.73 11.16 7.87
C GLN C 102 -33.03 10.81 8.64
N LEU C 103 -34.17 11.31 8.15
CA LEU C 103 -35.48 11.04 8.75
C LEU C 103 -36.08 9.77 8.13
N GLY C 104 -36.47 8.79 8.97
CA GLY C 104 -36.92 7.51 8.45
C GLY C 104 -38.22 7.00 9.05
N HIS C 105 -38.82 6.02 8.35
CA HIS C 105 -39.92 5.16 8.86
C HIS C 105 -39.79 3.78 8.21
N ALA C 106 -39.65 2.73 9.05
CA ALA C 106 -39.31 1.38 8.58
C ALA C 106 -40.44 0.61 7.89
N GLY C 107 -41.70 1.00 8.10
CA GLY C 107 -42.81 0.32 7.43
C GLY C 107 -42.88 -1.16 7.76
N ARG C 108 -43.06 -1.98 6.71
CA ARG C 108 -43.21 -3.42 6.83
C ARG C 108 -41.90 -4.16 7.09
N LYS C 109 -40.76 -3.45 7.12
CA LYS C 109 -39.49 -4.00 7.59
C LYS C 109 -39.20 -3.69 9.04
N SER C 110 -40.14 -3.04 9.75
CA SER C 110 -39.99 -2.84 11.19
C SER C 110 -39.93 -4.17 11.96
N GLU C 111 -39.09 -4.20 13.01
CA GLU C 111 -38.91 -5.35 13.88
C GLU C 111 -39.45 -5.14 15.31
N VAL C 112 -40.09 -4.02 15.61
CA VAL C 112 -40.54 -3.82 16.99
C VAL C 112 -41.87 -4.54 17.23
N ASP C 113 -42.19 -4.69 18.52
CA ASP C 113 -43.35 -5.46 18.95
C ASP C 113 -44.66 -4.76 18.61
N GLY C 114 -45.66 -5.53 18.22
CA GLY C 114 -46.99 -5.00 17.92
C GLY C 114 -47.22 -4.80 16.44
N GLU C 115 -48.21 -3.96 16.14
CA GLU C 115 -48.65 -3.69 14.77
C GLU C 115 -47.64 -2.85 13.98
N ILE C 116 -47.41 -3.23 12.73
CA ILE C 116 -46.58 -2.49 11.80
C ILE C 116 -47.47 -2.16 10.60
N ILE C 117 -47.06 -1.11 9.84
CA ILE C 117 -47.89 -0.51 8.79
C ILE C 117 -47.15 -0.44 7.45
N ALA C 118 -47.93 -0.30 6.37
CA ALA C 118 -47.49 -0.45 5.00
C ALA C 118 -48.62 0.01 4.06
N PRO C 119 -48.31 0.29 2.79
CA PRO C 119 -49.39 0.68 1.86
C PRO C 119 -50.37 -0.47 1.54
N SER C 120 -49.90 -1.72 1.60
CA SER C 120 -50.63 -2.90 1.15
C SER C 120 -50.34 -4.02 2.15
N SER C 121 -51.33 -4.89 2.43
CA SER C 121 -51.14 -5.94 3.45
C SER C 121 -50.39 -7.14 2.86
N ILE C 122 -49.11 -6.92 2.55
CA ILE C 122 -48.26 -7.94 1.95
C ILE C 122 -46.95 -7.97 2.71
N PRO C 123 -46.49 -9.12 3.23
CA PRO C 123 -45.21 -9.15 3.93
C PRO C 123 -44.05 -9.07 2.95
N GLN C 124 -42.90 -8.58 3.45
CA GLN C 124 -41.73 -8.49 2.58
C GLN C 124 -41.30 -9.88 2.12
N SER C 125 -41.32 -10.86 3.01
CA SER C 125 -41.03 -12.25 2.64
C SER C 125 -41.87 -13.19 3.48
N GLU C 126 -41.68 -14.48 3.22
CA GLU C 126 -42.44 -15.52 3.92
C GLU C 126 -42.16 -15.49 5.42
N LYS C 127 -40.95 -15.08 5.80
CA LYS C 127 -40.45 -15.14 7.15
C LYS C 127 -40.76 -13.89 7.97
N THR C 128 -41.40 -12.88 7.37
CA THR C 128 -41.69 -11.63 8.06
C THR C 128 -43.19 -11.53 8.32
N ARG C 129 -43.56 -10.63 9.23
CA ARG C 129 -44.95 -10.45 9.64
C ARG C 129 -45.74 -9.69 8.57
N THR C 130 -47.05 -9.94 8.54
CA THR C 130 -47.90 -9.20 7.61
C THR C 130 -48.29 -7.84 8.21
N PRO C 131 -48.17 -6.75 7.44
CA PRO C 131 -48.52 -5.43 7.97
C PRO C 131 -50.00 -5.09 7.79
N LYS C 132 -50.43 -4.07 8.55
CA LYS C 132 -51.73 -3.45 8.33
C LYS C 132 -51.69 -2.52 7.12
N GLU C 133 -52.73 -2.56 6.30
CA GLU C 133 -52.84 -1.60 5.20
C GLU C 133 -53.29 -0.25 5.75
N MET C 134 -52.59 0.82 5.36
CA MET C 134 -52.87 2.13 5.94
C MET C 134 -54.19 2.72 5.43
N THR C 135 -54.97 3.27 6.37
CA THR C 135 -56.14 4.09 6.03
C THR C 135 -55.69 5.50 5.63
N LYS C 136 -56.64 6.27 5.11
CA LYS C 136 -56.32 7.66 4.80
C LYS C 136 -55.99 8.46 6.05
N ALA C 137 -56.57 8.11 7.19
CA ALA C 137 -56.16 8.77 8.44
C ALA C 137 -54.71 8.44 8.77
N ASP C 138 -54.28 7.19 8.54
CA ASP C 138 -52.88 6.82 8.80
C ASP C 138 -51.91 7.54 7.87
N ILE C 139 -52.30 7.75 6.61
CA ILE C 139 -51.43 8.49 5.69
C ILE C 139 -51.26 9.94 6.14
N GLU C 140 -52.37 10.62 6.46
CA GLU C 140 -52.24 11.99 6.94
C GLU C 140 -51.41 12.09 8.21
N GLU C 141 -51.56 11.13 9.14
CA GLU C 141 -50.85 11.17 10.41
C GLU C 141 -49.34 10.97 10.21
N THR C 142 -48.98 10.13 9.22
CA THR C 142 -47.57 9.79 9.02
C THR C 142 -46.83 10.92 8.33
N ILE C 143 -47.49 11.57 7.35
CA ILE C 143 -46.99 12.83 6.76
C ILE C 143 -46.76 13.89 7.84
N GLN C 144 -47.68 14.02 8.81
CA GLN C 144 -47.49 15.02 9.86
C GLN C 144 -46.29 14.69 10.75
N ALA C 145 -46.03 13.39 10.99
CA ALA C 145 -44.86 13.03 11.80
C ALA C 145 -43.57 13.45 11.10
N PHE C 146 -43.52 13.31 9.77
CA PHE C 146 -42.32 13.75 9.05
C PHE C 146 -42.14 15.26 9.20
N GLN C 147 -43.24 16.04 9.16
CA GLN C 147 -43.15 17.50 9.33
C GLN C 147 -42.65 17.87 10.72
N ASN C 148 -43.14 17.19 11.75
CA ASN C 148 -42.73 17.50 13.10
C ASN C 148 -41.22 17.16 13.29
N GLY C 149 -40.76 16.05 12.71
CA GLY C 149 -39.32 15.69 12.77
C GLY C 149 -38.43 16.77 12.17
N ALA C 150 -38.82 17.32 11.02
CA ALA C 150 -38.05 18.39 10.39
C ALA C 150 -38.01 19.65 11.25
N ARG C 151 -39.15 20.02 11.85
CA ARG C 151 -39.15 21.16 12.79
C ARG C 151 -38.23 20.94 13.98
N ARG C 152 -38.24 19.73 14.55
CA ARG C 152 -37.34 19.43 15.65
C ARG C 152 -35.86 19.49 15.19
N ALA C 153 -35.56 19.02 13.98
CA ALA C 153 -34.18 19.04 13.48
C ALA C 153 -33.68 20.47 13.28
N LYS C 154 -34.56 21.35 12.79
CA LYS C 154 -34.22 22.78 12.67
C LYS C 154 -33.89 23.37 14.04
N GLU C 155 -34.71 23.05 15.04
CA GLU C 155 -34.53 23.58 16.40
C GLU C 155 -33.22 23.09 17.01
N ALA C 156 -32.82 21.85 16.70
CA ALA C 156 -31.58 21.30 17.25
C ALA C 156 -30.31 21.83 16.57
N GLY C 157 -30.43 22.51 15.43
CA GLY C 157 -29.30 23.15 14.78
C GLY C 157 -28.65 22.43 13.60
N PHE C 158 -29.30 21.41 13.02
CA PHE C 158 -28.76 20.72 11.84
C PHE C 158 -28.59 21.66 10.65
N ASP C 159 -27.58 21.36 9.78
CA ASP C 159 -27.36 22.13 8.55
C ASP C 159 -28.15 21.58 7.37
N ILE C 160 -28.34 20.26 7.31
CA ILE C 160 -28.92 19.56 6.17
C ILE C 160 -29.95 18.54 6.68
N ILE C 161 -31.07 18.40 5.95
CA ILE C 161 -32.05 17.34 6.17
C ILE C 161 -32.12 16.41 4.96
N GLU C 162 -32.14 15.08 5.21
CA GLU C 162 -32.38 14.05 4.19
C GLU C 162 -33.61 13.19 4.52
N ILE C 163 -34.44 12.95 3.48
CA ILE C 163 -35.61 12.05 3.57
C ILE C 163 -35.23 10.67 3.05
N HIS C 164 -35.48 9.62 3.85
CA HIS C 164 -35.14 8.23 3.47
C HIS C 164 -36.28 7.63 2.63
N ALA C 165 -36.15 7.66 1.30
CA ALA C 165 -37.13 7.02 0.41
C ALA C 165 -36.62 5.72 -0.26
N ALA C 166 -35.62 5.04 0.33
CA ALA C 166 -34.95 3.91 -0.30
C ALA C 166 -34.93 2.62 0.54
N HIS C 167 -34.21 1.61 0.03
CA HIS C 167 -33.91 0.33 0.71
C HIS C 167 -35.16 -0.41 1.24
N GLY C 168 -36.28 -0.25 0.55
CA GLY C 168 -37.48 -1.03 0.84
C GLY C 168 -38.27 -0.61 2.07
N TYR C 169 -37.95 0.55 2.68
CA TYR C 169 -38.69 0.99 3.87
C TYR C 169 -39.99 1.69 3.42
N LEU C 170 -40.67 2.45 4.31
CA LEU C 170 -42.07 2.84 4.07
C LEU C 170 -42.28 3.60 2.76
N ILE C 171 -41.51 4.69 2.51
CA ILE C 171 -41.75 5.46 1.30
C ILE C 171 -41.42 4.65 0.03
N ASN C 172 -40.31 3.87 0.05
CA ASN C 172 -39.96 2.98 -1.07
C ASN C 172 -41.09 1.98 -1.37
N GLU C 173 -41.79 1.52 -0.33
CA GLU C 173 -42.91 0.58 -0.50
C GLU C 173 -44.10 1.19 -1.27
N PHE C 174 -44.36 2.50 -1.10
CA PHE C 174 -45.34 3.22 -1.95
C PHE C 174 -44.84 3.39 -3.40
N LEU C 175 -43.53 3.62 -3.60
CA LEU C 175 -43.03 3.91 -4.95
C LEU C 175 -43.05 2.67 -5.86
N SER C 176 -42.72 1.44 -5.29
CA SER C 176 -42.53 0.27 -6.14
C SER C 176 -43.86 -0.44 -6.40
N PRO C 177 -44.14 -0.82 -7.66
CA PRO C 177 -45.29 -1.73 -7.93
C PRO C 177 -45.17 -3.12 -7.32
N LEU C 178 -43.98 -3.53 -6.91
CA LEU C 178 -43.78 -4.83 -6.29
C LEU C 178 -44.48 -4.90 -4.94
N SER C 179 -44.54 -3.77 -4.23
CA SER C 179 -45.07 -3.65 -2.88
C SER C 179 -46.38 -2.87 -2.78
N ASN C 180 -46.69 -1.99 -3.73
CA ASN C 180 -47.89 -1.14 -3.70
C ASN C 180 -48.96 -1.69 -4.64
N LYS C 181 -50.01 -2.29 -4.07
CA LYS C 181 -51.13 -2.81 -4.86
C LYS C 181 -52.42 -1.99 -4.67
N ARG C 182 -52.31 -0.77 -4.13
CA ARG C 182 -53.48 0.04 -3.76
C ARG C 182 -54.31 0.49 -4.98
N GLN C 183 -55.60 0.71 -4.72
CA GLN C 183 -56.54 1.12 -5.76
C GLN C 183 -57.13 2.51 -5.55
N ASP C 184 -56.77 3.21 -4.47
CA ASP C 184 -57.17 4.61 -4.32
C ASP C 184 -56.18 5.52 -5.04
N GLU C 185 -56.09 6.81 -4.68
CA GLU C 185 -55.24 7.71 -5.45
C GLU C 185 -53.75 7.58 -5.08
N TYR C 186 -53.43 6.64 -4.23
CA TYR C 186 -52.04 6.39 -3.83
C TYR C 186 -51.42 5.20 -4.57
N GLY C 187 -52.17 4.59 -5.52
CA GLY C 187 -51.65 3.45 -6.24
C GLY C 187 -52.15 3.38 -7.68
N GLY C 188 -51.49 2.53 -8.46
CA GLY C 188 -52.02 2.12 -9.74
C GLY C 188 -51.63 2.96 -10.94
N SER C 189 -50.79 3.98 -10.78
CA SER C 189 -50.17 4.70 -11.90
C SER C 189 -48.85 5.31 -11.40
N PRO C 190 -47.96 5.75 -12.31
CA PRO C 190 -46.72 6.42 -11.85
C PRO C 190 -46.98 7.65 -10.99
N GLU C 191 -47.96 8.49 -11.34
CA GLU C 191 -48.23 9.69 -10.53
C GLU C 191 -48.83 9.32 -9.19
N ASN C 192 -49.67 8.28 -9.14
CA ASN C 192 -50.26 7.91 -7.85
C ASN C 192 -49.23 7.27 -6.92
N ARG C 193 -48.31 6.45 -7.46
CA ARG C 193 -47.30 5.88 -6.57
C ARG C 193 -46.28 6.94 -6.09
N TYR C 194 -46.07 8.02 -6.85
CA TYR C 194 -45.22 9.11 -6.36
C TYR C 194 -45.87 9.94 -5.25
N ARG C 195 -47.21 9.87 -5.08
CA ARG C 195 -47.93 10.87 -4.30
C ARG C 195 -47.51 10.95 -2.84
N PHE C 196 -47.30 9.81 -2.17
CA PHE C 196 -46.85 9.85 -0.78
C PHE C 196 -45.51 10.61 -0.63
N LEU C 197 -44.51 10.35 -1.52
CA LEU C 197 -43.23 11.10 -1.44
C LEU C 197 -43.43 12.59 -1.72
N GLY C 198 -44.19 12.93 -2.78
CA GLY C 198 -44.44 14.34 -3.08
C GLY C 198 -45.07 15.09 -1.93
N GLU C 199 -45.98 14.44 -1.18
CA GLU C 199 -46.62 15.11 -0.05
C GLU C 199 -45.69 15.23 1.16
N VAL C 200 -44.81 14.23 1.41
CA VAL C 200 -43.79 14.39 2.45
C VAL C 200 -42.85 15.58 2.12
N ILE C 201 -42.41 15.71 0.86
CA ILE C 201 -41.52 16.83 0.49
C ILE C 201 -42.20 18.19 0.77
N ASP C 202 -43.46 18.37 0.32
CA ASP C 202 -44.14 19.65 0.57
C ASP C 202 -44.30 19.96 2.07
N ALA C 203 -44.61 18.95 2.88
CA ALA C 203 -44.80 19.17 4.32
C ALA C 203 -43.48 19.58 5.00
N VAL C 204 -42.36 18.99 4.59
CA VAL C 204 -41.06 19.37 5.17
C VAL C 204 -40.72 20.81 4.77
N LYS C 205 -40.98 21.18 3.51
CA LYS C 205 -40.64 22.51 3.03
C LYS C 205 -41.47 23.62 3.72
N GLU C 206 -42.63 23.28 4.29
CA GLU C 206 -43.40 24.27 5.05
C GLU C 206 -42.68 24.76 6.29
N VAL C 207 -41.75 23.99 6.85
CA VAL C 207 -41.06 24.32 8.10
C VAL C 207 -39.54 24.43 7.94
N TRP C 208 -38.99 24.17 6.75
CA TRP C 208 -37.53 24.09 6.59
C TRP C 208 -37.10 24.70 5.27
N ASP C 209 -36.23 25.72 5.33
CA ASP C 209 -35.74 26.43 4.15
C ASP C 209 -34.32 26.06 3.74
N GLY C 210 -33.63 25.24 4.52
CA GLY C 210 -32.25 24.90 4.22
C GLY C 210 -32.13 23.80 3.17
N PRO C 211 -30.90 23.33 2.95
CA PRO C 211 -30.67 22.23 1.99
C PRO C 211 -31.46 20.97 2.32
N LEU C 212 -32.09 20.39 1.29
CA LEU C 212 -32.93 19.18 1.40
C LEU C 212 -32.42 18.11 0.45
N PHE C 213 -32.05 16.95 0.99
CA PHE C 213 -31.62 15.77 0.23
C PHE C 213 -32.78 14.74 0.22
N VAL C 214 -32.85 13.92 -0.83
CA VAL C 214 -33.64 12.67 -0.83
C VAL C 214 -32.73 11.49 -1.27
N ARG C 215 -32.78 10.36 -0.53
CA ARG C 215 -32.09 9.11 -0.94
C ARG C 215 -33.10 8.18 -1.62
N ILE C 216 -32.75 7.65 -2.80
CA ILE C 216 -33.58 6.71 -3.58
C ILE C 216 -32.85 5.37 -3.78
N SER C 217 -33.65 4.31 -4.05
CA SER C 217 -33.12 3.06 -4.61
C SER C 217 -33.47 3.07 -6.11
N ALA C 218 -32.48 3.42 -6.96
CA ALA C 218 -32.77 3.74 -8.36
C ALA C 218 -33.14 2.52 -9.21
N SER C 219 -32.93 1.30 -8.72
CA SER C 219 -33.41 0.06 -9.34
C SER C 219 -33.93 -0.92 -8.30
N ASP C 220 -35.00 -1.65 -8.65
CA ASP C 220 -35.52 -2.79 -7.88
C ASP C 220 -34.75 -4.10 -8.13
N TYR C 221 -33.92 -4.14 -9.18
CA TYR C 221 -33.28 -5.37 -9.72
C TYR C 221 -34.28 -6.53 -9.94
N HIS C 222 -35.42 -6.22 -10.59
CA HIS C 222 -36.50 -7.19 -10.89
C HIS C 222 -37.08 -6.85 -12.26
N PRO C 223 -37.36 -7.86 -13.11
CA PRO C 223 -37.89 -7.54 -14.45
C PRO C 223 -39.24 -6.84 -14.43
N GLU C 224 -40.06 -7.02 -13.38
CA GLU C 224 -41.33 -6.30 -13.23
C GLU C 224 -41.30 -5.05 -12.35
N GLY C 225 -40.14 -4.64 -11.82
CA GLY C 225 -40.03 -3.51 -10.93
C GLY C 225 -39.44 -2.29 -11.59
N LEU C 226 -39.11 -1.30 -10.75
CA LEU C 226 -38.61 -0.02 -11.27
C LEU C 226 -37.16 -0.12 -11.78
N THR C 227 -36.83 0.71 -12.78
CA THR C 227 -35.44 0.89 -13.25
C THR C 227 -35.06 2.38 -13.19
N VAL C 228 -33.78 2.71 -13.48
CA VAL C 228 -33.39 4.12 -13.42
C VAL C 228 -34.25 4.99 -14.34
N LYS C 229 -34.77 4.42 -15.43
CA LYS C 229 -35.55 5.22 -16.38
C LYS C 229 -36.87 5.67 -15.77
N ASP C 230 -37.39 4.93 -14.78
CA ASP C 230 -38.56 5.40 -14.04
C ASP C 230 -38.24 6.54 -13.08
N TYR C 231 -37.01 6.63 -12.58
CA TYR C 231 -36.66 7.67 -11.64
C TYR C 231 -36.29 8.99 -12.31
N VAL C 232 -36.06 9.04 -13.62
CA VAL C 232 -35.67 10.31 -14.25
C VAL C 232 -36.84 11.29 -14.18
N PRO C 233 -38.08 10.92 -14.56
CA PRO C 233 -39.20 11.88 -14.37
C PRO C 233 -39.48 12.19 -12.89
N TYR C 234 -39.30 11.22 -11.99
CA TYR C 234 -39.48 11.54 -10.57
C TYR C 234 -38.46 12.59 -10.09
N ALA C 235 -37.20 12.51 -10.56
CA ALA C 235 -36.20 13.52 -10.18
C ALA C 235 -36.49 14.89 -10.78
N LYS C 236 -37.05 14.97 -12.01
CA LYS C 236 -37.47 16.26 -12.56
C LYS C 236 -38.56 16.91 -11.70
N ARG C 237 -39.46 16.10 -11.14
CA ARG C 237 -40.52 16.65 -10.28
C ARG C 237 -39.96 17.08 -8.93
N MET C 238 -39.04 16.27 -8.37
CA MET C 238 -38.40 16.62 -7.11
C MET C 238 -37.65 17.96 -7.24
N LYS C 239 -36.98 18.21 -8.38
CA LYS C 239 -36.30 19.50 -8.55
C LYS C 239 -37.31 20.67 -8.50
N LYS C 240 -38.46 20.50 -9.17
CA LYS C 240 -39.45 21.59 -9.18
C LYS C 240 -39.97 21.89 -7.79
N GLN C 241 -40.07 20.87 -6.95
CA GLN C 241 -40.54 21.04 -5.59
C GLN C 241 -39.47 21.56 -4.62
N GLY C 242 -38.22 21.79 -5.07
CA GLY C 242 -37.19 22.38 -4.22
C GLY C 242 -36.22 21.43 -3.52
N VAL C 243 -36.13 20.17 -3.96
CA VAL C 243 -35.05 19.29 -3.51
C VAL C 243 -33.73 19.75 -4.13
N ASP C 244 -32.65 19.77 -3.34
CA ASP C 244 -31.35 20.28 -3.79
C ASP C 244 -30.39 19.20 -4.30
N LEU C 245 -30.50 17.96 -3.83
CA LEU C 245 -29.56 16.91 -4.22
C LEU C 245 -30.20 15.53 -4.03
N ILE C 246 -29.98 14.61 -4.99
CA ILE C 246 -30.44 13.23 -4.88
C ILE C 246 -29.25 12.35 -4.53
N ASP C 247 -29.36 11.63 -3.42
CA ASP C 247 -28.37 10.68 -2.91
C ASP C 247 -28.75 9.28 -3.46
N VAL C 248 -27.96 8.75 -4.41
CA VAL C 248 -28.41 7.67 -5.31
C VAL C 248 -27.86 6.31 -4.85
N SER C 249 -28.72 5.50 -4.23
CA SER C 249 -28.47 4.09 -3.89
C SER C 249 -29.31 3.18 -4.81
N SER C 250 -29.40 1.87 -4.46
CA SER C 250 -30.19 0.91 -5.23
C SER C 250 -30.50 -0.31 -4.37
N GLY C 251 -31.48 -1.11 -4.84
CA GLY C 251 -31.74 -2.42 -4.27
C GLY C 251 -32.42 -2.42 -2.91
N GLN C 252 -32.39 -3.62 -2.29
CA GLN C 252 -33.02 -3.95 -1.00
C GLN C 252 -34.55 -3.90 -1.05
N VAL C 253 -35.14 -3.85 -2.25
CA VAL C 253 -36.60 -3.81 -2.45
C VAL C 253 -37.18 -5.22 -2.58
N PHE C 254 -36.56 -6.08 -3.41
CA PHE C 254 -36.93 -7.49 -3.58
C PHE C 254 -35.90 -8.36 -2.84
N PRO C 255 -36.36 -9.42 -2.15
CA PRO C 255 -35.47 -10.16 -1.20
C PRO C 255 -34.52 -11.14 -1.90
N ALA C 256 -33.56 -10.58 -2.62
CA ALA C 256 -32.51 -11.33 -3.27
C ALA C 256 -31.21 -10.52 -3.22
N ASN C 257 -30.09 -11.21 -3.34
CA ASN C 257 -28.77 -10.59 -3.37
C ASN C 257 -28.24 -10.50 -4.80
N ILE C 258 -27.31 -9.57 -5.03
CA ILE C 258 -26.74 -9.31 -6.34
C ILE C 258 -25.21 -9.29 -6.25
N SER C 259 -24.56 -9.33 -7.40
CA SER C 259 -23.11 -9.29 -7.50
C SER C 259 -22.63 -7.85 -7.55
N VAL C 260 -21.74 -7.47 -6.64
CA VAL C 260 -21.34 -6.07 -6.54
C VAL C 260 -19.89 -5.94 -7.03
N TYR C 261 -19.47 -4.69 -7.31
CA TYR C 261 -18.12 -4.42 -7.81
C TYR C 261 -17.85 -2.92 -7.63
N PRO C 262 -16.58 -2.47 -7.77
CA PRO C 262 -16.27 -1.06 -7.44
C PRO C 262 -17.02 -0.08 -8.34
N GLY C 263 -17.73 0.87 -7.70
CA GLY C 263 -18.50 1.84 -8.47
C GLY C 263 -19.79 1.34 -9.13
N TYR C 264 -20.38 0.25 -8.63
CA TYR C 264 -21.52 -0.38 -9.32
C TYR C 264 -22.78 0.50 -9.37
N GLN C 265 -22.90 1.51 -8.49
CA GLN C 265 -24.06 2.43 -8.50
C GLN C 265 -23.71 3.82 -9.09
N VAL C 266 -22.45 4.05 -9.48
CA VAL C 266 -22.10 5.33 -10.15
C VAL C 266 -22.87 5.60 -11.45
N PRO C 267 -23.13 4.62 -12.35
CA PRO C 267 -23.95 4.95 -13.54
C PRO C 267 -25.32 5.49 -13.20
N PHE C 268 -25.94 5.04 -12.09
CA PHE C 268 -27.23 5.60 -11.70
C PHE C 268 -27.09 7.08 -11.28
N ALA C 269 -26.05 7.42 -10.49
CA ALA C 269 -25.84 8.81 -10.09
C ALA C 269 -25.65 9.74 -11.27
N GLU C 270 -24.91 9.29 -12.30
CA GLU C 270 -24.65 10.15 -13.46
C GLU C 270 -25.89 10.28 -14.37
N THR C 271 -26.69 9.22 -14.52
CA THR C 271 -27.91 9.32 -15.35
C THR C 271 -28.90 10.31 -14.75
N ILE C 272 -29.12 10.24 -13.43
CA ILE C 272 -29.98 11.23 -12.77
C ILE C 272 -29.40 12.64 -12.94
N ARG C 273 -28.08 12.80 -12.70
CA ARG C 273 -27.45 14.13 -12.75
C ARG C 273 -27.61 14.80 -14.12
N ARG C 274 -27.30 14.06 -15.21
CA ARG C 274 -27.28 14.64 -16.56
C ARG C 274 -28.71 14.77 -17.14
N GLU C 275 -29.59 13.80 -16.90
CA GLU C 275 -30.94 13.82 -17.52
C GLU C 275 -31.96 14.66 -16.75
N ALA C 276 -31.84 14.79 -15.42
CA ALA C 276 -32.72 15.67 -14.67
C ALA C 276 -32.08 17.01 -14.30
N GLU C 277 -30.79 17.19 -14.66
CA GLU C 277 -30.06 18.43 -14.39
C GLU C 277 -30.18 18.85 -12.91
N ILE C 278 -29.87 17.90 -12.01
CA ILE C 278 -29.92 18.14 -10.55
C ILE C 278 -28.63 17.56 -9.94
N ALA C 279 -28.15 18.19 -8.86
CA ALA C 279 -26.94 17.68 -8.21
C ALA C 279 -27.16 16.29 -7.61
N THR C 280 -26.10 15.45 -7.56
CA THR C 280 -26.24 14.09 -7.03
C THR C 280 -25.07 13.70 -6.14
N GLY C 281 -25.33 12.69 -5.30
CA GLY C 281 -24.28 12.01 -4.52
C GLY C 281 -24.14 10.56 -4.96
N ALA C 282 -22.89 10.08 -5.06
CA ALA C 282 -22.57 8.69 -5.37
C ALA C 282 -22.16 7.90 -4.12
N VAL C 283 -22.55 6.61 -4.06
CA VAL C 283 -22.23 5.71 -2.95
C VAL C 283 -22.10 4.28 -3.47
N GLY C 284 -21.27 3.47 -2.81
CA GLY C 284 -21.17 2.02 -3.03
C GLY C 284 -19.76 1.54 -3.45
N LEU C 285 -19.05 0.98 -2.48
CA LEU C 285 -17.66 0.47 -2.64
C LEU C 285 -16.72 1.56 -3.16
N ILE C 286 -16.90 2.79 -2.64
CA ILE C 286 -15.93 3.87 -2.83
C ILE C 286 -14.95 3.80 -1.65
N THR C 287 -13.71 3.39 -1.94
CA THR C 287 -12.69 3.19 -0.90
C THR C 287 -11.35 3.87 -1.15
N SER C 288 -11.14 4.53 -2.29
CA SER C 288 -9.82 5.14 -2.46
C SER C 288 -9.89 6.53 -3.06
N GLY C 289 -8.87 7.33 -2.72
CA GLY C 289 -8.80 8.71 -3.23
C GLY C 289 -8.72 8.78 -4.75
N TRP C 290 -7.93 7.88 -5.38
CA TRP C 290 -7.81 7.83 -6.83
C TRP C 290 -9.17 7.63 -7.51
N GLN C 291 -9.95 6.69 -6.98
CA GLN C 291 -11.31 6.43 -7.47
C GLN C 291 -12.23 7.65 -7.29
N ALA C 292 -12.18 8.31 -6.12
CA ALA C 292 -13.09 9.41 -5.83
C ALA C 292 -12.84 10.62 -6.73
N GLU C 293 -11.57 10.92 -7.02
CA GLU C 293 -11.25 12.03 -7.93
C GLU C 293 -11.79 11.80 -9.34
N GLU C 294 -11.76 10.53 -9.83
CA GLU C 294 -12.30 10.22 -11.17
C GLU C 294 -13.81 10.47 -11.25
N ILE C 295 -14.58 10.03 -10.24
CA ILE C 295 -16.03 10.27 -10.20
C ILE C 295 -16.33 11.77 -10.34
N LEU C 296 -15.64 12.60 -9.54
CA LEU C 296 -15.93 14.04 -9.52
C LEU C 296 -15.47 14.76 -10.80
N ARG C 297 -14.23 14.52 -11.24
CA ARG C 297 -13.69 15.29 -12.39
C ARG C 297 -14.39 14.93 -13.73
N ASN C 298 -14.91 13.70 -13.88
CA ASN C 298 -15.64 13.29 -15.07
C ASN C 298 -17.15 13.60 -14.96
N GLY C 299 -17.57 14.30 -13.91
CA GLY C 299 -18.93 14.82 -13.88
C GLY C 299 -19.95 13.75 -13.58
N ARG C 300 -19.55 12.68 -12.88
CA ARG C 300 -20.49 11.60 -12.56
C ARG C 300 -21.34 11.92 -11.32
N ALA C 301 -20.85 12.77 -10.42
CA ALA C 301 -21.57 13.17 -9.20
C ALA C 301 -20.91 14.43 -8.65
N ASP C 302 -21.57 15.06 -7.64
CA ASP C 302 -21.02 16.25 -7.01
C ASP C 302 -20.42 16.04 -5.63
N LEU C 303 -20.86 15.01 -4.90
CA LEU C 303 -20.34 14.61 -3.58
C LEU C 303 -20.12 13.09 -3.58
N VAL C 304 -19.10 12.62 -2.82
CA VAL C 304 -18.83 11.18 -2.71
C VAL C 304 -19.15 10.75 -1.27
N PHE C 305 -19.97 9.68 -1.13
CA PHE C 305 -20.44 9.15 0.16
C PHE C 305 -19.66 7.88 0.52
N LEU C 306 -19.16 7.79 1.75
CA LEU C 306 -18.41 6.61 2.26
C LEU C 306 -19.07 6.07 3.53
N ALA C 307 -19.34 4.75 3.57
CA ALA C 307 -19.84 4.08 4.77
C ALA C 307 -18.80 3.13 5.37
N ARG C 308 -18.68 1.90 4.82
CA ARG C 308 -17.80 0.90 5.46
C ARG C 308 -16.34 1.35 5.57
N GLU C 309 -15.79 2.07 4.59
CA GLU C 309 -14.37 2.49 4.72
C GLU C 309 -14.15 3.37 5.97
N LEU C 310 -15.16 4.20 6.35
CA LEU C 310 -15.03 5.11 7.49
C LEU C 310 -15.23 4.38 8.82
N LEU C 311 -15.77 3.13 8.81
CA LEU C 311 -15.72 2.27 9.98
C LEU C 311 -14.30 1.68 10.18
N ARG C 312 -13.59 1.37 9.11
CA ARG C 312 -12.23 0.79 9.19
C ARG C 312 -11.17 1.84 9.50
N ASN C 313 -11.28 3.02 8.87
CA ASN C 313 -10.33 4.12 9.06
C ASN C 313 -11.05 5.46 9.09
N PRO C 314 -11.29 6.00 10.29
CA PRO C 314 -12.08 7.23 10.41
C PRO C 314 -11.29 8.47 9.99
N TYR C 315 -9.95 8.38 9.85
CA TYR C 315 -9.18 9.49 9.27
C TYR C 315 -8.81 9.24 7.81
N TRP C 316 -9.70 8.57 7.05
CA TRP C 316 -9.47 8.37 5.60
C TRP C 316 -9.07 9.61 4.81
N PRO C 317 -9.64 10.83 5.05
CA PRO C 317 -9.22 11.98 4.25
C PRO C 317 -7.68 12.22 4.26
N TYR C 318 -6.97 11.92 5.37
CA TYR C 318 -5.49 12.04 5.35
C TYR C 318 -4.87 11.05 4.37
N ALA C 319 -5.32 9.78 4.42
CA ALA C 319 -4.80 8.76 3.50
C ALA C 319 -5.12 9.08 2.04
N ALA C 320 -6.35 9.57 1.75
CA ALA C 320 -6.72 9.91 0.37
C ALA C 320 -5.86 11.05 -0.17
N ALA C 321 -5.54 12.06 0.67
CA ALA C 321 -4.70 13.17 0.21
C ALA C 321 -3.27 12.69 -0.15
N LYS C 322 -2.73 11.75 0.62
CA LYS C 322 -1.39 11.20 0.34
C LYS C 322 -1.39 10.40 -0.97
N GLU C 323 -2.45 9.61 -1.19
CA GLU C 323 -2.58 8.84 -2.43
C GLU C 323 -2.60 9.75 -3.68
N LEU C 324 -3.25 10.92 -3.60
CA LEU C 324 -3.40 11.87 -4.69
C LEU C 324 -2.21 12.82 -4.81
N GLY C 325 -1.22 12.72 -3.93
CA GLY C 325 -0.08 13.62 -3.95
C GLY C 325 -0.34 15.08 -3.57
N THR C 326 -1.31 15.36 -2.69
CA THR C 326 -1.71 16.71 -2.31
C THR C 326 -1.61 16.88 -0.79
N THR C 327 -1.83 18.11 -0.28
CA THR C 327 -1.86 18.37 1.16
C THR C 327 -3.21 18.96 1.57
N ILE C 328 -3.61 18.69 2.82
CA ILE C 328 -4.82 19.26 3.41
C ILE C 328 -4.51 19.77 4.81
N PRO C 329 -5.30 20.72 5.32
CA PRO C 329 -5.12 21.17 6.72
C PRO C 329 -5.38 20.05 7.73
N ALA C 330 -4.46 19.93 8.71
CA ALA C 330 -4.55 18.95 9.79
C ALA C 330 -5.04 19.63 11.07
N PRO C 331 -5.72 18.91 11.97
CA PRO C 331 -5.84 19.43 13.34
C PRO C 331 -4.47 19.81 13.94
N VAL C 332 -4.43 21.00 14.54
CA VAL C 332 -3.16 21.55 15.05
C VAL C 332 -2.45 20.59 16.00
N GLN C 333 -3.21 19.83 16.81
CA GLN C 333 -2.60 18.90 17.74
C GLN C 333 -1.82 17.74 17.06
N TYR C 334 -2.11 17.45 15.78
CA TYR C 334 -1.64 16.27 15.06
C TYR C 334 -0.62 16.63 13.96
N GLU C 335 -0.19 17.88 13.92
CA GLU C 335 0.72 18.33 12.85
C GLU C 335 2.02 17.53 12.78
N ARG C 336 2.57 17.08 13.92
CA ARG C 336 3.82 16.32 13.85
C ARG C 336 3.58 14.87 13.36
N GLY C 337 2.33 14.42 13.30
CA GLY C 337 2.01 13.11 12.75
C GLY C 337 1.55 13.12 11.28
N TRP C 338 0.83 14.18 10.89
CA TRP C 338 0.23 14.26 9.54
C TRP C 338 1.24 14.96 8.61
N ARG C 339 2.32 14.27 8.34
CA ARG C 339 3.30 14.73 7.36
C ARG C 339 2.89 14.30 5.96
N PHE C 340 3.03 15.19 5.00
CA PHE C 340 2.70 14.86 3.63
C PHE C 340 3.98 14.71 2.82
N MET D 1 -3.81 -17.09 11.82
CA MET D 1 -2.43 -17.33 12.22
C MET D 1 -2.27 -16.81 13.63
N GLU D 2 -1.84 -17.65 14.56
CA GLU D 2 -1.51 -17.16 15.90
C GLU D 2 -0.34 -16.19 15.81
N THR D 3 -0.51 -15.00 16.38
CA THR D 3 0.59 -14.04 16.46
C THR D 3 0.89 -13.77 17.92
N MET D 4 2.08 -13.23 18.17
CA MET D 4 2.41 -12.71 19.50
C MET D 4 1.84 -11.29 19.68
N LEU D 5 1.76 -10.49 18.61
CA LEU D 5 1.23 -9.13 18.73
C LEU D 5 -0.16 -9.09 19.37
N PHE D 6 -1.03 -10.06 19.04
CA PHE D 6 -2.37 -10.09 19.61
C PHE D 6 -2.56 -11.16 20.69
N SER D 7 -1.47 -11.50 21.40
CA SER D 7 -1.61 -12.36 22.56
C SER D 7 -1.65 -11.53 23.84
N PRO D 8 -2.34 -11.98 24.89
CA PRO D 8 -2.50 -11.17 26.10
C PRO D 8 -1.20 -11.06 26.88
N TYR D 9 -1.21 -10.17 27.88
CA TYR D 9 -0.05 -9.93 28.71
C TYR D 9 -0.53 -9.48 30.08
N THR D 10 -0.08 -10.16 31.14
CA THR D 10 -0.53 -9.88 32.51
C THR D 10 0.63 -9.35 33.36
N ILE D 11 0.38 -8.25 34.09
CA ILE D 11 1.31 -7.65 35.07
C ILE D 11 0.63 -7.47 36.44
N ARG D 12 0.99 -8.32 37.42
CA ARG D 12 0.53 -8.19 38.80
C ARG D 12 -0.99 -7.94 38.86
N GLY D 13 -1.73 -8.83 38.22
CA GLY D 13 -3.18 -8.77 38.25
C GLY D 13 -3.84 -8.06 37.10
N VAL D 14 -3.13 -7.18 36.37
CA VAL D 14 -3.70 -6.40 35.28
C VAL D 14 -3.40 -7.12 33.97
N THR D 15 -4.44 -7.51 33.23
CA THR D 15 -4.28 -8.24 31.97
C THR D 15 -4.65 -7.33 30.78
N LEU D 16 -3.68 -7.11 29.91
CA LEU D 16 -3.86 -6.39 28.65
C LEU D 16 -4.29 -7.35 27.56
N LYS D 17 -5.29 -6.94 26.76
CA LYS D 17 -5.83 -7.82 25.72
C LYS D 17 -4.85 -8.09 24.56
N ASN D 18 -3.84 -7.24 24.34
CA ASN D 18 -2.82 -7.43 23.31
C ASN D 18 -1.56 -6.69 23.76
N ARG D 19 -0.51 -6.66 22.91
CA ARG D 19 0.78 -6.05 23.26
C ARG D 19 0.95 -4.59 22.76
N ILE D 20 -0.13 -3.93 22.26
CA ILE D 20 -0.05 -2.60 21.65
C ILE D 20 -0.32 -1.53 22.72
N VAL D 21 0.51 -0.48 22.74
CA VAL D 21 0.46 0.60 23.72
C VAL D 21 0.43 1.95 23.02
N MET D 22 -0.49 2.85 23.41
CA MET D 22 -0.42 4.23 22.88
C MET D 22 0.51 5.07 23.76
N SER D 23 1.65 5.48 23.19
CA SER D 23 2.73 6.19 23.86
C SER D 23 2.25 7.60 24.27
N PRO D 24 2.73 8.12 25.42
CA PRO D 24 2.28 9.44 25.90
C PRO D 24 2.65 10.56 24.91
N MET D 25 1.67 11.44 24.58
CA MET D 25 1.88 12.56 23.64
C MET D 25 1.14 13.81 24.13
N CYS D 26 1.91 14.85 24.50
CA CYS D 26 1.32 16.15 24.86
C CYS D 26 0.41 16.70 23.76
N MET D 27 -0.76 17.21 24.17
CA MET D 27 -1.70 17.81 23.23
C MET D 27 -1.86 19.32 23.37
N PHE D 28 -1.28 19.94 24.40
CA PHE D 28 -1.33 21.40 24.53
C PHE D 28 -2.77 21.94 24.38
N SER D 29 -3.74 21.27 25.01
CA SER D 29 -5.15 21.61 24.77
C SER D 29 -5.92 21.98 26.05
N CYS D 30 -5.22 22.30 27.15
CA CYS D 30 -5.93 22.85 28.31
C CYS D 30 -6.07 24.36 28.12
N ASP D 31 -7.14 24.77 27.43
CA ASP D 31 -7.33 26.17 27.03
C ASP D 31 -7.66 27.11 28.21
N THR D 32 -8.04 26.59 29.37
CA THR D 32 -8.23 27.43 30.54
C THR D 32 -6.95 27.62 31.36
N GLU D 33 -5.84 26.96 30.97
CA GLU D 33 -4.54 27.08 31.64
C GLU D 33 -4.58 26.82 33.15
N ASP D 34 -5.34 25.81 33.55
CA ASP D 34 -5.40 25.37 34.93
C ASP D 34 -5.19 23.88 35.06
N GLY D 35 -4.70 23.21 34.00
CA GLY D 35 -4.46 21.79 34.03
C GLY D 35 -5.67 20.89 33.96
N LYS D 36 -6.89 21.42 33.77
CA LYS D 36 -8.07 20.55 33.85
C LYS D 36 -8.38 19.86 32.51
N VAL D 37 -8.95 18.63 32.61
CA VAL D 37 -9.42 17.89 31.43
C VAL D 37 -10.51 18.68 30.70
N ARG D 38 -10.41 18.73 29.36
CA ARG D 38 -11.28 19.54 28.50
C ARG D 38 -12.01 18.62 27.50
N ASN D 39 -12.94 19.18 26.70
CA ASN D 39 -13.65 18.36 25.71
C ASN D 39 -12.71 17.61 24.75
N TRP D 40 -11.63 18.27 24.31
CA TRP D 40 -10.67 17.66 23.36
C TRP D 40 -10.18 16.30 23.88
N HIS D 41 -9.75 16.25 25.15
CA HIS D 41 -9.21 15.00 25.69
C HIS D 41 -10.28 13.88 25.75
N LYS D 42 -11.56 14.24 26.00
CA LYS D 42 -12.61 13.23 26.08
C LYS D 42 -13.03 12.66 24.73
N ILE D 43 -12.61 13.26 23.61
CA ILE D 43 -12.72 12.58 22.30
C ILE D 43 -11.39 11.89 21.91
N HIS D 44 -10.25 12.58 22.11
CA HIS D 44 -8.93 12.08 21.67
C HIS D 44 -8.59 10.69 22.22
N TYR D 45 -8.72 10.48 23.55
CA TYR D 45 -8.25 9.21 24.12
C TYR D 45 -9.22 8.03 23.93
N PRO D 46 -10.54 8.21 24.14
CA PRO D 46 -11.47 7.09 23.84
C PRO D 46 -11.48 6.65 22.37
N THR D 47 -11.15 7.52 21.39
CA THR D 47 -11.04 7.07 19.99
C THR D 47 -10.08 5.87 19.85
N ARG D 48 -8.93 5.91 20.53
CA ARG D 48 -7.96 4.80 20.36
C ARG D 48 -8.37 3.54 21.13
N ALA D 49 -9.19 3.67 22.18
CA ALA D 49 -9.79 2.48 22.83
C ALA D 49 -10.78 1.76 21.92
N VAL D 50 -11.66 2.49 21.22
CA VAL D 50 -12.52 1.87 20.21
C VAL D 50 -11.68 1.15 19.16
N GLY D 51 -10.55 1.75 18.77
CA GLY D 51 -9.61 1.18 17.82
C GLY D 51 -8.90 -0.12 18.26
N GLN D 52 -9.14 -0.59 19.49
CA GLN D 52 -8.65 -1.86 20.06
C GLN D 52 -7.19 -1.81 20.50
N VAL D 53 -6.68 -0.63 20.82
CA VAL D 53 -5.39 -0.52 21.53
C VAL D 53 -5.54 -1.09 22.94
N GLY D 54 -4.56 -1.90 23.38
CA GLY D 54 -4.70 -2.58 24.66
C GLY D 54 -4.45 -1.72 25.89
N LEU D 55 -3.56 -0.75 25.77
CA LEU D 55 -3.18 0.10 26.91
C LEU D 55 -2.96 1.52 26.43
N ILE D 56 -3.65 2.50 27.03
CA ILE D 56 -3.55 3.92 26.63
C ILE D 56 -2.89 4.73 27.75
N ILE D 57 -1.78 5.41 27.44
CA ILE D 57 -1.04 6.18 28.43
C ILE D 57 -1.18 7.70 28.16
N LEU D 58 -1.73 8.44 29.13
CA LEU D 58 -1.89 9.87 28.98
C LEU D 58 -0.55 10.60 28.89
N GLU D 59 -0.58 11.72 28.19
CA GLU D 59 0.49 12.70 28.07
C GLU D 59 1.10 13.06 29.42
N ALA D 60 2.34 13.57 29.39
CA ALA D 60 3.00 14.07 30.61
C ALA D 60 2.07 15.03 31.37
N THR D 61 1.71 14.63 32.61
CA THR D 61 0.78 15.35 33.49
C THR D 61 1.57 15.91 34.68
N ALA D 62 1.67 17.23 34.78
CA ALA D 62 2.63 17.86 35.68
C ALA D 62 2.24 17.73 37.15
N VAL D 63 3.21 17.38 38.00
CA VAL D 63 2.93 17.15 39.41
C VAL D 63 2.94 18.42 40.26
N THR D 64 3.51 19.52 39.74
CA THR D 64 3.33 20.87 40.29
C THR D 64 3.14 21.80 39.09
N ALA D 65 2.61 23.00 39.37
CA ALA D 65 2.35 23.96 38.30
C ALA D 65 3.65 24.48 37.68
N GLN D 66 4.69 24.64 38.51
CA GLN D 66 6.03 24.99 38.05
C GLN D 66 6.63 23.91 37.15
N GLY D 67 6.17 22.67 37.26
CA GLY D 67 6.71 21.57 36.48
C GLY D 67 6.04 21.30 35.14
N ARG D 68 5.08 22.13 34.73
CA ARG D 68 4.52 22.05 33.38
C ARG D 68 5.59 22.40 32.34
N ILE D 69 5.47 21.78 31.16
CA ILE D 69 6.21 22.27 29.99
C ILE D 69 5.61 23.59 29.51
N SER D 70 4.30 23.61 29.25
CA SER D 70 3.60 24.79 28.78
C SER D 70 2.38 25.08 29.65
N SER D 71 1.81 26.26 29.45
CA SER D 71 0.64 26.63 30.24
C SER D 71 -0.63 25.87 29.84
N ARG D 72 -0.61 25.18 28.70
CA ARG D 72 -1.75 24.42 28.20
C ARG D 72 -1.64 22.94 28.51
N ASP D 73 -0.73 22.54 29.41
CA ASP D 73 -0.57 21.14 29.81
C ASP D 73 -1.69 20.64 30.76
N LEU D 74 -1.90 19.31 30.80
CA LEU D 74 -2.66 18.67 31.90
C LEU D 74 -1.88 18.72 33.22
N GLY D 75 -2.63 18.74 34.36
CA GLY D 75 -2.03 18.79 35.68
C GLY D 75 -2.65 17.81 36.67
N ILE D 76 -1.90 17.52 37.77
CA ILE D 76 -2.43 16.66 38.83
C ILE D 76 -1.94 17.21 40.19
N TRP D 77 -1.71 18.53 40.28
CA TRP D 77 -1.22 19.16 41.50
C TRP D 77 -2.32 19.58 42.49
N SER D 78 -3.59 19.25 42.23
CA SER D 78 -4.69 19.65 43.10
C SER D 78 -5.72 18.51 43.20
N ASP D 79 -6.41 18.43 44.35
CA ASP D 79 -7.52 17.48 44.45
C ASP D 79 -8.66 17.87 43.48
N GLU D 80 -8.68 19.11 43.02
CA GLU D 80 -9.67 19.55 42.02
C GLU D 80 -9.56 18.81 40.69
N HIS D 81 -8.37 18.27 40.38
CA HIS D 81 -8.11 17.58 39.11
C HIS D 81 -8.70 16.17 39.07
N VAL D 82 -8.96 15.57 40.24
CA VAL D 82 -9.43 14.17 40.31
C VAL D 82 -10.72 13.97 39.53
N GLY D 83 -11.65 14.93 39.60
CA GLY D 83 -12.97 14.71 39.03
C GLY D 83 -12.96 14.59 37.52
N GLY D 84 -12.31 15.54 36.84
CA GLY D 84 -12.19 15.46 35.39
C GLY D 84 -11.37 14.26 34.92
N LEU D 85 -10.31 13.87 35.68
CA LEU D 85 -9.55 12.67 35.30
C LEU D 85 -10.36 11.41 35.52
N ARG D 86 -11.19 11.35 36.57
CA ARG D 86 -12.04 10.17 36.74
C ARG D 86 -13.00 9.98 35.58
N GLU D 87 -13.59 11.08 35.04
CA GLU D 87 -14.51 10.93 33.91
C GLU D 87 -13.78 10.33 32.72
N LEU D 88 -12.54 10.76 32.52
CA LEU D 88 -11.75 10.27 31.39
C LEU D 88 -11.43 8.77 31.53
N VAL D 89 -11.03 8.32 32.74
CA VAL D 89 -10.81 6.88 32.96
C VAL D 89 -12.07 6.09 32.60
N SER D 90 -13.23 6.57 33.03
CA SER D 90 -14.47 5.83 32.77
C SER D 90 -14.77 5.70 31.27
N LEU D 91 -14.52 6.78 30.51
CA LEU D 91 -14.79 6.77 29.06
C LEU D 91 -13.82 5.83 28.31
N VAL D 92 -12.59 5.70 28.78
CA VAL D 92 -11.62 4.82 28.12
C VAL D 92 -11.90 3.34 28.42
N LYS D 93 -12.14 3.01 29.70
CA LYS D 93 -12.24 1.59 30.10
C LYS D 93 -13.53 0.92 29.64
N GLU D 94 -14.56 1.70 29.30
CA GLU D 94 -15.75 1.13 28.66
C GLU D 94 -15.43 0.18 27.50
N HIS D 95 -14.34 0.41 26.76
CA HIS D 95 -14.07 -0.35 25.55
C HIS D 95 -13.06 -1.48 25.75
N GLY D 96 -12.64 -1.73 26.98
CA GLY D 96 -11.79 -2.87 27.25
C GLY D 96 -10.32 -2.55 27.30
N ALA D 97 -9.97 -1.31 26.92
CA ALA D 97 -8.63 -0.79 27.17
C ALA D 97 -8.37 -0.69 28.67
N LYS D 98 -7.12 -0.92 29.05
CA LYS D 98 -6.63 -0.45 30.33
C LYS D 98 -6.05 0.94 30.11
N ILE D 99 -5.89 1.72 31.19
CA ILE D 99 -5.43 3.10 31.09
C ILE D 99 -4.35 3.41 32.12
N GLY D 100 -3.31 4.15 31.69
CA GLY D 100 -2.29 4.59 32.59
C GLY D 100 -2.05 6.09 32.43
N ILE D 101 -1.18 6.62 33.29
CA ILE D 101 -0.86 8.06 33.31
C ILE D 101 0.62 8.26 33.59
N GLN D 102 1.24 9.24 32.89
CA GLN D 102 2.67 9.55 33.00
C GLN D 102 2.84 10.79 33.88
N LEU D 103 3.42 10.63 35.08
CA LEU D 103 3.64 11.79 35.95
C LEU D 103 4.95 12.46 35.55
N GLY D 104 4.93 13.77 35.36
CA GLY D 104 6.09 14.48 34.88
C GLY D 104 6.42 15.74 35.67
N HIS D 105 7.68 16.19 35.51
CA HIS D 105 8.12 17.53 35.93
C HIS D 105 9.18 18.00 34.95
N ALA D 106 8.99 19.20 34.39
CA ALA D 106 9.82 19.63 33.27
C ALA D 106 11.20 20.17 33.66
N GLY D 107 11.44 20.49 34.92
CA GLY D 107 12.76 20.99 35.30
C GLY D 107 13.12 22.23 34.53
N ARG D 108 14.37 22.29 34.04
CA ARG D 108 14.94 23.46 33.37
C ARG D 108 14.44 23.61 31.94
N LYS D 109 13.64 22.66 31.42
CA LYS D 109 12.98 22.81 30.12
C LYS D 109 11.56 23.39 30.25
N SER D 110 11.12 23.78 31.45
CA SER D 110 9.82 24.44 31.62
C SER D 110 9.80 25.76 30.86
N GLU D 111 8.65 26.08 30.26
CA GLU D 111 8.46 27.30 29.48
C GLU D 111 7.50 28.26 30.17
N VAL D 112 7.01 27.92 31.37
CA VAL D 112 6.06 28.78 32.09
C VAL D 112 6.78 29.98 32.71
N ASP D 113 6.04 31.08 32.89
CA ASP D 113 6.59 32.30 33.44
C ASP D 113 7.04 32.13 34.89
N GLY D 114 8.15 32.79 35.24
CA GLY D 114 8.68 32.78 36.59
C GLY D 114 9.87 31.85 36.77
N GLU D 115 10.12 31.53 38.04
CA GLU D 115 11.26 30.70 38.45
C GLU D 115 11.09 29.24 38.05
N ILE D 116 12.17 28.63 37.54
CA ILE D 116 12.20 27.20 37.22
C ILE D 116 13.38 26.55 37.95
N ILE D 117 13.31 25.23 38.19
CA ILE D 117 14.28 24.58 39.07
C ILE D 117 14.99 23.41 38.38
N ALA D 118 16.17 23.07 38.90
CA ALA D 118 17.05 22.03 38.35
C ALA D 118 18.00 21.55 39.45
N PRO D 119 18.75 20.47 39.20
CA PRO D 119 19.76 20.04 40.20
C PRO D 119 20.98 20.95 40.27
N SER D 120 21.32 21.67 39.18
CA SER D 120 22.41 22.64 39.10
C SER D 120 21.96 23.80 38.21
N SER D 121 22.56 24.99 38.41
CA SER D 121 22.13 26.22 37.71
C SER D 121 22.80 26.35 36.34
N ILE D 122 22.45 25.43 35.45
CA ILE D 122 22.96 25.38 34.08
C ILE D 122 21.77 25.33 33.13
N PRO D 123 21.65 26.25 32.18
CA PRO D 123 20.52 26.20 31.24
C PRO D 123 20.71 25.14 30.16
N GLN D 124 19.60 24.78 29.51
CA GLN D 124 19.64 23.77 28.45
C GLN D 124 20.52 24.22 27.28
N SER D 125 20.26 25.39 26.72
CA SER D 125 21.09 25.96 25.65
C SER D 125 21.33 27.43 25.96
N GLU D 126 21.95 28.13 24.99
CA GLU D 126 22.13 29.58 25.08
C GLU D 126 20.84 30.35 24.86
N LYS D 127 19.75 29.69 24.48
CA LYS D 127 18.48 30.34 24.20
C LYS D 127 17.49 30.20 25.37
N THR D 128 17.83 29.43 26.39
CA THR D 128 16.90 29.13 27.48
C THR D 128 17.34 29.80 28.78
N ARG D 129 16.43 29.81 29.75
CA ARG D 129 16.61 30.53 31.00
C ARG D 129 17.46 29.71 31.97
N THR D 130 18.08 30.38 32.94
CA THR D 130 18.92 29.69 33.91
C THR D 130 18.10 29.23 35.11
N PRO D 131 18.06 27.94 35.41
CA PRO D 131 17.27 27.46 36.56
C PRO D 131 17.92 27.77 37.90
N LYS D 132 17.06 27.78 38.93
CA LYS D 132 17.50 27.87 40.33
C LYS D 132 18.04 26.53 40.81
N GLU D 133 19.16 26.54 41.56
CA GLU D 133 19.69 25.28 42.08
C GLU D 133 18.89 24.85 43.31
N MET D 134 18.34 23.64 43.24
CA MET D 134 17.36 23.18 44.23
C MET D 134 18.03 23.00 45.60
N THR D 135 17.36 23.46 46.64
CA THR D 135 17.79 23.24 48.02
C THR D 135 17.33 21.86 48.50
N LYS D 136 17.73 21.50 49.72
CA LYS D 136 17.21 20.24 50.24
C LYS D 136 15.72 20.29 50.51
N ALA D 137 15.19 21.47 50.85
CA ALA D 137 13.75 21.63 50.98
C ALA D 137 13.04 21.38 49.64
N ASP D 138 13.54 21.99 48.55
CA ASP D 138 12.96 21.77 47.22
C ASP D 138 12.89 20.28 46.87
N ILE D 139 13.94 19.53 47.19
CA ILE D 139 13.99 18.11 46.85
C ILE D 139 12.87 17.35 47.58
N GLU D 140 12.80 17.51 48.91
CA GLU D 140 11.76 16.80 49.65
C GLU D 140 10.36 17.20 49.19
N GLU D 141 10.15 18.48 48.84
CA GLU D 141 8.82 18.90 48.39
C GLU D 141 8.47 18.24 47.05
N THR D 142 9.43 18.21 46.13
CA THR D 142 9.19 17.67 44.79
C THR D 142 8.94 16.17 44.87
N ILE D 143 9.76 15.45 45.64
CA ILE D 143 9.45 14.05 45.92
C ILE D 143 8.01 13.91 46.43
N GLN D 144 7.60 14.81 47.32
CA GLN D 144 6.27 14.74 47.90
C GLN D 144 5.17 14.97 46.85
N ALA D 145 5.38 15.93 45.95
CA ALA D 145 4.45 16.18 44.84
C ALA D 145 4.25 14.94 43.98
N PHE D 146 5.32 14.15 43.75
CA PHE D 146 5.14 12.92 42.98
C PHE D 146 4.27 11.93 43.75
N GLN D 147 4.44 11.86 45.08
CA GLN D 147 3.61 10.94 45.86
C GLN D 147 2.14 11.35 45.78
N ASN D 148 1.88 12.66 45.86
CA ASN D 148 0.50 13.16 45.80
C ASN D 148 -0.13 12.86 44.43
N GLY D 149 0.64 13.04 43.34
CA GLY D 149 0.14 12.66 42.02
C GLY D 149 -0.29 11.20 41.96
N ALA D 150 0.53 10.30 42.52
CA ALA D 150 0.21 8.88 42.46
C ALA D 150 -1.04 8.57 43.28
N ARG D 151 -1.17 9.23 44.45
CA ARG D 151 -2.36 9.05 45.28
C ARG D 151 -3.61 9.51 44.53
N ARG D 152 -3.55 10.71 43.94
CA ARG D 152 -4.66 11.22 43.13
C ARG D 152 -4.98 10.31 41.95
N ALA D 153 -3.95 9.82 41.25
CA ALA D 153 -4.20 8.90 40.14
C ALA D 153 -4.86 7.62 40.62
N LYS D 154 -4.44 7.10 41.80
CA LYS D 154 -5.13 5.92 42.31
C LYS D 154 -6.58 6.25 42.63
N GLU D 155 -6.84 7.44 43.16
CA GLU D 155 -8.20 7.85 43.50
C GLU D 155 -9.07 7.93 42.24
N ALA D 156 -8.52 8.43 41.13
CA ALA D 156 -9.24 8.56 39.87
C ALA D 156 -9.53 7.23 39.19
N GLY D 157 -8.80 6.17 39.52
CA GLY D 157 -9.08 4.84 38.98
C GLY D 157 -8.16 4.33 37.86
N PHE D 158 -7.00 4.95 37.66
CA PHE D 158 -6.03 4.45 36.68
C PHE D 158 -5.58 3.02 37.01
N ASP D 159 -5.22 2.26 35.97
CA ASP D 159 -4.68 0.90 36.12
C ASP D 159 -3.16 0.85 36.30
N ILE D 160 -2.42 1.75 35.66
CA ILE D 160 -0.95 1.73 35.59
C ILE D 160 -0.46 3.17 35.79
N ILE D 161 0.70 3.32 36.42
CA ILE D 161 1.37 4.63 36.55
C ILE D 161 2.77 4.52 35.97
N GLU D 162 3.23 5.59 35.29
CA GLU D 162 4.58 5.66 34.73
C GLU D 162 5.22 6.93 35.25
N ILE D 163 6.48 6.81 35.69
CA ILE D 163 7.30 7.97 36.07
C ILE D 163 8.15 8.39 34.86
N HIS D 164 8.20 9.70 34.58
CA HIS D 164 8.94 10.23 33.41
C HIS D 164 10.36 10.60 33.82
N ALA D 165 11.31 9.69 33.58
CA ALA D 165 12.71 9.97 33.91
C ALA D 165 13.57 10.29 32.68
N ALA D 166 12.95 10.64 31.54
CA ALA D 166 13.65 10.72 30.25
C ALA D 166 13.59 12.12 29.62
N HIS D 167 14.09 12.19 28.38
CA HIS D 167 14.01 13.36 27.45
C HIS D 167 14.44 14.68 28.08
N GLY D 168 15.40 14.63 29.00
CA GLY D 168 16.04 15.84 29.47
C GLY D 168 15.26 16.62 30.52
N TYR D 169 14.22 16.03 31.13
CA TYR D 169 13.39 16.73 32.10
C TYR D 169 13.99 16.50 33.50
N LEU D 170 13.23 16.75 34.58
CA LEU D 170 13.89 16.96 35.87
C LEU D 170 14.63 15.71 36.36
N ILE D 171 13.97 14.55 36.40
CA ILE D 171 14.66 13.35 36.90
C ILE D 171 15.86 13.01 36.03
N ASN D 172 15.71 13.17 34.69
CA ASN D 172 16.82 12.91 33.76
C ASN D 172 17.99 13.86 34.03
N GLU D 173 17.70 15.06 34.58
CA GLU D 173 18.77 16.03 34.81
C GLU D 173 19.65 15.63 36.02
N PHE D 174 19.04 15.04 37.06
CA PHE D 174 19.79 14.43 38.16
C PHE D 174 20.61 13.23 37.69
N LEU D 175 20.08 12.42 36.75
CA LEU D 175 20.77 11.21 36.34
C LEU D 175 22.03 11.52 35.53
N SER D 176 22.02 12.63 34.79
CA SER D 176 23.08 12.85 33.79
C SER D 176 24.21 13.71 34.32
N PRO D 177 25.48 13.30 34.15
CA PRO D 177 26.60 14.17 34.55
C PRO D 177 26.76 15.41 33.66
N LEU D 178 26.12 15.44 32.49
CA LEU D 178 26.16 16.65 31.66
C LEU D 178 25.39 17.80 32.30
N SER D 179 24.42 17.52 33.18
CA SER D 179 23.59 18.57 33.79
C SER D 179 23.68 18.61 35.31
N ASN D 180 24.08 17.53 35.97
CA ASN D 180 24.19 17.47 37.41
C ASN D 180 25.65 17.67 37.81
N LYS D 181 25.95 18.83 38.41
CA LYS D 181 27.30 19.16 38.89
C LYS D 181 27.37 19.18 40.42
N ARG D 182 26.44 18.50 41.10
CA ARG D 182 26.23 18.65 42.54
C ARG D 182 27.37 18.04 43.39
N GLN D 183 27.63 18.71 44.51
CA GLN D 183 28.67 18.30 45.45
C GLN D 183 28.11 17.69 46.72
N ASP D 184 26.79 17.60 46.85
CA ASP D 184 26.19 16.99 48.03
C ASP D 184 25.91 15.52 47.70
N GLU D 185 25.04 14.86 48.48
CA GLU D 185 24.89 13.41 48.30
C GLU D 185 23.93 13.07 47.16
N TYR D 186 23.60 14.06 46.33
CA TYR D 186 22.81 13.86 45.12
C TYR D 186 23.66 13.97 43.84
N GLY D 187 24.99 14.18 43.98
CA GLY D 187 25.88 14.22 42.84
C GLY D 187 27.24 13.62 43.13
N GLY D 188 27.98 13.36 42.03
CA GLY D 188 29.39 13.01 42.09
C GLY D 188 29.74 11.54 41.91
N SER D 189 28.76 10.66 41.76
CA SER D 189 29.02 9.23 41.60
C SER D 189 27.77 8.57 41.02
N PRO D 190 27.92 7.38 40.39
CA PRO D 190 26.74 6.65 39.90
C PRO D 190 25.69 6.39 40.98
N GLU D 191 26.11 6.08 42.22
CA GLU D 191 25.14 5.87 43.28
C GLU D 191 24.44 7.18 43.64
N ASN D 192 25.18 8.30 43.62
CA ASN D 192 24.58 9.58 44.03
C ASN D 192 23.62 10.13 42.97
N ARG D 193 23.98 10.09 41.68
CA ARG D 193 23.04 10.63 40.68
C ARG D 193 21.77 9.79 40.55
N TYR D 194 21.76 8.52 40.98
CA TYR D 194 20.53 7.71 41.02
C TYR D 194 19.56 8.10 42.15
N ARG D 195 20.06 8.70 43.25
CA ARG D 195 19.31 8.86 44.50
C ARG D 195 17.92 9.50 44.34
N PHE D 196 17.84 10.63 43.62
CA PHE D 196 16.54 11.30 43.42
C PHE D 196 15.49 10.35 42.84
N LEU D 197 15.82 9.64 41.75
CA LEU D 197 14.87 8.65 41.20
C LEU D 197 14.57 7.54 42.20
N GLY D 198 15.61 7.06 42.90
CA GLY D 198 15.39 6.00 43.89
C GLY D 198 14.40 6.42 44.96
N GLU D 199 14.46 7.69 45.37
CA GLU D 199 13.55 8.21 46.39
C GLU D 199 12.15 8.43 45.80
N VAL D 200 12.08 8.93 44.57
CA VAL D 200 10.77 9.10 43.94
C VAL D 200 10.06 7.75 43.85
N ILE D 201 10.80 6.70 43.48
CA ILE D 201 10.18 5.37 43.35
C ILE D 201 9.64 4.89 44.71
N ASP D 202 10.44 5.04 45.77
CA ASP D 202 10.01 4.60 47.09
C ASP D 202 8.76 5.35 47.57
N ALA D 203 8.77 6.69 47.43
CA ALA D 203 7.60 7.48 47.82
C ALA D 203 6.35 7.06 47.07
N VAL D 204 6.46 6.76 45.77
CA VAL D 204 5.30 6.30 44.99
C VAL D 204 4.85 4.91 45.50
N LYS D 205 5.81 4.06 45.86
CA LYS D 205 5.38 2.72 46.26
C LYS D 205 4.68 2.75 47.63
N GLU D 206 4.78 3.89 48.36
CA GLU D 206 4.08 4.07 49.63
C GLU D 206 2.57 4.08 49.44
N VAL D 207 2.09 4.59 48.30
CA VAL D 207 0.65 4.81 48.09
C VAL D 207 0.09 4.00 46.94
N TRP D 208 0.94 3.37 46.12
CA TRP D 208 0.50 2.70 44.89
C TRP D 208 1.04 1.27 44.88
N ASP D 209 0.14 0.29 44.73
CA ASP D 209 0.47 -1.12 44.67
C ASP D 209 0.27 -1.75 43.29
N GLY D 210 -0.15 -0.99 42.28
CA GLY D 210 -0.37 -1.56 40.98
C GLY D 210 0.86 -1.52 40.09
N PRO D 211 0.72 -1.92 38.82
CA PRO D 211 1.86 -1.88 37.89
C PRO D 211 2.49 -0.50 37.82
N LEU D 212 3.81 -0.47 37.92
CA LEU D 212 4.61 0.76 37.85
C LEU D 212 5.60 0.63 36.70
N PHE D 213 5.56 1.57 35.73
CA PHE D 213 6.53 1.71 34.65
C PHE D 213 7.48 2.88 34.96
N VAL D 214 8.73 2.87 34.41
CA VAL D 214 9.59 4.07 34.34
C VAL D 214 10.14 4.24 32.91
N ARG D 215 10.11 5.47 32.36
CA ARG D 215 10.66 5.76 31.02
C ARG D 215 12.04 6.41 31.18
N ILE D 216 13.06 5.88 30.45
CA ILE D 216 14.44 6.39 30.49
C ILE D 216 14.87 6.86 29.10
N SER D 217 15.84 7.80 29.06
CA SER D 217 16.69 8.07 27.89
C SER D 217 18.01 7.28 27.96
N ALA D 218 18.10 6.17 27.21
CA ALA D 218 19.17 5.17 27.39
C ALA D 218 20.54 5.64 26.94
N SER D 219 20.61 6.72 26.18
CA SER D 219 21.88 7.31 25.82
C SER D 219 21.70 8.82 25.74
N ASP D 220 22.76 9.55 26.11
CA ASP D 220 22.85 11.00 25.96
C ASP D 220 23.37 11.42 24.60
N TYR D 221 23.95 10.50 23.81
CA TYR D 221 24.59 10.83 22.52
C TYR D 221 25.62 11.96 22.70
N HIS D 222 26.58 11.71 23.60
CA HIS D 222 27.60 12.73 23.90
C HIS D 222 28.82 12.06 24.51
N PRO D 223 30.04 12.43 24.12
CA PRO D 223 31.22 11.66 24.58
C PRO D 223 31.35 11.59 26.08
N GLU D 224 30.91 12.63 26.79
CA GLU D 224 31.00 12.68 28.25
C GLU D 224 29.71 12.31 28.97
N GLY D 225 28.72 11.74 28.27
CA GLY D 225 27.43 11.47 28.83
C GLY D 225 27.20 9.99 29.12
N LEU D 226 25.94 9.70 29.46
CA LEU D 226 25.55 8.33 29.76
C LEU D 226 25.40 7.51 28.45
N THR D 227 25.51 6.18 28.58
CA THR D 227 25.25 5.25 27.49
C THR D 227 24.50 4.06 28.08
N VAL D 228 24.07 3.14 27.23
CA VAL D 228 23.23 2.06 27.78
C VAL D 228 23.97 1.27 28.88
N LYS D 229 25.32 1.22 28.85
CA LYS D 229 26.05 0.46 29.88
C LYS D 229 25.80 1.01 31.29
N ASP D 230 25.63 2.32 31.44
CA ASP D 230 25.29 2.94 32.72
C ASP D 230 23.89 2.55 33.23
N TYR D 231 22.95 2.24 32.33
CA TYR D 231 21.60 1.97 32.76
C TYR D 231 21.37 0.51 33.11
N VAL D 232 22.31 -0.38 32.82
CA VAL D 232 22.09 -1.78 33.20
C VAL D 232 22.08 -1.92 34.73
N PRO D 233 23.05 -1.41 35.49
CA PRO D 233 22.90 -1.51 36.96
C PRO D 233 21.72 -0.70 37.52
N TYR D 234 21.39 0.46 36.93
CA TYR D 234 20.18 1.18 37.36
C TYR D 234 18.91 0.36 37.18
N ALA D 235 18.75 -0.32 36.03
CA ALA D 235 17.55 -1.15 35.88
C ALA D 235 17.49 -2.28 36.90
N LYS D 236 18.64 -2.84 37.30
CA LYS D 236 18.61 -3.87 38.33
C LYS D 236 18.16 -3.31 39.69
N ARG D 237 18.58 -2.08 40.02
CA ARG D 237 18.08 -1.42 41.23
C ARG D 237 16.57 -1.26 41.15
N MET D 238 16.07 -0.70 40.03
CA MET D 238 14.64 -0.41 39.91
C MET D 238 13.83 -1.70 40.07
N LYS D 239 14.36 -2.81 39.54
CA LYS D 239 13.66 -4.09 39.64
C LYS D 239 13.50 -4.51 41.11
N LYS D 240 14.56 -4.30 41.91
CA LYS D 240 14.56 -4.65 43.31
C LYS D 240 13.62 -3.76 44.11
N GLN D 241 13.43 -2.51 43.67
CA GLN D 241 12.48 -1.58 44.30
C GLN D 241 11.03 -1.84 43.90
N GLY D 242 10.76 -2.74 42.96
CA GLY D 242 9.39 -3.07 42.60
C GLY D 242 8.85 -2.40 41.34
N VAL D 243 9.71 -1.83 40.50
CA VAL D 243 9.33 -1.42 39.14
C VAL D 243 9.11 -2.65 38.27
N ASP D 244 8.05 -2.63 37.44
CA ASP D 244 7.64 -3.82 36.69
C ASP D 244 8.12 -3.85 35.24
N LEU D 245 8.42 -2.71 34.66
CA LEU D 245 8.70 -2.62 33.23
C LEU D 245 9.44 -1.31 33.00
N ILE D 246 10.48 -1.33 32.17
CA ILE D 246 11.21 -0.14 31.73
C ILE D 246 10.80 0.19 30.29
N ASP D 247 10.37 1.44 30.07
CA ASP D 247 9.95 2.00 28.77
C ASP D 247 11.15 2.73 28.16
N VAL D 248 11.78 2.16 27.13
CA VAL D 248 13.13 2.57 26.72
C VAL D 248 13.13 3.56 25.55
N SER D 249 13.49 4.83 25.84
CA SER D 249 13.69 5.90 24.86
C SER D 249 15.17 6.30 24.83
N SER D 250 15.48 7.47 24.24
CA SER D 250 16.87 7.91 24.21
C SER D 250 16.88 9.41 23.88
N GLY D 251 18.01 10.06 24.19
CA GLY D 251 18.22 11.41 23.65
C GLY D 251 17.40 12.52 24.32
N GLN D 252 17.47 13.69 23.66
CA GLN D 252 16.87 14.98 24.10
C GLN D 252 17.46 15.47 25.41
N VAL D 253 18.69 15.06 25.72
CA VAL D 253 19.39 15.58 26.88
C VAL D 253 20.26 16.77 26.50
N PHE D 254 20.86 16.70 25.32
CA PHE D 254 21.87 17.61 24.82
C PHE D 254 21.41 18.17 23.49
N PRO D 255 21.34 19.51 23.33
CA PRO D 255 21.01 20.08 22.02
C PRO D 255 21.96 19.56 20.94
N ALA D 256 21.46 18.73 20.04
CA ALA D 256 22.33 18.02 19.10
C ALA D 256 21.53 17.61 17.88
N ASN D 257 22.19 16.89 16.98
CA ASN D 257 21.59 16.31 15.79
C ASN D 257 21.97 14.84 15.72
N ILE D 258 20.99 13.98 15.43
CA ILE D 258 21.22 12.55 15.31
C ILE D 258 20.34 12.00 14.18
N SER D 259 20.82 10.98 13.50
CA SER D 259 20.09 10.35 12.41
C SER D 259 19.16 9.27 12.97
N VAL D 260 17.88 9.37 12.66
CA VAL D 260 16.92 8.37 13.11
C VAL D 260 16.53 7.52 11.90
N TYR D 261 15.98 6.32 12.17
CA TYR D 261 15.68 5.32 11.16
C TYR D 261 14.77 4.29 11.82
N PRO D 262 14.09 3.40 11.03
CA PRO D 262 13.20 2.41 11.64
C PRO D 262 13.83 1.60 12.78
N GLY D 263 13.19 1.62 13.95
CA GLY D 263 13.64 0.77 15.04
C GLY D 263 14.95 1.17 15.68
N TYR D 264 15.35 2.44 15.56
CA TYR D 264 16.66 2.89 16.05
C TYR D 264 16.87 2.78 17.56
N GLN D 265 15.81 2.67 18.40
CA GLN D 265 15.97 2.47 19.85
C GLN D 265 15.71 1.03 20.33
N VAL D 266 15.36 0.10 19.43
CA VAL D 266 15.16 -1.30 19.83
C VAL D 266 16.41 -1.95 20.42
N PRO D 267 17.63 -1.71 19.93
CA PRO D 267 18.80 -2.31 20.61
C PRO D 267 18.97 -1.90 22.07
N PHE D 268 18.59 -0.68 22.46
CA PHE D 268 18.61 -0.34 23.90
C PHE D 268 17.62 -1.18 24.71
N ALA D 269 16.41 -1.39 24.20
CA ALA D 269 15.40 -2.15 24.93
C ALA D 269 15.81 -3.62 25.12
N GLU D 270 16.47 -4.21 24.12
CA GLU D 270 16.86 -5.63 24.24
C GLU D 270 18.03 -5.80 25.22
N THR D 271 18.97 -4.85 25.23
CA THR D 271 20.09 -4.91 26.19
C THR D 271 19.59 -4.82 27.63
N ILE D 272 18.62 -3.92 27.90
CA ILE D 272 18.08 -3.83 29.26
C ILE D 272 17.33 -5.12 29.62
N ARG D 273 16.48 -5.59 28.70
CA ARG D 273 15.70 -6.80 28.98
C ARG D 273 16.62 -8.00 29.26
N ARG D 274 17.69 -8.18 28.45
CA ARG D 274 18.51 -9.37 28.55
C ARG D 274 19.46 -9.34 29.75
N GLU D 275 20.13 -8.20 29.98
CA GLU D 275 21.17 -8.09 31.00
C GLU D 275 20.62 -7.78 32.40
N ALA D 276 19.50 -7.06 32.53
CA ALA D 276 18.88 -6.84 33.84
C ALA D 276 17.67 -7.72 34.12
N GLU D 277 17.23 -8.56 33.18
CA GLU D 277 16.20 -9.56 33.43
C GLU D 277 14.89 -8.91 33.89
N ILE D 278 14.43 -7.91 33.14
CA ILE D 278 13.22 -7.14 33.46
C ILE D 278 12.43 -6.92 32.17
N ALA D 279 11.09 -6.87 32.27
CA ALA D 279 10.30 -6.61 31.06
C ALA D 279 10.59 -5.21 30.52
N THR D 280 10.56 -5.08 29.17
CA THR D 280 10.78 -3.77 28.55
C THR D 280 9.72 -3.46 27.47
N GLY D 281 9.59 -2.18 27.18
CA GLY D 281 8.82 -1.70 26.02
C GLY D 281 9.68 -0.90 25.05
N ALA D 282 9.43 -1.11 23.75
CA ALA D 282 10.17 -0.49 22.64
C ALA D 282 9.36 0.61 21.99
N VAL D 283 10.04 1.70 21.59
CA VAL D 283 9.42 2.86 20.94
C VAL D 283 10.42 3.46 19.94
N GLY D 284 9.88 4.03 18.85
CA GLY D 284 10.62 4.87 17.92
C GLY D 284 10.53 4.41 16.47
N LEU D 285 9.71 5.11 15.67
CA LEU D 285 9.48 4.77 14.27
C LEU D 285 9.06 3.31 14.10
N ILE D 286 8.15 2.82 14.96
CA ILE D 286 7.46 1.54 14.76
C ILE D 286 6.11 1.84 14.07
N THR D 287 5.92 1.36 12.82
CA THR D 287 4.70 1.66 12.08
C THR D 287 3.99 0.47 11.43
N SER D 288 4.55 -0.74 11.39
CA SER D 288 3.83 -1.81 10.72
C SER D 288 3.69 -3.05 11.58
N GLY D 289 2.64 -3.83 11.29
CA GLY D 289 2.43 -5.07 12.00
C GLY D 289 3.55 -6.09 11.74
N TRP D 290 4.09 -6.10 10.52
CA TRP D 290 5.25 -6.94 10.16
C TRP D 290 6.44 -6.62 11.08
N GLN D 291 6.76 -5.33 11.22
CA GLN D 291 7.86 -4.87 12.08
C GLN D 291 7.64 -5.22 13.54
N ALA D 292 6.43 -4.99 14.06
CA ALA D 292 6.13 -5.23 15.47
C ALA D 292 6.21 -6.72 15.83
N GLU D 293 5.84 -7.62 14.91
CA GLU D 293 5.91 -9.05 15.25
C GLU D 293 7.38 -9.51 15.31
N GLU D 294 8.25 -8.93 14.49
CA GLU D 294 9.68 -9.26 14.57
C GLU D 294 10.26 -8.90 15.94
N ILE D 295 9.95 -7.67 16.43
CA ILE D 295 10.47 -7.22 17.73
C ILE D 295 10.09 -8.21 18.84
N LEU D 296 8.83 -8.62 18.85
CA LEU D 296 8.34 -9.52 19.90
C LEU D 296 8.87 -10.95 19.76
N ARG D 297 8.87 -11.51 18.52
CA ARG D 297 9.21 -12.92 18.40
C ARG D 297 10.72 -13.18 18.56
N ASN D 298 11.58 -12.25 18.14
CA ASN D 298 13.03 -12.37 18.42
C ASN D 298 13.39 -11.94 19.83
N GLY D 299 12.39 -11.72 20.69
CA GLY D 299 12.65 -11.39 22.08
C GLY D 299 13.30 -10.05 22.36
N ARG D 300 13.09 -9.04 21.52
CA ARG D 300 13.74 -7.75 21.75
C ARG D 300 12.99 -6.87 22.76
N ALA D 301 11.72 -7.17 23.06
CA ALA D 301 10.92 -6.41 24.03
C ALA D 301 9.63 -7.19 24.31
N ASP D 302 8.85 -6.70 25.28
CA ASP D 302 7.57 -7.36 25.65
C ASP D 302 6.30 -6.63 25.21
N LEU D 303 6.37 -5.30 25.04
CA LEU D 303 5.28 -4.45 24.57
C LEU D 303 5.83 -3.49 23.52
N VAL D 304 5.02 -3.13 22.50
CA VAL D 304 5.42 -2.14 21.50
C VAL D 304 4.57 -0.88 21.66
N PHE D 305 5.28 0.26 21.77
CA PHE D 305 4.71 1.62 21.96
C PHE D 305 4.67 2.36 20.63
N LEU D 306 3.51 2.95 20.28
CA LEU D 306 3.35 3.75 19.06
C LEU D 306 2.92 5.17 19.44
N ALA D 307 3.54 6.20 18.84
CA ALA D 307 3.02 7.58 18.94
C ALA D 307 2.49 8.14 17.61
N ARG D 308 3.36 8.60 16.69
CA ARG D 308 2.85 9.32 15.51
C ARG D 308 1.92 8.47 14.63
N GLU D 309 2.15 7.14 14.55
CA GLU D 309 1.26 6.32 13.70
C GLU D 309 -0.18 6.32 14.21
N LEU D 310 -0.39 6.43 15.53
CA LEU D 310 -1.76 6.52 16.09
C LEU D 310 -2.39 7.93 15.98
N LEU D 311 -1.61 8.97 15.58
CA LEU D 311 -2.21 10.25 15.21
C LEU D 311 -2.73 10.21 13.76
N ARG D 312 -2.05 9.45 12.88
CA ARG D 312 -2.47 9.27 11.48
C ARG D 312 -3.60 8.26 11.32
N ASN D 313 -3.58 7.15 12.07
CA ASN D 313 -4.63 6.13 12.03
C ASN D 313 -4.91 5.54 13.40
N PRO D 314 -5.96 6.02 14.08
CA PRO D 314 -6.24 5.54 15.43
C PRO D 314 -6.77 4.11 15.52
N TYR D 315 -7.21 3.49 14.41
CA TYR D 315 -7.60 2.09 14.39
C TYR D 315 -6.49 1.21 13.78
N TRP D 316 -5.24 1.61 13.96
CA TRP D 316 -4.12 0.80 13.47
C TRP D 316 -4.18 -0.70 13.83
N PRO D 317 -4.66 -1.12 15.01
CA PRO D 317 -4.72 -2.57 15.26
C PRO D 317 -5.47 -3.39 14.21
N TYR D 318 -6.55 -2.87 13.57
CA TYR D 318 -7.22 -3.62 12.50
C TYR D 318 -6.30 -3.79 11.29
N ALA D 319 -5.62 -2.72 10.91
CA ALA D 319 -4.73 -2.77 9.77
C ALA D 319 -3.53 -3.69 10.04
N ALA D 320 -3.04 -3.72 11.30
CA ALA D 320 -1.93 -4.62 11.63
C ALA D 320 -2.36 -6.09 11.59
N ALA D 321 -3.56 -6.39 12.12
CA ALA D 321 -4.11 -7.75 12.01
C ALA D 321 -4.22 -8.19 10.55
N LYS D 322 -4.67 -7.31 9.67
CA LYS D 322 -4.82 -7.66 8.26
C LYS D 322 -3.47 -7.91 7.60
N GLU D 323 -2.47 -7.09 7.91
CA GLU D 323 -1.12 -7.30 7.38
C GLU D 323 -0.52 -8.64 7.81
N LEU D 324 -0.77 -9.07 9.05
CA LEU D 324 -0.25 -10.33 9.56
C LEU D 324 -1.09 -11.54 9.18
N GLY D 325 -2.16 -11.37 8.42
CA GLY D 325 -3.08 -12.46 8.10
C GLY D 325 -3.72 -13.18 9.27
N THR D 326 -4.14 -12.45 10.30
CA THR D 326 -4.85 -12.99 11.48
C THR D 326 -6.21 -12.28 11.60
N THR D 327 -6.98 -12.60 12.66
CA THR D 327 -8.23 -11.88 12.93
C THR D 327 -8.25 -11.48 14.40
N ILE D 328 -8.95 -10.39 14.72
CA ILE D 328 -9.13 -9.94 16.10
C ILE D 328 -10.60 -9.56 16.29
N PRO D 329 -11.07 -9.52 17.54
CA PRO D 329 -12.45 -9.07 17.79
C PRO D 329 -12.61 -7.61 17.40
N ALA D 330 -13.76 -7.29 16.79
CA ALA D 330 -14.14 -5.93 16.43
C ALA D 330 -15.26 -5.40 17.31
N PRO D 331 -15.39 -4.07 17.48
CA PRO D 331 -16.61 -3.54 18.13
C PRO D 331 -17.85 -3.99 17.36
N VAL D 332 -18.87 -4.43 18.11
CA VAL D 332 -20.01 -5.09 17.49
C VAL D 332 -20.72 -4.19 16.45
N GLN D 333 -20.74 -2.87 16.69
CA GLN D 333 -21.29 -1.92 15.72
C GLN D 333 -20.54 -1.87 14.39
N TYR D 334 -19.26 -2.29 14.36
CA TYR D 334 -18.39 -2.13 13.20
C TYR D 334 -18.14 -3.45 12.43
N GLU D 335 -18.84 -4.53 12.77
CA GLU D 335 -18.54 -5.85 12.23
C GLU D 335 -18.76 -5.92 10.72
N ARG D 336 -19.67 -5.10 10.15
CA ARG D 336 -19.87 -5.10 8.72
C ARG D 336 -18.72 -4.43 7.98
N GLY D 337 -17.96 -3.57 8.67
CA GLY D 337 -16.78 -2.96 8.05
C GLY D 337 -15.46 -3.69 8.33
N TRP D 338 -15.31 -4.29 9.50
CA TRP D 338 -14.03 -4.95 9.88
C TRP D 338 -14.06 -6.39 9.38
N ARG D 339 -13.81 -6.57 8.10
CA ARG D 339 -13.77 -7.89 7.47
C ARG D 339 -12.32 -8.36 7.30
N PHE D 340 -12.00 -9.51 7.86
CA PHE D 340 -10.60 -9.90 7.81
C PHE D 340 -10.29 -10.82 6.63
#